data_2HMF
#
_entry.id   2HMF
#
_cell.length_a   101.741
_cell.length_b   104.508
_cell.length_c   192.920
_cell.angle_alpha   90.000
_cell.angle_beta   90.000
_cell.angle_gamma   90.000
#
_symmetry.space_group_name_H-M   'P 21 21 21'
#
loop_
_entity.id
_entity.type
_entity.pdbx_description
1 polymer 'Probable aspartokinase'
2 non-polymer 'MAGNESIUM ION'
3 non-polymer "ADENOSINE-5'-DIPHOSPHATE"
4 non-polymer 'ASPARTIC ACID'
5 water water
#
_entity_poly.entity_id   1
_entity_poly.type   'polypeptide(L)'
_entity_poly.pdbx_seq_one_letter_code
;TTVMKFGGTSVGSGERIRHVAKIVTKRKKEDDDVVVVVSAMSEVTNALVEISQQALDVRDIAKVGDFIKFIREKHYKAIE
EAIKSEEIKEEVKKIIDSRIEELEKVLIGVAYLGELTPKSRDYILSFGERLSSPILSGAIRDLGEKSIALEGGEAGIITD
NNFGSARVKRLEVKERLLPLLKEGIIPVVTGFIGTTEEGYITTLGRGGSDYSAALIGYGLDADIIEIWTDVSGVYTTDPR
LVPTARRIPKLSYIEAMELAYFGAKVLHPRTIEPAMEKGIPILVKNTFEPESEGTLITNDMEMSDSIVKAISTIKNVALI
NIFGAGMVGVSGTAARIFKALGEEEVNVILISQGSSETNISLVVSEEDVDKALKALKREFGDFGKKSFLNNNLIRDVSVD
KDVCVISVVGAGMRGAKGIAGKIFTAVSESGANIKMIAQGSSEVNISFVIDEKDLLNCVRKLHEKFIEK
;
_entity_poly.pdbx_strand_id   A,B,C,D
#
# COMPACT_ATOMS: atom_id res chain seq x y z
N THR A 1 36.42 21.57 -21.29
CA THR A 1 36.36 20.20 -20.73
C THR A 1 35.69 19.24 -21.72
N THR A 2 36.40 18.18 -22.09
CA THR A 2 35.92 17.23 -23.07
C THR A 2 35.97 15.83 -22.48
N VAL A 3 34.83 15.17 -22.47
CA VAL A 3 34.80 13.75 -22.14
C VAL A 3 34.60 12.95 -23.41
N MET A 4 35.47 11.96 -23.60
CA MET A 4 35.49 11.13 -24.79
C MET A 4 35.28 9.68 -24.40
N LYS A 5 34.26 9.07 -24.97
CA LYS A 5 33.92 7.68 -24.68
C LYS A 5 34.20 6.79 -25.89
N PHE A 6 34.86 5.65 -25.65
CA PHE A 6 35.18 4.71 -26.71
C PHE A 6 34.55 3.32 -26.48
N GLY A 7 33.84 2.83 -27.49
CA GLY A 7 33.09 1.60 -27.39
C GLY A 7 33.92 0.33 -27.52
N GLY A 8 33.23 -0.81 -27.45
CA GLY A 8 33.86 -2.12 -27.54
C GLY A 8 34.73 -2.34 -28.76
N THR A 9 34.15 -2.19 -29.95
CA THR A 9 34.89 -2.41 -31.19
C THR A 9 36.01 -1.38 -31.34
N SER A 10 35.77 -0.15 -30.89
CA SER A 10 36.76 0.91 -30.94
C SER A 10 38.08 0.53 -30.25
N VAL A 11 38.00 -0.36 -29.26
CA VAL A 11 39.19 -0.86 -28.57
C VAL A 11 39.29 -2.39 -28.68
N GLY A 12 38.84 -2.92 -29.82
CA GLY A 12 38.73 -4.36 -30.05
C GLY A 12 40.05 -5.09 -30.24
N SER A 13 41.14 -4.34 -30.30
CA SER A 13 42.50 -4.91 -30.37
C SER A 13 43.52 -3.88 -29.89
N GLY A 14 44.75 -4.33 -29.65
CA GLY A 14 45.83 -3.44 -29.25
C GLY A 14 46.06 -2.32 -30.25
N GLU A 15 46.07 -2.66 -31.53
CA GLU A 15 46.24 -1.70 -32.61
C GLU A 15 45.18 -0.59 -32.51
N ARG A 16 43.92 -1.00 -32.33
CA ARG A 16 42.81 -0.07 -32.18
C ARG A 16 42.94 0.82 -30.93
N ILE A 17 43.38 0.22 -29.81
CA ILE A 17 43.64 0.94 -28.57
C ILE A 17 44.69 2.03 -28.74
N ARG A 18 45.79 1.70 -29.42
CA ARG A 18 46.80 2.70 -29.76
C ARG A 18 46.21 3.82 -30.64
N HIS A 19 45.40 3.44 -31.63
CA HIS A 19 44.73 4.40 -32.51
C HIS A 19 43.82 5.34 -31.70
N VAL A 20 43.06 4.76 -30.76
CA VAL A 20 42.22 5.53 -29.85
C VAL A 20 43.07 6.49 -28.98
N ALA A 21 44.20 5.99 -28.47
CA ALA A 21 45.09 6.78 -27.64
C ALA A 21 45.60 8.00 -28.41
N LYS A 22 45.90 7.80 -29.69
CA LYS A 22 46.27 8.91 -30.57
C LYS A 22 45.15 9.94 -30.72
N ILE A 23 43.92 9.47 -30.91
CA ILE A 23 42.76 10.36 -31.01
C ILE A 23 42.68 11.24 -29.76
N VAL A 24 42.77 10.60 -28.59
CA VAL A 24 42.70 11.29 -27.31
C VAL A 24 43.83 12.30 -27.16
N THR A 25 45.03 11.88 -27.56
CA THR A 25 46.23 12.67 -27.41
C THR A 25 46.21 13.91 -28.31
N LYS A 26 45.49 13.81 -29.43
CA LYS A 26 45.29 14.93 -30.33
C LYS A 26 44.29 15.94 -29.75
N ARG A 27 43.25 15.46 -29.07
CA ARG A 27 42.29 16.31 -28.36
C ARG A 27 42.96 17.08 -27.24
N LYS A 28 43.89 16.43 -26.55
CA LYS A 28 44.63 17.02 -25.45
C LYS A 28 45.31 18.33 -25.84
N LYS A 29 45.64 18.48 -27.12
CA LYS A 29 46.24 19.69 -27.66
C LYS A 29 45.23 20.81 -27.97
N GLU A 30 43.97 20.44 -28.20
CA GLU A 30 42.90 21.40 -28.45
C GLU A 30 42.24 21.84 -27.13
N ASP A 31 42.02 20.89 -26.23
CA ASP A 31 41.47 21.15 -24.91
C ASP A 31 42.32 20.37 -23.91
N ASP A 32 42.83 21.07 -22.91
CA ASP A 32 43.72 20.45 -21.95
C ASP A 32 42.99 19.60 -20.91
N ASP A 33 41.69 19.83 -20.75
CA ASP A 33 40.89 19.03 -19.82
C ASP A 33 40.13 17.90 -20.53
N VAL A 34 40.77 16.74 -20.59
CA VAL A 34 40.19 15.58 -21.27
C VAL A 34 39.99 14.40 -20.30
N VAL A 35 38.78 13.88 -20.25
CA VAL A 35 38.48 12.65 -19.50
C VAL A 35 38.02 11.56 -20.46
N VAL A 36 38.60 10.37 -20.34
CA VAL A 36 38.22 9.25 -21.19
C VAL A 36 37.30 8.29 -20.46
N VAL A 37 36.30 7.79 -21.18
CA VAL A 37 35.46 6.69 -20.72
C VAL A 37 35.64 5.53 -21.70
N VAL A 38 35.91 4.33 -21.20
CA VAL A 38 36.19 3.23 -22.07
C VAL A 38 35.39 1.99 -21.73
N SER A 39 34.83 1.35 -22.76
CA SER A 39 34.12 0.09 -22.59
C SER A 39 35.13 -1.04 -22.53
N ALA A 40 34.63 -2.22 -22.18
CA ALA A 40 35.38 -3.46 -22.29
C ALA A 40 35.70 -3.72 -23.76
N MET A 41 36.82 -4.40 -24.00
CA MET A 41 37.17 -4.82 -25.35
C MET A 41 36.03 -5.57 -25.98
N SER A 42 35.88 -5.34 -27.28
CA SER A 42 34.98 -6.08 -28.12
C SER A 42 34.74 -7.51 -27.62
N GLU A 43 33.48 -7.85 -27.41
CA GLU A 43 33.06 -9.24 -27.23
C GLU A 43 33.36 -9.83 -25.84
N VAL A 44 34.08 -9.13 -24.97
CA VAL A 44 34.42 -9.73 -23.67
C VAL A 44 33.29 -9.68 -22.64
N THR A 45 32.48 -8.62 -22.65
CA THR A 45 31.35 -8.54 -21.74
C THR A 45 30.41 -9.73 -21.97
N ASN A 46 30.12 -10.03 -23.24
CA ASN A 46 29.33 -11.21 -23.61
C ASN A 46 29.94 -12.53 -23.11
N ALA A 47 31.27 -12.63 -23.19
CA ALA A 47 31.99 -13.81 -22.74
C ALA A 47 31.90 -13.94 -21.23
N LEU A 48 31.91 -12.80 -20.54
CA LEU A 48 31.77 -12.79 -19.09
C LEU A 48 30.36 -13.16 -18.65
N VAL A 49 29.36 -12.67 -19.39
CA VAL A 49 27.97 -13.08 -19.17
C VAL A 49 27.88 -14.61 -19.22
N GLU A 50 28.34 -15.18 -20.32
CA GLU A 50 28.15 -16.61 -20.56
C GLU A 50 29.00 -17.53 -19.67
N ILE A 51 30.18 -17.10 -19.26
CA ILE A 51 30.95 -17.87 -18.30
C ILE A 51 30.31 -17.82 -16.90
N SER A 52 29.64 -16.73 -16.58
CA SER A 52 28.89 -16.59 -15.33
C SER A 52 27.83 -17.66 -15.23
N GLN A 53 27.12 -17.88 -16.32
CA GLN A 53 26.02 -18.83 -16.34
C GLN A 53 26.54 -20.27 -16.33
N GLN A 54 27.67 -20.50 -17.00
CA GLN A 54 28.30 -21.81 -17.05
C GLN A 54 28.88 -22.22 -15.70
N ALA A 55 29.57 -21.29 -15.04
CA ALA A 55 30.12 -21.53 -13.71
C ALA A 55 29.02 -21.88 -12.72
N LEU A 56 27.86 -21.23 -12.88
CA LEU A 56 26.71 -21.50 -12.01
C LEU A 56 26.12 -22.86 -12.31
N ASP A 57 25.72 -23.07 -13.58
CA ASP A 57 24.95 -24.23 -13.97
C ASP A 57 25.76 -25.54 -14.03
N VAL A 58 26.67 -25.65 -14.99
CA VAL A 58 27.43 -26.90 -15.17
C VAL A 58 28.53 -27.07 -14.11
N ARG A 59 29.10 -25.96 -13.64
CA ARG A 59 30.07 -25.93 -12.54
C ARG A 59 31.43 -26.57 -12.86
N ASP A 60 31.81 -26.54 -14.14
CA ASP A 60 33.08 -27.12 -14.61
C ASP A 60 34.31 -26.20 -14.39
N ILE A 61 35.22 -26.65 -13.52
CA ILE A 61 36.39 -25.86 -13.11
C ILE A 61 37.39 -25.62 -14.24
N ALA A 62 37.47 -26.55 -15.18
CA ALA A 62 38.44 -26.48 -16.29
C ALA A 62 37.91 -25.63 -17.44
N LYS A 63 36.59 -25.51 -17.52
CA LYS A 63 35.92 -24.63 -18.47
C LYS A 63 36.12 -23.16 -18.06
N VAL A 64 36.22 -22.92 -16.75
CA VAL A 64 36.59 -21.62 -16.17
C VAL A 64 38.04 -21.29 -16.53
N GLY A 65 38.91 -22.29 -16.40
CA GLY A 65 40.33 -22.16 -16.73
C GLY A 65 40.56 -21.90 -18.22
N ASP A 66 39.70 -22.48 -19.07
CA ASP A 66 39.75 -22.22 -20.50
C ASP A 66 39.44 -20.75 -20.74
N PHE A 67 38.41 -20.26 -20.05
CA PHE A 67 37.98 -18.87 -20.15
C PHE A 67 39.07 -17.90 -19.72
N ILE A 68 39.67 -18.15 -18.56
CA ILE A 68 40.72 -17.30 -18.03
C ILE A 68 41.84 -17.11 -19.07
N LYS A 69 42.18 -18.20 -19.75
CA LYS A 69 43.27 -18.18 -20.73
C LYS A 69 42.90 -17.42 -22.00
N PHE A 70 41.64 -17.56 -22.44
CA PHE A 70 41.11 -16.74 -23.51
C PHE A 70 41.22 -15.25 -23.18
N ILE A 71 40.85 -14.88 -21.94
CA ILE A 71 40.93 -13.50 -21.45
C ILE A 71 42.38 -13.04 -21.34
N ARG A 72 43.23 -13.90 -20.80
CA ARG A 72 44.64 -13.59 -20.61
C ARG A 72 45.32 -13.30 -21.95
N GLU A 73 45.10 -14.18 -22.93
CA GLU A 73 45.73 -14.05 -24.23
C GLU A 73 45.18 -12.90 -25.06
N LYS A 74 43.92 -12.53 -24.85
CA LYS A 74 43.33 -11.40 -25.58
C LYS A 74 43.93 -10.07 -25.10
N HIS A 75 44.13 -9.97 -23.79
CA HIS A 75 44.62 -8.75 -23.18
C HIS A 75 46.13 -8.63 -23.21
N TYR A 76 46.83 -9.76 -23.14
CA TYR A 76 48.28 -9.78 -23.32
C TYR A 76 48.65 -9.32 -24.72
N LYS A 77 47.98 -9.89 -25.73
CA LYS A 77 48.20 -9.52 -27.11
C LYS A 77 47.88 -8.05 -27.33
N ALA A 78 46.86 -7.56 -26.61
CA ALA A 78 46.48 -6.15 -26.67
C ALA A 78 47.55 -5.23 -26.10
N ILE A 79 48.06 -5.55 -24.91
CA ILE A 79 49.19 -4.81 -24.31
C ILE A 79 50.39 -4.74 -25.27
N GLU A 80 50.75 -5.89 -25.84
CA GLU A 80 51.86 -6.01 -26.77
C GLU A 80 51.71 -5.16 -28.04
N GLU A 81 50.50 -5.05 -28.54
CA GLU A 81 50.25 -4.36 -29.80
C GLU A 81 49.86 -2.89 -29.65
N ALA A 82 49.66 -2.43 -28.41
CA ALA A 82 49.22 -1.05 -28.16
C ALA A 82 50.29 -0.17 -27.55
N ILE A 83 51.22 -0.78 -26.84
CA ILE A 83 52.25 -0.06 -26.10
C ILE A 83 53.64 -0.43 -26.59
N LYS A 84 54.48 0.57 -26.83
CA LYS A 84 55.88 0.33 -27.22
C LYS A 84 56.84 0.14 -26.04
N SER A 85 56.81 1.06 -25.08
CA SER A 85 57.69 1.01 -23.91
C SER A 85 57.58 -0.29 -23.14
N GLU A 86 58.72 -0.95 -22.93
CA GLU A 86 58.77 -2.21 -22.18
C GLU A 86 58.38 -2.00 -20.72
N GLU A 87 58.84 -0.88 -20.16
CA GLU A 87 58.58 -0.55 -18.77
C GLU A 87 57.08 -0.41 -18.49
N ILE A 88 56.36 0.20 -19.45
CA ILE A 88 54.90 0.40 -19.35
C ILE A 88 54.11 -0.90 -19.57
N LYS A 89 54.50 -1.69 -20.57
CA LYS A 89 53.91 -3.01 -20.78
C LYS A 89 53.94 -3.82 -19.48
N GLU A 90 55.14 -3.89 -18.90
CA GLU A 90 55.41 -4.57 -17.65
C GLU A 90 54.50 -4.05 -16.52
N GLU A 91 54.25 -2.75 -16.53
CA GLU A 91 53.42 -2.11 -15.52
C GLU A 91 51.93 -2.44 -15.69
N VAL A 92 51.47 -2.43 -16.94
CA VAL A 92 50.07 -2.71 -17.29
C VAL A 92 49.75 -4.21 -17.13
N LYS A 93 50.70 -5.06 -17.51
CA LYS A 93 50.53 -6.51 -17.40
C LYS A 93 50.28 -6.94 -15.96
N LYS A 94 50.96 -6.30 -15.01
CA LYS A 94 50.76 -6.58 -13.60
C LYS A 94 49.33 -6.25 -13.16
N ILE A 95 48.84 -5.06 -13.51
CA ILE A 95 47.46 -4.69 -13.20
C ILE A 95 46.50 -5.74 -13.77
N ILE A 96 46.64 -6.06 -15.06
CA ILE A 96 45.86 -7.12 -15.72
C ILE A 96 45.90 -8.46 -14.97
N ASP A 97 47.08 -8.82 -14.46
CA ASP A 97 47.25 -10.07 -13.71
C ASP A 97 46.54 -10.09 -12.37
N SER A 98 46.57 -8.96 -11.67
CA SER A 98 45.80 -8.82 -10.45
C SER A 98 44.31 -8.99 -10.73
N ARG A 99 43.86 -8.52 -11.89
CA ARG A 99 42.44 -8.61 -12.27
C ARG A 99 42.06 -10.04 -12.61
N ILE A 100 42.93 -10.71 -13.35
CA ILE A 100 42.70 -12.10 -13.73
C ILE A 100 42.71 -13.05 -12.52
N GLU A 101 43.58 -12.80 -11.54
CA GLU A 101 43.55 -13.53 -10.26
C GLU A 101 42.16 -13.43 -9.63
N GLU A 102 41.71 -12.20 -9.42
CA GLU A 102 40.43 -11.93 -8.78
C GLU A 102 39.31 -12.58 -9.57
N LEU A 103 39.34 -12.42 -10.89
CA LEU A 103 38.34 -12.99 -11.79
C LEU A 103 38.24 -14.51 -11.61
N GLU A 104 39.40 -15.15 -11.56
CA GLU A 104 39.50 -16.60 -11.42
C GLU A 104 38.95 -17.08 -10.08
N LYS A 105 39.36 -16.42 -9.01
CA LYS A 105 38.90 -16.77 -7.67
C LYS A 105 37.38 -16.71 -7.62
N VAL A 106 36.80 -15.65 -8.20
CA VAL A 106 35.36 -15.41 -8.13
C VAL A 106 34.60 -16.45 -8.92
N LEU A 107 35.10 -16.80 -10.10
CA LEU A 107 34.42 -17.78 -10.93
C LEU A 107 34.44 -19.17 -10.29
N ILE A 108 35.57 -19.51 -9.69
CA ILE A 108 35.70 -20.78 -8.97
C ILE A 108 34.78 -20.79 -7.75
N GLY A 109 34.77 -19.68 -7.00
CA GLY A 109 33.89 -19.51 -5.86
C GLY A 109 32.44 -19.69 -6.25
N VAL A 110 32.07 -19.24 -7.46
CA VAL A 110 30.69 -19.39 -7.95
C VAL A 110 30.42 -20.87 -8.19
N ALA A 111 31.36 -21.54 -8.85
CA ALA A 111 31.24 -22.96 -9.16
C ALA A 111 31.14 -23.84 -7.90
N TYR A 112 31.94 -23.52 -6.90
CA TYR A 112 31.92 -24.21 -5.60
C TYR A 112 30.60 -24.06 -4.84
N LEU A 113 29.99 -22.87 -4.90
CA LEU A 113 28.71 -22.61 -4.27
C LEU A 113 27.50 -23.07 -5.09
N GLY A 114 27.62 -22.98 -6.42
CA GLY A 114 26.44 -23.12 -7.28
C GLY A 114 25.45 -22.00 -7.05
N GLU A 115 25.97 -20.82 -6.71
CA GLU A 115 25.15 -19.63 -6.51
C GLU A 115 25.74 -18.43 -7.26
N LEU A 116 24.90 -17.72 -7.99
CA LEU A 116 25.30 -16.50 -8.66
C LEU A 116 24.26 -15.43 -8.35
N THR A 117 24.52 -14.66 -7.30
CA THR A 117 23.63 -13.56 -6.90
C THR A 117 23.81 -12.36 -7.82
N PRO A 118 22.79 -11.50 -7.93
CA PRO A 118 22.94 -10.28 -8.74
C PRO A 118 24.23 -9.51 -8.42
N LYS A 119 24.61 -9.47 -7.15
CA LYS A 119 25.84 -8.81 -6.70
C LYS A 119 27.08 -9.43 -7.35
N SER A 120 27.14 -10.76 -7.36
CA SER A 120 28.26 -11.48 -7.95
C SER A 120 28.34 -11.29 -9.46
N ARG A 121 27.16 -11.29 -10.10
CA ARG A 121 27.09 -11.01 -11.53
C ARG A 121 27.76 -9.70 -11.88
N ASP A 122 27.35 -8.61 -11.22
CA ASP A 122 27.90 -7.30 -11.45
C ASP A 122 29.42 -7.28 -11.27
N TYR A 123 29.89 -7.87 -10.17
CA TYR A 123 31.33 -7.94 -9.91
C TYR A 123 32.05 -8.59 -11.09
N ILE A 124 31.53 -9.72 -11.56
CA ILE A 124 32.14 -10.45 -12.66
C ILE A 124 32.17 -9.63 -13.96
N LEU A 125 31.02 -9.05 -14.33
CA LEU A 125 30.93 -8.23 -15.53
C LEU A 125 31.89 -7.04 -15.57
N SER A 126 32.07 -6.38 -14.42
CA SER A 126 32.91 -5.21 -14.31
C SER A 126 34.34 -5.45 -14.76
N PHE A 127 34.76 -6.71 -14.81
CA PHE A 127 36.15 -7.03 -15.17
C PHE A 127 36.52 -6.64 -16.60
N GLY A 128 35.55 -6.68 -17.50
CA GLY A 128 35.73 -6.18 -18.87
C GLY A 128 36.41 -4.83 -18.89
N GLU A 129 35.72 -3.82 -18.37
CA GLU A 129 36.23 -2.43 -18.34
C GLU A 129 37.47 -2.26 -17.46
N ARG A 130 37.56 -3.07 -16.40
CA ARG A 130 38.68 -3.00 -15.48
C ARG A 130 39.95 -3.61 -16.08
N LEU A 131 39.77 -4.38 -17.14
CA LEU A 131 40.89 -4.99 -17.88
C LEU A 131 41.30 -4.15 -19.10
N SER A 132 40.34 -3.46 -19.71
CA SER A 132 40.65 -2.65 -20.87
C SER A 132 41.18 -1.27 -20.51
N SER A 133 40.61 -0.63 -19.49
CA SER A 133 41.01 0.73 -19.13
C SER A 133 42.51 0.91 -18.85
N PRO A 134 43.13 -0.01 -18.10
CA PRO A 134 44.56 0.16 -17.85
C PRO A 134 45.43 0.05 -19.10
N ILE A 135 44.98 -0.71 -20.09
CA ILE A 135 45.70 -0.87 -21.36
C ILE A 135 45.65 0.44 -22.16
N LEU A 136 44.47 1.03 -22.22
CA LEU A 136 44.32 2.34 -22.86
C LEU A 136 45.09 3.43 -22.11
N SER A 137 45.03 3.42 -20.78
CA SER A 137 45.75 4.40 -19.98
C SER A 137 47.25 4.31 -20.21
N GLY A 138 47.74 3.07 -20.31
CA GLY A 138 49.15 2.80 -20.60
C GLY A 138 49.56 3.25 -21.99
N ALA A 139 48.67 3.05 -22.95
CA ALA A 139 48.92 3.51 -24.32
C ALA A 139 48.96 5.03 -24.39
N ILE A 140 48.14 5.68 -23.58
CA ILE A 140 48.15 7.14 -23.51
C ILE A 140 49.45 7.64 -22.88
N ARG A 141 49.94 6.94 -21.85
CA ARG A 141 51.26 7.23 -21.28
C ARG A 141 52.38 6.97 -22.28
N ASP A 142 52.25 5.88 -23.04
CA ASP A 142 53.23 5.53 -24.07
C ASP A 142 53.44 6.64 -25.10
N LEU A 143 52.42 7.50 -25.26
CA LEU A 143 52.52 8.64 -26.16
C LEU A 143 52.90 9.92 -25.42
N GLY A 144 53.49 9.77 -24.24
CA GLY A 144 54.08 10.89 -23.51
C GLY A 144 53.09 11.80 -22.83
N GLU A 145 51.92 11.27 -22.51
CA GLU A 145 50.91 12.04 -21.81
C GLU A 145 50.60 11.36 -20.48
N LYS A 146 50.29 12.14 -19.45
CA LYS A 146 49.98 11.56 -18.14
C LYS A 146 48.58 10.98 -18.09
N SER A 147 48.45 9.76 -17.58
CA SER A 147 47.15 9.09 -17.49
C SER A 147 47.12 8.02 -16.40
N ILE A 148 46.00 7.91 -15.69
CA ILE A 148 45.72 6.77 -14.81
C ILE A 148 44.34 6.18 -15.06
N ALA A 149 44.19 4.89 -14.77
CA ALA A 149 42.91 4.19 -14.93
C ALA A 149 42.09 4.23 -13.65
N LEU A 150 40.82 4.60 -13.77
CA LEU A 150 39.92 4.69 -12.63
C LEU A 150 38.70 3.83 -12.83
N GLU A 151 38.07 3.45 -11.72
CA GLU A 151 36.80 2.75 -11.80
C GLU A 151 35.64 3.74 -11.59
N GLY A 152 34.47 3.40 -12.13
CA GLY A 152 33.32 4.29 -12.08
C GLY A 152 33.04 4.88 -10.70
N GLY A 153 33.04 4.01 -9.69
CA GLY A 153 32.79 4.41 -8.32
C GLY A 153 33.79 5.44 -7.83
N GLU A 154 35.07 5.12 -7.90
CA GLU A 154 36.10 6.07 -7.48
C GLU A 154 36.21 7.30 -8.40
N ALA A 155 35.63 7.24 -9.60
CA ALA A 155 35.51 8.44 -10.44
C ALA A 155 34.31 9.30 -10.04
N GLY A 156 33.47 8.78 -9.14
CA GLY A 156 32.42 9.59 -8.51
C GLY A 156 30.99 9.21 -8.82
N ILE A 157 30.80 8.03 -9.40
CA ILE A 157 29.44 7.56 -9.73
C ILE A 157 28.95 6.62 -8.63
N ILE A 158 28.05 7.12 -7.79
CA ILE A 158 27.48 6.37 -6.68
C ILE A 158 26.04 5.96 -7.00
N THR A 159 25.76 4.66 -6.89
CA THR A 159 24.44 4.13 -7.22
C THR A 159 23.76 3.52 -6.02
N ASP A 160 22.49 3.15 -6.16
CA ASP A 160 21.86 2.28 -5.19
C ASP A 160 22.41 0.87 -5.41
N ASN A 161 21.83 -0.13 -4.75
CA ASN A 161 22.32 -1.50 -4.92
C ASN A 161 21.31 -2.43 -5.56
N ASN A 162 20.65 -1.90 -6.59
CA ASN A 162 19.85 -2.72 -7.47
C ASN A 162 20.77 -3.27 -8.57
N PHE A 163 21.50 -4.32 -8.21
CA PHE A 163 22.52 -4.91 -9.07
C PHE A 163 21.91 -5.39 -10.39
N GLY A 164 22.63 -5.18 -11.49
CA GLY A 164 22.14 -5.51 -12.82
C GLY A 164 21.78 -4.26 -13.60
N SER A 165 21.11 -3.34 -12.91
CA SER A 165 20.76 -2.04 -13.47
C SER A 165 20.59 -1.04 -12.34
N ALA A 166 21.67 -0.77 -11.64
CA ALA A 166 21.69 0.21 -10.56
C ALA A 166 21.38 1.59 -11.10
N ARG A 167 20.53 2.34 -10.40
CA ARG A 167 20.32 3.75 -10.76
C ARG A 167 21.18 4.69 -9.94
N VAL A 168 21.59 5.77 -10.58
CA VAL A 168 22.53 6.71 -9.99
C VAL A 168 21.85 7.47 -8.86
N LYS A 169 22.50 7.49 -7.70
CA LYS A 169 22.04 8.25 -6.54
C LYS A 169 22.66 9.64 -6.49
N ARG A 170 23.94 9.70 -6.79
CA ARG A 170 24.77 10.79 -6.34
C ARG A 170 26.01 10.87 -7.21
N LEU A 171 26.47 12.10 -7.46
CA LEU A 171 27.70 12.30 -8.21
C LEU A 171 28.76 13.05 -7.42
N GLU A 172 30.00 12.58 -7.51
CA GLU A 172 31.14 13.26 -6.90
C GLU A 172 32.25 13.37 -7.92
N VAL A 173 31.86 13.68 -9.15
CA VAL A 173 32.78 13.63 -10.27
C VAL A 173 33.78 14.76 -10.18
N LYS A 174 33.30 15.96 -9.85
CA LYS A 174 34.17 17.12 -9.63
C LYS A 174 35.23 16.82 -8.58
N GLU A 175 34.77 16.35 -7.42
CA GLU A 175 35.63 16.07 -6.27
C GLU A 175 36.74 15.07 -6.59
N ARG A 176 36.42 14.04 -7.37
CA ARG A 176 37.40 12.99 -7.69
C ARG A 176 38.32 13.33 -8.86
N LEU A 177 37.77 14.01 -9.86
CA LEU A 177 38.48 14.17 -11.12
C LEU A 177 39.22 15.50 -11.27
N LEU A 178 38.66 16.56 -10.70
CA LEU A 178 39.29 17.89 -10.79
C LEU A 178 40.75 17.94 -10.30
N PRO A 179 41.07 17.37 -9.11
CA PRO A 179 42.47 17.33 -8.72
C PRO A 179 43.37 16.69 -9.77
N LEU A 180 42.88 15.63 -10.41
CA LEU A 180 43.65 14.90 -11.42
C LEU A 180 43.83 15.72 -12.70
N LEU A 181 42.79 16.46 -13.08
CA LEU A 181 42.85 17.31 -14.27
C LEU A 181 43.78 18.50 -14.07
N LYS A 182 43.76 19.06 -12.87
CA LYS A 182 44.62 20.17 -12.48
C LYS A 182 46.09 19.80 -12.61
N GLU A 183 46.42 18.55 -12.29
CA GLU A 183 47.78 18.02 -12.49
C GLU A 183 48.07 17.65 -13.95
N GLY A 184 47.09 17.87 -14.83
CA GLY A 184 47.26 17.61 -16.26
C GLY A 184 47.05 16.15 -16.65
N ILE A 185 46.50 15.36 -15.73
CA ILE A 185 46.31 13.92 -15.94
C ILE A 185 45.04 13.62 -16.72
N ILE A 186 45.15 12.70 -17.69
CA ILE A 186 44.00 12.19 -18.42
C ILE A 186 43.46 10.95 -17.71
N PRO A 187 42.31 11.09 -17.02
CA PRO A 187 41.75 9.90 -16.37
C PRO A 187 41.06 9.01 -17.39
N VAL A 188 41.32 7.72 -17.31
CA VAL A 188 40.61 6.74 -18.12
C VAL A 188 39.63 6.03 -17.20
N VAL A 189 38.39 6.47 -17.25
CA VAL A 189 37.34 5.96 -16.38
C VAL A 189 36.69 4.75 -17.03
N THR A 190 36.52 3.68 -16.26
CA THR A 190 35.81 2.50 -16.71
C THR A 190 34.37 2.85 -17.05
N GLY A 191 33.90 2.26 -18.14
CA GLY A 191 32.57 2.48 -18.64
C GLY A 191 31.46 2.15 -17.68
N PHE A 192 30.86 0.98 -17.83
CA PHE A 192 29.47 0.81 -17.37
C PHE A 192 29.27 0.45 -15.90
N ILE A 193 30.22 0.85 -15.07
CA ILE A 193 30.17 0.49 -13.68
C ILE A 193 30.17 1.69 -12.76
N GLY A 194 29.50 1.52 -11.63
CA GLY A 194 29.55 2.49 -10.54
C GLY A 194 29.75 1.77 -9.22
N THR A 195 29.51 2.47 -8.13
CA THR A 195 29.69 1.88 -6.79
C THR A 195 28.54 2.18 -5.84
N THR A 196 28.25 1.22 -4.97
CA THR A 196 27.29 1.39 -3.88
C THR A 196 27.86 2.31 -2.82
N GLU A 197 27.01 2.80 -1.93
CA GLU A 197 27.47 3.65 -0.82
C GLU A 197 28.59 2.98 -0.01
N GLU A 198 28.56 1.66 0.05
CA GLU A 198 29.59 0.90 0.76
C GLU A 198 30.64 0.27 -0.16
N GLY A 199 30.74 0.77 -1.39
CA GLY A 199 31.85 0.37 -2.25
C GLY A 199 31.67 -0.91 -3.03
N TYR A 200 30.47 -1.50 -2.98
CA TYR A 200 30.15 -2.65 -3.83
C TYR A 200 30.03 -2.25 -5.29
N ILE A 201 30.78 -2.94 -6.16
CA ILE A 201 30.76 -2.70 -7.61
C ILE A 201 29.42 -3.01 -8.21
N THR A 202 29.00 -2.16 -9.14
CA THR A 202 27.63 -2.14 -9.62
C THR A 202 27.68 -1.84 -11.13
N THR A 203 26.76 -2.43 -11.92
CA THR A 203 26.67 -2.09 -13.35
C THR A 203 25.42 -1.26 -13.69
N LEU A 204 25.50 -0.48 -14.76
CA LEU A 204 24.46 0.49 -15.10
C LEU A 204 23.49 -0.02 -16.16
N GLY A 205 23.63 -1.30 -16.51
CA GLY A 205 22.81 -1.91 -17.58
C GLY A 205 23.62 -2.04 -18.86
N ARG A 206 23.24 -2.97 -19.72
CA ARG A 206 23.97 -3.20 -20.97
C ARG A 206 23.97 -1.96 -21.88
N GLY A 207 25.13 -1.65 -22.45
CA GLY A 207 25.30 -0.44 -23.24
C GLY A 207 25.57 0.78 -22.38
N GLY A 208 25.77 0.54 -21.08
CA GLY A 208 25.87 1.57 -20.07
C GLY A 208 27.05 2.51 -20.17
N SER A 209 28.10 2.14 -20.88
CA SER A 209 29.25 3.02 -21.05
C SER A 209 28.85 4.41 -21.56
N ASP A 210 27.88 4.47 -22.46
CA ASP A 210 27.41 5.75 -22.99
C ASP A 210 26.93 6.62 -21.84
N TYR A 211 26.13 6.01 -20.97
CA TYR A 211 25.55 6.67 -19.82
C TYR A 211 26.61 7.19 -18.85
N SER A 212 27.69 6.43 -18.68
CA SER A 212 28.81 6.86 -17.86
C SER A 212 29.41 8.17 -18.39
N ALA A 213 29.59 8.24 -19.70
CA ALA A 213 30.14 9.42 -20.33
C ALA A 213 29.27 10.62 -20.04
N ALA A 214 27.96 10.44 -20.11
CA ALA A 214 26.99 11.54 -19.90
C ALA A 214 26.98 12.00 -18.45
N LEU A 215 27.02 11.04 -17.53
CA LEU A 215 27.16 11.31 -16.12
C LEU A 215 28.43 12.12 -15.82
N ILE A 216 29.57 11.66 -16.34
CA ILE A 216 30.83 12.36 -16.11
C ILE A 216 30.79 13.76 -16.70
N GLY A 217 30.26 13.87 -17.92
CA GLY A 217 30.01 15.16 -18.53
C GLY A 217 29.15 16.07 -17.64
N TYR A 218 28.01 15.55 -17.20
CA TYR A 218 27.11 16.26 -16.30
C TYR A 218 27.84 16.72 -15.04
N GLY A 219 28.55 15.80 -14.40
CA GLY A 219 29.25 16.10 -13.14
C GLY A 219 30.29 17.18 -13.28
N LEU A 220 30.97 17.21 -14.42
CA LEU A 220 32.07 18.14 -14.65
C LEU A 220 31.63 19.44 -15.35
N ASP A 221 30.35 19.58 -15.63
CA ASP A 221 29.88 20.71 -16.42
C ASP A 221 30.71 20.80 -17.71
N ALA A 222 30.91 19.66 -18.36
CA ALA A 222 31.74 19.56 -19.54
C ALA A 222 31.19 20.39 -20.69
N ASP A 223 32.07 20.79 -21.60
CA ASP A 223 31.69 21.56 -22.76
C ASP A 223 31.07 20.68 -23.82
N ILE A 224 31.49 19.41 -23.84
CA ILE A 224 31.03 18.45 -24.83
C ILE A 224 31.22 17.00 -24.36
N ILE A 225 30.26 16.15 -24.71
CA ILE A 225 30.38 14.71 -24.51
C ILE A 225 30.54 14.06 -25.88
N GLU A 226 31.65 13.36 -26.09
CA GLU A 226 31.93 12.71 -27.39
C GLU A 226 31.73 11.21 -27.32
N ILE A 227 30.84 10.71 -28.16
CA ILE A 227 30.61 9.28 -28.24
C ILE A 227 31.31 8.71 -29.47
N TRP A 228 32.42 8.01 -29.24
CA TRP A 228 33.20 7.37 -30.30
C TRP A 228 32.82 5.89 -30.45
N THR A 229 32.30 5.57 -31.63
CA THR A 229 31.73 4.27 -31.93
C THR A 229 32.22 3.80 -33.32
N ASP A 230 31.54 2.82 -33.92
CA ASP A 230 31.98 2.23 -35.19
C ASP A 230 31.11 2.63 -36.39
N VAL A 231 30.36 3.71 -36.24
CA VAL A 231 29.60 4.31 -37.34
C VAL A 231 29.71 5.82 -37.20
N SER A 232 29.50 6.55 -38.29
CA SER A 232 29.70 8.00 -38.29
C SER A 232 28.45 8.75 -37.82
N GLY A 233 28.09 8.55 -36.55
CA GLY A 233 26.96 9.25 -35.96
C GLY A 233 25.70 8.41 -35.92
N VAL A 234 24.56 9.08 -35.79
CA VAL A 234 23.27 8.42 -35.79
C VAL A 234 22.74 8.45 -37.22
N TYR A 235 22.34 7.28 -37.71
CA TYR A 235 21.88 7.13 -39.07
C TYR A 235 20.36 7.06 -39.12
N THR A 236 19.82 7.23 -40.32
CA THR A 236 18.38 7.17 -40.56
C THR A 236 17.76 5.85 -40.10
N THR A 237 18.56 4.80 -40.08
CA THR A 237 18.21 3.55 -39.41
C THR A 237 19.52 2.79 -39.15
N ASP A 238 19.45 1.56 -38.66
CA ASP A 238 20.66 0.78 -38.40
C ASP A 238 21.34 0.38 -39.72
N PRO A 239 22.52 0.98 -40.00
CA PRO A 239 23.20 0.78 -41.28
C PRO A 239 23.66 -0.67 -41.56
N ARG A 240 23.60 -1.52 -40.54
CA ARG A 240 23.94 -2.93 -40.69
C ARG A 240 22.73 -3.77 -41.14
N LEU A 241 21.54 -3.18 -41.04
CA LEU A 241 20.31 -3.79 -41.53
C LEU A 241 19.90 -3.23 -42.88
N VAL A 242 19.99 -1.91 -43.02
CA VAL A 242 19.66 -1.23 -44.27
C VAL A 242 20.85 -0.37 -44.67
N PRO A 243 21.72 -0.90 -45.55
CA PRO A 243 22.99 -0.26 -45.89
C PRO A 243 22.87 1.09 -46.62
N THR A 244 21.70 1.40 -47.17
CA THR A 244 21.44 2.73 -47.75
C THR A 244 21.08 3.81 -46.71
N ALA A 245 21.30 3.50 -45.43
CA ALA A 245 21.03 4.41 -44.33
C ALA A 245 21.96 5.61 -44.40
N ARG A 246 21.42 6.76 -44.00
CA ARG A 246 22.14 8.03 -44.14
C ARG A 246 22.45 8.66 -42.79
N ARG A 247 23.64 9.25 -42.67
CA ARG A 247 24.03 9.97 -41.47
C ARG A 247 23.14 11.21 -41.31
N ILE A 248 22.61 11.39 -40.10
CA ILE A 248 21.84 12.58 -39.75
C ILE A 248 22.79 13.53 -39.04
N PRO A 249 23.14 14.65 -39.70
CA PRO A 249 24.11 15.58 -39.12
C PRO A 249 23.70 16.17 -37.77
N LYS A 250 22.43 16.53 -37.63
CA LYS A 250 21.94 17.22 -36.44
C LYS A 250 20.66 16.58 -35.92
N LEU A 251 20.61 16.40 -34.60
CA LEU A 251 19.45 15.80 -33.95
C LEU A 251 19.19 16.48 -32.59
N SER A 252 17.93 16.59 -32.22
CA SER A 252 17.61 17.18 -30.92
C SER A 252 17.71 16.13 -29.81
N TYR A 253 17.81 16.58 -28.56
CA TYR A 253 17.87 15.66 -27.42
C TYR A 253 16.70 14.67 -27.44
N ILE A 254 15.48 15.19 -27.52
CA ILE A 254 14.30 14.32 -27.48
C ILE A 254 14.23 13.32 -28.64
N GLU A 255 14.60 13.76 -29.85
CA GLU A 255 14.63 12.88 -31.02
C GLU A 255 15.58 11.72 -30.82
N ALA A 256 16.76 12.03 -30.33
CA ALA A 256 17.79 11.03 -30.06
C ALA A 256 17.37 10.10 -28.92
N MET A 257 16.82 10.68 -27.86
CA MET A 257 16.36 9.89 -26.72
C MET A 257 15.29 8.86 -27.10
N GLU A 258 14.32 9.26 -27.91
CA GLU A 258 13.29 8.35 -28.37
C GLU A 258 13.86 7.22 -29.23
N LEU A 259 14.71 7.57 -30.19
CA LEU A 259 15.39 6.59 -31.04
C LEU A 259 16.21 5.57 -30.23
N ALA A 260 17.03 6.07 -29.31
CA ALA A 260 17.83 5.21 -28.46
C ALA A 260 16.91 4.30 -27.66
N TYR A 261 15.91 4.92 -27.04
CA TYR A 261 14.93 4.22 -26.24
C TYR A 261 14.28 3.11 -27.04
N PHE A 262 14.03 3.38 -28.31
CA PHE A 262 13.31 2.45 -29.16
C PHE A 262 14.19 1.63 -30.12
N GLY A 263 15.49 1.53 -29.83
CA GLY A 263 16.31 0.52 -30.47
C GLY A 263 17.52 0.95 -31.26
N ALA A 264 17.78 2.26 -31.35
CA ALA A 264 19.00 2.72 -31.99
C ALA A 264 20.16 2.56 -31.01
N LYS A 265 20.72 1.35 -30.99
CA LYS A 265 21.76 0.94 -30.05
C LYS A 265 22.92 1.92 -29.87
N VAL A 266 23.24 2.69 -30.91
CA VAL A 266 24.37 3.65 -30.91
C VAL A 266 24.50 4.50 -29.66
N LEU A 267 23.36 4.81 -29.06
CA LEU A 267 23.30 5.51 -27.79
C LEU A 267 22.45 4.71 -26.82
N HIS A 268 22.98 4.49 -25.62
CA HIS A 268 22.14 3.99 -24.53
C HIS A 268 21.10 5.08 -24.26
N PRO A 269 19.85 4.67 -23.98
CA PRO A 269 18.80 5.69 -23.79
C PRO A 269 19.12 6.71 -22.68
N ARG A 270 19.78 6.27 -21.62
CA ARG A 270 20.09 7.15 -20.48
C ARG A 270 21.21 8.17 -20.74
N THR A 271 21.84 8.10 -21.90
CA THR A 271 22.86 9.07 -22.28
C THR A 271 22.30 10.49 -22.38
N ILE A 272 21.07 10.61 -22.88
CA ILE A 272 20.54 11.92 -23.24
C ILE A 272 20.18 12.80 -22.06
N GLU A 273 19.46 12.25 -21.07
CA GLU A 273 18.99 13.03 -19.92
C GLU A 273 19.99 13.95 -19.21
N PRO A 274 21.15 13.44 -18.77
CA PRO A 274 22.09 14.32 -18.09
C PRO A 274 22.60 15.44 -18.99
N ALA A 275 22.90 15.11 -20.25
CA ALA A 275 23.37 16.10 -21.21
C ALA A 275 22.29 17.11 -21.52
N MET A 276 21.07 16.62 -21.68
CA MET A 276 19.92 17.44 -22.00
C MET A 276 19.68 18.48 -20.93
N GLU A 277 19.70 18.06 -19.67
CA GLU A 277 19.28 18.95 -18.59
C GLU A 277 20.33 19.99 -18.21
N LYS A 278 21.54 19.87 -18.77
CA LYS A 278 22.54 20.91 -18.61
C LYS A 278 22.93 21.53 -19.95
N GLY A 279 22.21 21.15 -21.00
CA GLY A 279 22.50 21.62 -22.36
C GLY A 279 23.93 21.35 -22.82
N ILE A 280 24.50 20.23 -22.39
CA ILE A 280 25.80 19.79 -22.89
C ILE A 280 25.57 19.02 -24.19
N PRO A 281 26.20 19.48 -25.29
CA PRO A 281 26.04 18.80 -26.57
C PRO A 281 26.67 17.40 -26.58
N ILE A 282 26.08 16.49 -27.35
CA ILE A 282 26.65 15.16 -27.56
C ILE A 282 27.07 15.03 -29.02
N LEU A 283 28.35 14.73 -29.24
CA LEU A 283 28.88 14.53 -30.58
C LEU A 283 29.18 13.05 -30.77
N VAL A 284 28.43 12.40 -31.67
CA VAL A 284 28.65 10.98 -31.99
C VAL A 284 29.57 10.86 -33.20
N LYS A 285 30.69 10.16 -33.01
CA LYS A 285 31.72 10.02 -34.04
C LYS A 285 32.18 8.57 -34.25
N ASN A 286 32.79 8.33 -35.41
CA ASN A 286 33.30 7.02 -35.79
C ASN A 286 34.78 7.01 -35.49
N THR A 287 35.24 6.02 -34.73
CA THR A 287 36.68 5.94 -34.43
C THR A 287 37.45 5.44 -35.65
N PHE A 288 36.76 4.70 -36.51
CA PHE A 288 37.35 4.16 -37.73
C PHE A 288 37.27 5.09 -38.92
N GLU A 289 36.59 6.22 -38.75
CA GLU A 289 36.54 7.28 -39.76
C GLU A 289 36.46 8.64 -39.05
N PRO A 290 37.54 9.02 -38.33
CA PRO A 290 37.52 10.14 -37.37
C PRO A 290 37.37 11.52 -38.01
N GLU A 291 37.38 11.59 -39.34
CA GLU A 291 37.25 12.87 -40.04
C GLU A 291 35.80 13.25 -40.29
N SER A 292 34.89 12.28 -40.21
CA SER A 292 33.47 12.54 -40.41
C SER A 292 32.90 13.47 -39.35
N GLU A 293 32.04 14.37 -39.80
CA GLU A 293 31.35 15.33 -38.92
C GLU A 293 30.42 14.65 -37.91
N GLY A 294 29.94 13.45 -38.25
CA GLY A 294 29.06 12.66 -37.38
C GLY A 294 27.70 13.27 -37.12
N THR A 295 27.25 13.15 -35.88
CA THR A 295 25.95 13.67 -35.46
C THR A 295 26.10 14.54 -34.22
N LEU A 296 25.57 15.77 -34.30
CA LEU A 296 25.56 16.67 -33.16
C LEU A 296 24.19 16.72 -32.52
N ILE A 297 24.14 16.41 -31.23
CA ILE A 297 22.89 16.37 -30.50
C ILE A 297 22.82 17.56 -29.53
N THR A 298 21.88 18.47 -29.78
CA THR A 298 21.70 19.70 -29.01
C THR A 298 20.23 19.99 -28.80
N ASN A 299 19.93 21.22 -28.39
CA ASN A 299 18.55 21.69 -28.21
C ASN A 299 17.82 22.01 -29.50
N ASP A 300 18.57 22.35 -30.54
CA ASP A 300 18.00 22.79 -31.80
C ASP A 300 17.08 21.73 -32.39
N MET A 301 15.97 22.19 -32.95
CA MET A 301 15.01 21.30 -33.56
C MET A 301 14.54 21.84 -34.92
N GLU A 302 14.75 21.06 -35.96
CA GLU A 302 14.30 21.38 -37.30
C GLU A 302 13.41 20.25 -37.83
N MET A 303 12.21 20.61 -38.29
CA MET A 303 11.35 19.64 -38.99
C MET A 303 11.90 19.29 -40.37
N SER A 304 11.79 18.02 -40.73
CA SER A 304 12.15 17.55 -42.06
C SER A 304 10.93 17.62 -42.97
N ASP A 305 11.14 17.66 -44.27
CA ASP A 305 10.03 17.73 -45.22
C ASP A 305 9.11 16.52 -45.05
N SER A 306 9.68 15.33 -45.16
CA SER A 306 8.88 14.10 -45.06
C SER A 306 8.55 13.72 -43.61
N ILE A 307 9.09 14.50 -42.67
CA ILE A 307 8.76 14.43 -41.23
C ILE A 307 9.45 13.30 -40.46
N VAL A 308 9.25 12.06 -40.90
CA VAL A 308 10.01 10.94 -40.39
C VAL A 308 11.49 11.16 -40.71
N LYS A 309 12.32 11.18 -39.68
CA LYS A 309 13.75 11.38 -39.87
C LYS A 309 14.56 10.10 -39.69
N ALA A 310 14.01 9.14 -38.96
CA ALA A 310 14.71 7.91 -38.61
C ALA A 310 13.77 6.79 -38.15
N ILE A 311 14.25 5.55 -38.27
CA ILE A 311 13.49 4.35 -37.92
C ILE A 311 14.32 3.45 -37.02
N SER A 312 13.78 3.09 -35.86
CA SER A 312 14.47 2.13 -34.98
C SER A 312 13.61 0.93 -34.71
N THR A 313 14.24 -0.18 -34.32
CA THR A 313 13.52 -1.40 -34.03
C THR A 313 14.07 -2.03 -32.76
N ILE A 314 13.19 -2.73 -32.03
CA ILE A 314 13.62 -3.64 -30.96
C ILE A 314 13.08 -5.03 -31.29
N LYS A 315 13.98 -6.00 -31.37
CA LYS A 315 13.67 -7.36 -31.77
C LYS A 315 13.26 -8.15 -30.52
N ASN A 316 13.97 -7.90 -29.43
CA ASN A 316 13.83 -8.67 -28.20
C ASN A 316 12.66 -8.25 -27.32
N VAL A 317 11.45 -8.31 -27.88
CA VAL A 317 10.25 -7.95 -27.11
C VAL A 317 9.15 -9.00 -27.25
N ALA A 318 8.16 -8.94 -26.36
CA ALA A 318 6.98 -9.77 -26.46
C ALA A 318 5.73 -8.90 -26.38
N LEU A 319 4.69 -9.31 -27.10
CA LEU A 319 3.40 -8.66 -27.00
C LEU A 319 2.59 -9.44 -25.98
N ILE A 320 2.13 -8.76 -24.94
CA ILE A 320 1.27 -9.40 -23.94
C ILE A 320 -0.10 -8.76 -24.01
N ASN A 321 -1.10 -9.60 -24.26
CA ASN A 321 -2.47 -9.13 -24.32
C ASN A 321 -3.23 -9.66 -23.13
N ILE A 322 -3.59 -8.77 -22.22
CA ILE A 322 -4.40 -9.15 -21.08
C ILE A 322 -5.86 -8.95 -21.47
N PHE A 323 -6.64 -10.02 -21.30
CA PHE A 323 -8.05 -9.98 -21.59
C PHE A 323 -8.85 -9.68 -20.32
N GLY A 324 -9.56 -8.56 -20.31
CA GLY A 324 -10.35 -8.15 -19.15
C GLY A 324 -11.67 -8.91 -19.05
N ALA A 325 -12.37 -8.73 -17.93
CA ALA A 325 -13.59 -9.48 -17.65
C ALA A 325 -14.87 -8.70 -17.97
N GLY A 326 -14.78 -7.74 -18.89
CA GLY A 326 -15.91 -6.90 -19.26
C GLY A 326 -15.80 -5.48 -18.74
N MET A 327 -16.95 -4.88 -18.44
CA MET A 327 -17.05 -3.48 -18.02
C MET A 327 -16.69 -3.30 -16.56
N VAL A 328 -15.43 -3.56 -16.22
CA VAL A 328 -15.02 -3.66 -14.81
C VAL A 328 -14.22 -2.46 -14.29
N GLY A 329 -14.07 -1.44 -15.14
CA GLY A 329 -13.40 -0.19 -14.77
C GLY A 329 -11.94 -0.24 -15.19
N VAL A 330 -11.60 0.51 -16.24
CA VAL A 330 -10.25 0.37 -16.78
C VAL A 330 -9.16 0.88 -15.83
N SER A 331 -9.35 2.02 -15.18
CA SER A 331 -8.29 2.54 -14.29
C SER A 331 -8.06 1.66 -13.06
N GLY A 332 -9.15 1.06 -12.56
CA GLY A 332 -9.06 0.15 -11.43
C GLY A 332 -8.24 -1.09 -11.73
N THR A 333 -8.54 -1.73 -12.87
CA THR A 333 -7.84 -2.95 -13.23
C THR A 333 -6.44 -2.63 -13.78
N ALA A 334 -6.26 -1.43 -14.32
CA ALA A 334 -4.93 -1.00 -14.75
C ALA A 334 -4.05 -0.74 -13.54
N ALA A 335 -4.66 -0.26 -12.46
CA ALA A 335 -3.94 -0.02 -11.21
C ALA A 335 -3.33 -1.33 -10.69
N ARG A 336 -4.12 -2.39 -10.73
CA ARG A 336 -3.69 -3.70 -10.26
C ARG A 336 -2.71 -4.40 -11.20
N ILE A 337 -2.94 -4.29 -12.52
CA ILE A 337 -2.00 -4.82 -13.53
C ILE A 337 -0.58 -4.23 -13.35
N PHE A 338 -0.49 -2.91 -13.31
CA PHE A 338 0.82 -2.25 -13.26
C PHE A 338 1.51 -2.27 -11.89
N LYS A 339 0.72 -2.35 -10.81
CA LYS A 339 1.27 -2.65 -9.49
C LYS A 339 2.03 -4.00 -9.53
N ALA A 340 1.37 -5.05 -10.01
CA ALA A 340 1.95 -6.39 -10.09
C ALA A 340 3.20 -6.42 -10.96
N LEU A 341 3.11 -5.79 -12.12
CA LEU A 341 4.21 -5.73 -13.07
C LEU A 341 5.37 -4.88 -12.51
N GLY A 342 5.01 -3.80 -11.84
CA GLY A 342 5.99 -2.89 -11.24
C GLY A 342 6.75 -3.53 -10.09
N GLU A 343 6.03 -4.33 -9.30
CA GLU A 343 6.61 -5.07 -8.20
C GLU A 343 7.66 -6.05 -8.68
N GLU A 344 7.34 -6.74 -9.78
CA GLU A 344 8.22 -7.76 -10.34
C GLU A 344 9.33 -7.14 -11.19
N GLU A 345 9.36 -5.80 -11.24
CA GLU A 345 10.33 -5.02 -12.04
C GLU A 345 10.28 -5.32 -13.53
N VAL A 346 9.11 -5.74 -14.00
CA VAL A 346 8.86 -5.94 -15.41
C VAL A 346 8.95 -4.61 -16.17
N ASN A 347 9.76 -4.59 -17.22
CA ASN A 347 9.94 -3.41 -18.06
C ASN A 347 8.92 -3.35 -19.20
N VAL A 348 7.92 -2.47 -19.10
CA VAL A 348 6.95 -2.29 -20.20
C VAL A 348 7.31 -1.12 -21.11
N ILE A 349 7.36 -1.40 -22.41
CA ILE A 349 7.81 -0.46 -23.45
C ILE A 349 6.63 0.31 -24.08
N LEU A 350 5.46 -0.31 -24.11
CA LEU A 350 4.34 0.25 -24.84
C LEU A 350 3.01 -0.18 -24.17
N ILE A 351 2.06 0.74 -24.10
CA ILE A 351 0.72 0.44 -23.59
C ILE A 351 -0.33 0.94 -24.57
N SER A 352 -1.38 0.15 -24.75
CA SER A 352 -2.56 0.61 -25.45
C SER A 352 -3.81 -0.04 -24.85
N GLN A 353 -4.85 0.77 -24.63
CA GLN A 353 -6.14 0.29 -24.16
C GLN A 353 -7.26 1.06 -24.81
N GLY A 354 -8.19 0.33 -25.41
CA GLY A 354 -9.32 0.93 -26.10
C GLY A 354 -10.25 -0.20 -26.40
N SER A 355 -10.96 -0.64 -25.37
CA SER A 355 -11.71 -1.90 -25.40
C SER A 355 -12.80 -1.91 -24.36
N SER A 356 -14.02 -2.25 -24.77
CA SER A 356 -15.15 -2.35 -23.85
C SER A 356 -15.01 -3.52 -22.87
N GLU A 357 -14.10 -4.43 -23.16
CA GLU A 357 -13.91 -5.60 -22.29
C GLU A 357 -12.81 -5.34 -21.27
N THR A 358 -12.24 -4.14 -21.28
CA THR A 358 -11.13 -3.77 -20.40
C THR A 358 -9.85 -4.54 -20.73
N ASN A 359 -9.74 -5.01 -21.97
CA ASN A 359 -8.50 -5.54 -22.51
C ASN A 359 -7.42 -4.49 -22.55
N ILE A 360 -6.17 -4.91 -22.45
CA ILE A 360 -5.04 -4.00 -22.56
C ILE A 360 -3.90 -4.70 -23.29
N SER A 361 -3.15 -3.94 -24.08
CA SER A 361 -2.04 -4.48 -24.83
C SER A 361 -0.74 -3.90 -24.30
N LEU A 362 0.22 -4.77 -24.02
CA LEU A 362 1.50 -4.32 -23.50
C LEU A 362 2.64 -4.91 -24.33
N VAL A 363 3.74 -4.17 -24.39
CA VAL A 363 4.98 -4.70 -24.94
C VAL A 363 6.01 -4.72 -23.83
N VAL A 364 6.57 -5.90 -23.58
CA VAL A 364 7.59 -6.05 -22.54
C VAL A 364 8.85 -6.63 -23.15
N SER A 365 9.90 -6.72 -22.33
CA SER A 365 11.26 -7.03 -22.77
C SER A 365 11.59 -8.47 -23.18
N GLU A 366 10.57 -9.31 -23.33
CA GLU A 366 10.72 -10.72 -23.77
C GLU A 366 11.35 -11.65 -22.73
N GLU A 367 12.47 -11.27 -22.14
CA GLU A 367 13.01 -12.05 -21.03
C GLU A 367 12.16 -11.87 -19.76
N ASP A 368 11.33 -10.82 -19.74
CA ASP A 368 10.47 -10.50 -18.61
C ASP A 368 9.10 -11.16 -18.67
N VAL A 369 8.83 -11.89 -19.74
CA VAL A 369 7.55 -12.59 -19.87
C VAL A 369 7.21 -13.45 -18.65
N ASP A 370 8.16 -14.27 -18.19
CA ASP A 370 7.88 -15.20 -17.10
C ASP A 370 7.60 -14.48 -15.78
N LYS A 371 8.41 -13.47 -15.49
CA LYS A 371 8.19 -12.59 -14.34
C LYS A 371 6.81 -11.92 -14.42
N ALA A 372 6.43 -11.51 -15.63
CA ALA A 372 5.15 -10.86 -15.88
C ALA A 372 3.93 -11.76 -15.59
N LEU A 373 3.96 -12.99 -16.09
CA LEU A 373 2.86 -13.94 -15.90
C LEU A 373 2.76 -14.39 -14.44
N LYS A 374 3.92 -14.61 -13.83
CA LYS A 374 4.02 -14.94 -12.40
C LYS A 374 3.43 -13.82 -11.52
N ALA A 375 3.71 -12.57 -11.89
CA ALA A 375 3.17 -11.40 -11.17
C ALA A 375 1.65 -11.24 -11.31
N LEU A 376 1.16 -11.44 -12.54
CA LEU A 376 -0.27 -11.35 -12.83
C LEU A 376 -1.05 -12.46 -12.16
N LYS A 377 -0.51 -13.68 -12.15
CA LYS A 377 -1.15 -14.82 -11.49
C LYS A 377 -1.20 -14.61 -9.97
N ARG A 378 -0.15 -14.04 -9.40
CA ARG A 378 -0.12 -13.71 -7.98
C ARG A 378 -1.16 -12.65 -7.61
N GLU A 379 -1.36 -11.68 -8.48
CA GLU A 379 -2.27 -10.56 -8.22
C GLU A 379 -3.75 -10.91 -8.42
N PHE A 380 -4.06 -11.71 -9.44
CA PHE A 380 -5.45 -12.00 -9.78
C PHE A 380 -5.94 -13.42 -9.44
N GLY A 381 -5.02 -14.33 -9.16
CA GLY A 381 -5.36 -15.72 -8.82
C GLY A 381 -5.92 -16.52 -9.99
N ASP A 382 -7.10 -17.12 -9.79
CA ASP A 382 -7.81 -17.86 -10.84
C ASP A 382 -9.31 -17.55 -10.79
N PHE A 388 -20.27 -12.08 -15.12
CA PHE A 388 -20.47 -10.62 -15.08
C PHE A 388 -21.03 -10.17 -13.72
N LEU A 389 -21.76 -11.06 -13.05
CA LEU A 389 -22.17 -10.85 -11.65
C LEU A 389 -20.95 -11.11 -10.76
N ASN A 390 -19.98 -11.79 -11.34
CA ASN A 390 -18.69 -12.04 -10.74
C ASN A 390 -17.90 -10.76 -10.47
N ASN A 391 -17.00 -10.83 -9.49
CA ASN A 391 -16.19 -9.68 -9.06
C ASN A 391 -14.86 -9.61 -9.81
N ASN A 392 -14.53 -10.70 -10.51
CA ASN A 392 -13.24 -10.85 -11.19
C ASN A 392 -12.95 -9.74 -12.22
N LEU A 393 -11.68 -9.37 -12.34
CA LEU A 393 -11.25 -8.28 -13.22
C LEU A 393 -10.60 -8.76 -14.53
N ILE A 394 -9.83 -9.84 -14.46
CA ILE A 394 -9.11 -10.41 -15.61
C ILE A 394 -9.73 -11.75 -16.02
N ARG A 395 -9.68 -12.05 -17.32
CA ARG A 395 -10.33 -13.24 -17.85
C ARG A 395 -9.30 -14.28 -18.29
N ASP A 396 -8.18 -13.80 -18.83
CA ASP A 396 -7.16 -14.62 -19.48
C ASP A 396 -5.99 -13.72 -19.88
N VAL A 397 -4.88 -14.31 -20.34
CA VAL A 397 -3.75 -13.53 -20.85
C VAL A 397 -2.89 -14.31 -21.86
N SER A 398 -2.73 -13.76 -23.07
CA SER A 398 -1.90 -14.41 -24.09
C SER A 398 -0.59 -13.66 -24.37
N VAL A 399 0.45 -14.42 -24.73
CA VAL A 399 1.74 -13.85 -25.11
C VAL A 399 2.12 -14.23 -26.53
N ASP A 400 2.77 -13.30 -27.22
CA ASP A 400 3.33 -13.54 -28.53
C ASP A 400 4.74 -12.99 -28.49
N LYS A 401 5.72 -13.89 -28.56
CA LYS A 401 7.13 -13.54 -28.48
C LYS A 401 7.76 -13.28 -29.85
N ASP A 402 7.13 -13.81 -30.90
CA ASP A 402 7.63 -13.65 -32.28
C ASP A 402 7.13 -12.34 -32.86
N VAL A 403 7.61 -11.26 -32.28
CA VAL A 403 7.03 -9.95 -32.49
C VAL A 403 8.12 -8.91 -32.30
N CYS A 404 7.96 -7.73 -32.92
CA CYS A 404 8.92 -6.65 -32.71
C CYS A 404 8.23 -5.29 -32.63
N VAL A 405 8.97 -4.29 -32.13
CA VAL A 405 8.51 -2.91 -32.10
C VAL A 405 9.28 -2.09 -33.12
N ILE A 406 8.54 -1.46 -34.04
CA ILE A 406 9.13 -0.48 -34.93
C ILE A 406 8.70 0.91 -34.49
N SER A 407 9.67 1.80 -34.36
CA SER A 407 9.41 3.20 -34.06
C SER A 407 9.92 4.08 -35.17
N VAL A 408 9.21 5.18 -35.37
CA VAL A 408 9.51 6.17 -36.36
C VAL A 408 9.58 7.49 -35.60
N VAL A 409 10.71 8.19 -35.75
CA VAL A 409 11.00 9.39 -34.98
C VAL A 409 11.25 10.61 -35.87
N GLY A 410 10.65 11.75 -35.49
CA GLY A 410 10.85 13.02 -36.20
C GLY A 410 10.23 14.25 -35.57
N ALA A 411 10.90 15.38 -35.73
CA ALA A 411 10.60 16.65 -35.04
C ALA A 411 9.14 17.02 -34.84
N GLY A 412 8.30 16.94 -35.87
CA GLY A 412 6.92 17.41 -35.66
C GLY A 412 5.87 16.32 -35.78
N MET A 413 6.23 15.12 -35.36
CA MET A 413 5.45 13.91 -35.58
C MET A 413 3.99 13.94 -35.13
N ARG A 414 3.76 14.23 -33.84
CA ARG A 414 2.41 14.25 -33.29
C ARG A 414 1.52 15.26 -34.01
N GLY A 415 2.06 16.47 -34.19
CA GLY A 415 1.32 17.55 -34.84
C GLY A 415 1.11 17.44 -36.35
N ALA A 416 1.90 16.60 -37.02
CA ALA A 416 1.93 16.54 -38.48
C ALA A 416 0.70 15.85 -39.08
N LYS A 417 -0.10 16.64 -39.77
CA LYS A 417 -1.29 16.18 -40.46
C LYS A 417 -0.95 15.13 -41.53
N GLY A 418 -1.62 13.99 -41.47
CA GLY A 418 -1.51 12.96 -42.50
C GLY A 418 -0.38 11.95 -42.41
N ILE A 419 0.50 12.10 -41.44
CA ILE A 419 1.70 11.25 -41.37
C ILE A 419 1.41 9.82 -40.92
N ALA A 420 0.44 9.66 -40.01
CA ALA A 420 0.05 8.34 -39.51
C ALA A 420 -0.41 7.48 -40.68
N GLY A 421 -1.28 8.04 -41.51
CA GLY A 421 -1.80 7.35 -42.69
C GLY A 421 -0.72 6.93 -43.67
N LYS A 422 0.26 7.80 -43.87
CA LYS A 422 1.39 7.48 -44.73
C LYS A 422 2.18 6.34 -44.13
N ILE A 423 2.53 6.47 -42.85
CA ILE A 423 3.32 5.44 -42.16
C ILE A 423 2.64 4.09 -42.22
N PHE A 424 1.34 4.06 -41.96
CA PHE A 424 0.63 2.79 -41.89
C PHE A 424 0.31 2.17 -43.25
N THR A 425 -0.05 2.97 -44.27
CA THR A 425 -0.20 2.40 -45.61
C THR A 425 1.14 1.80 -46.04
N ALA A 426 2.23 2.50 -45.74
CA ALA A 426 3.58 1.98 -46.01
C ALA A 426 3.85 0.66 -45.32
N VAL A 427 3.48 0.58 -44.04
CA VAL A 427 3.66 -0.67 -43.27
C VAL A 427 2.91 -1.82 -43.94
N SER A 428 1.65 -1.57 -44.28
CA SER A 428 0.81 -2.50 -45.01
C SER A 428 1.46 -2.99 -46.31
N GLU A 429 1.93 -2.04 -47.12
CA GLU A 429 2.49 -2.36 -48.42
C GLU A 429 3.76 -3.17 -48.30
N SER A 430 4.39 -3.16 -47.13
CA SER A 430 5.58 -3.98 -46.88
C SER A 430 5.22 -5.44 -46.63
N GLY A 431 3.94 -5.73 -46.43
CA GLY A 431 3.51 -7.09 -46.13
C GLY A 431 3.39 -7.37 -44.63
N ALA A 432 3.46 -6.33 -43.82
CA ALA A 432 3.37 -6.49 -42.37
C ALA A 432 1.95 -6.30 -41.87
N ASN A 433 1.63 -7.03 -40.80
CA ASN A 433 0.33 -6.94 -40.15
C ASN A 433 0.47 -6.26 -38.76
N ILE A 434 -0.19 -5.12 -38.58
CA ILE A 434 -0.06 -4.33 -37.35
C ILE A 434 -0.87 -4.88 -36.18
N LYS A 435 -0.17 -5.22 -35.10
CA LYS A 435 -0.78 -5.82 -33.92
C LYS A 435 -1.06 -4.79 -32.81
N MET A 436 -0.39 -3.65 -32.86
CA MET A 436 -0.53 -2.62 -31.83
C MET A 436 0.00 -1.29 -32.36
N ILE A 437 -0.67 -0.19 -32.02
CA ILE A 437 -0.19 1.15 -32.35
C ILE A 437 -0.15 2.04 -31.10
N ALA A 438 0.95 2.77 -30.93
CA ALA A 438 1.03 3.79 -29.91
C ALA A 438 1.31 5.14 -30.54
N GLN A 439 0.39 6.08 -30.33
CA GLN A 439 0.59 7.45 -30.79
C GLN A 439 -0.13 8.37 -29.82
N GLY A 440 0.51 9.50 -29.49
CA GLY A 440 -0.12 10.48 -28.62
C GLY A 440 0.74 10.93 -27.47
N SER A 441 1.50 10.01 -26.88
CA SER A 441 2.25 10.30 -25.68
C SER A 441 3.60 10.93 -25.98
N SER A 442 3.99 10.92 -27.24
CA SER A 442 5.27 11.51 -27.64
C SER A 442 5.11 12.58 -28.69
N GLU A 443 5.87 13.66 -28.54
CA GLU A 443 5.94 14.74 -29.51
C GLU A 443 6.54 14.29 -30.86
N VAL A 444 7.47 13.33 -30.81
CA VAL A 444 8.29 12.99 -31.97
C VAL A 444 8.25 11.51 -32.40
N ASN A 445 7.44 10.69 -31.75
CA ASN A 445 7.50 9.25 -31.95
C ASN A 445 6.15 8.60 -32.23
N ILE A 446 6.13 7.66 -33.17
CA ILE A 446 5.03 6.73 -33.37
C ILE A 446 5.63 5.33 -33.40
N SER A 447 5.14 4.47 -32.52
CA SER A 447 5.59 3.09 -32.45
C SER A 447 4.45 2.15 -32.78
N PHE A 448 4.78 1.00 -33.34
CA PHE A 448 3.79 -0.04 -33.62
C PHE A 448 4.42 -1.42 -33.51
N VAL A 449 3.57 -2.45 -33.45
CA VAL A 449 4.04 -3.81 -33.32
C VAL A 449 3.65 -4.64 -34.53
N ILE A 450 4.62 -5.39 -35.06
CA ILE A 450 4.38 -6.32 -36.17
C ILE A 450 5.07 -7.66 -35.88
N ASP A 451 4.85 -8.66 -36.74
CA ASP A 451 5.51 -9.96 -36.59
C ASP A 451 7.01 -9.81 -36.78
N GLU A 452 7.78 -10.58 -36.03
CA GLU A 452 9.23 -10.53 -36.11
C GLU A 452 9.77 -10.78 -37.53
N LYS A 453 9.11 -11.66 -38.26
CA LYS A 453 9.52 -12.04 -39.61
C LYS A 453 9.41 -10.90 -40.63
N ASP A 454 8.54 -9.94 -40.38
CA ASP A 454 8.36 -8.81 -41.31
C ASP A 454 9.22 -7.58 -41.02
N LEU A 455 10.08 -7.68 -40.00
CA LEU A 455 10.90 -6.57 -39.54
C LEU A 455 11.71 -5.95 -40.68
N LEU A 456 12.61 -6.74 -41.27
CA LEU A 456 13.47 -6.28 -42.36
C LEU A 456 12.71 -5.59 -43.48
N ASN A 457 11.68 -6.27 -44.01
CA ASN A 457 10.91 -5.72 -45.11
C ASN A 457 10.22 -4.41 -44.73
N CYS A 458 9.69 -4.35 -43.52
CA CYS A 458 8.98 -3.17 -43.04
C CYS A 458 9.89 -1.95 -42.94
N VAL A 459 11.05 -2.14 -42.30
CA VAL A 459 12.04 -1.08 -42.18
C VAL A 459 12.49 -0.57 -43.55
N ARG A 460 12.74 -1.48 -44.48
CA ARG A 460 13.16 -1.11 -45.83
C ARG A 460 12.13 -0.22 -46.51
N LYS A 461 10.85 -0.63 -46.46
CA LYS A 461 9.80 0.12 -47.14
C LYS A 461 9.65 1.50 -46.52
N LEU A 462 9.69 1.55 -45.19
CA LEU A 462 9.65 2.81 -44.43
C LEU A 462 10.83 3.72 -44.80
N HIS A 463 12.02 3.13 -44.90
CA HIS A 463 13.22 3.86 -45.29
C HIS A 463 13.11 4.40 -46.73
N GLU A 464 12.65 3.56 -47.65
CA GLU A 464 12.41 3.96 -49.03
C GLU A 464 11.48 5.17 -49.15
N LYS A 465 10.30 5.08 -48.54
CA LYS A 465 9.30 6.13 -48.67
C LYS A 465 9.70 7.46 -48.05
N PHE A 466 10.30 7.42 -46.87
CA PHE A 466 10.58 8.64 -46.12
C PHE A 466 11.98 9.24 -46.29
N ILE A 467 12.96 8.39 -46.55
CA ILE A 467 14.34 8.85 -46.54
C ILE A 467 14.95 8.97 -47.94
N GLU A 468 14.72 7.95 -48.77
CA GLU A 468 15.31 7.85 -50.10
C GLU A 468 14.47 8.53 -51.18
N LYS A 469 13.17 8.28 -51.15
CA LYS A 469 12.19 8.79 -52.13
C LYS A 469 12.52 8.37 -53.57
N THR B 1 -40.12 -16.97 -24.33
CA THR B 1 -40.07 -15.83 -23.36
C THR B 1 -39.47 -14.63 -24.06
N THR B 2 -40.24 -13.54 -24.07
CA THR B 2 -39.84 -12.34 -24.79
C THR B 2 -39.86 -11.14 -23.86
N VAL B 3 -38.71 -10.51 -23.68
CA VAL B 3 -38.64 -9.24 -22.99
C VAL B 3 -38.54 -8.14 -24.03
N MET B 4 -39.36 -7.10 -23.85
CA MET B 4 -39.47 -5.99 -24.77
C MET B 4 -39.25 -4.69 -24.01
N LYS B 5 -38.25 -3.93 -24.44
CA LYS B 5 -37.89 -2.66 -23.78
C LYS B 5 -38.28 -1.47 -24.66
N PHE B 6 -38.91 -0.47 -24.06
CA PHE B 6 -39.32 0.75 -24.78
C PHE B 6 -38.69 2.04 -24.22
N GLY B 7 -38.05 2.79 -25.10
CA GLY B 7 -37.29 3.96 -24.69
C GLY B 7 -38.12 5.19 -24.40
N GLY B 8 -37.43 6.28 -24.09
CA GLY B 8 -38.05 7.55 -23.75
C GLY B 8 -39.00 8.06 -24.81
N THR B 9 -38.50 8.23 -26.03
CA THR B 9 -39.33 8.79 -27.10
C THR B 9 -40.47 7.84 -27.47
N SER B 10 -40.19 6.54 -27.43
CA SER B 10 -41.21 5.53 -27.71
C SER B 10 -42.45 5.69 -26.84
N VAL B 11 -42.29 6.24 -25.64
CA VAL B 11 -43.42 6.51 -24.73
C VAL B 11 -43.52 8.00 -24.41
N GLY B 12 -43.20 8.84 -25.39
CA GLY B 12 -43.11 10.29 -25.22
C GLY B 12 -44.44 11.01 -25.07
N SER B 13 -45.53 10.29 -25.29
CA SER B 13 -46.89 10.82 -25.11
C SER B 13 -47.87 9.68 -24.88
N GLY B 14 -49.09 10.03 -24.44
CA GLY B 14 -50.15 9.04 -24.21
C GLY B 14 -50.44 8.22 -25.46
N GLU B 15 -50.53 8.93 -26.58
CA GLU B 15 -50.76 8.31 -27.88
C GLU B 15 -49.71 7.24 -28.16
N ARG B 16 -48.44 7.59 -27.93
CA ARG B 16 -47.32 6.66 -28.16
C ARG B 16 -47.36 5.48 -27.21
N ILE B 17 -47.69 5.74 -25.94
CA ILE B 17 -47.86 4.67 -24.95
C ILE B 17 -48.93 3.64 -25.38
N ARG B 18 -50.07 4.13 -25.86
CA ARG B 18 -51.13 3.24 -26.37
C ARG B 18 -50.61 2.41 -27.57
N HIS B 19 -49.91 3.09 -28.49
CA HIS B 19 -49.25 2.45 -29.63
C HIS B 19 -48.28 1.36 -29.18
N VAL B 20 -47.49 1.65 -28.14
CA VAL B 20 -46.57 0.67 -27.56
C VAL B 20 -47.35 -0.50 -26.96
N ALA B 21 -48.41 -0.18 -26.22
CA ALA B 21 -49.27 -1.21 -25.59
C ALA B 21 -49.86 -2.16 -26.64
N LYS B 22 -50.24 -1.61 -27.78
CA LYS B 22 -50.66 -2.43 -28.92
C LYS B 22 -49.55 -3.35 -29.41
N ILE B 23 -48.33 -2.82 -29.57
CA ILE B 23 -47.19 -3.63 -30.00
C ILE B 23 -47.02 -4.82 -29.06
N VAL B 24 -47.03 -4.55 -27.76
CA VAL B 24 -46.85 -5.58 -26.74
C VAL B 24 -47.97 -6.61 -26.81
N THR B 25 -49.19 -6.10 -26.98
CA THR B 25 -50.37 -6.94 -26.96
C THR B 25 -50.43 -7.89 -28.18
N LYS B 26 -49.83 -7.46 -29.28
CA LYS B 26 -49.65 -8.28 -30.47
C LYS B 26 -48.60 -9.38 -30.28
N ARG B 27 -47.52 -9.08 -29.56
CA ARG B 27 -46.52 -10.10 -29.19
C ARG B 27 -47.10 -11.18 -28.29
N LYS B 28 -48.02 -10.76 -27.42
CA LYS B 28 -48.65 -11.65 -26.44
C LYS B 28 -49.33 -12.82 -27.14
N LYS B 29 -49.77 -12.59 -28.38
CA LYS B 29 -50.40 -13.62 -29.22
C LYS B 29 -49.39 -14.58 -29.89
N GLU B 30 -48.15 -14.13 -30.07
CA GLU B 30 -47.09 -14.98 -30.66
C GLU B 30 -46.33 -15.75 -29.58
N ASP B 31 -46.07 -15.08 -28.47
CA ASP B 31 -45.43 -15.68 -27.30
C ASP B 31 -46.23 -15.25 -26.09
N ASP B 32 -46.65 -16.23 -25.29
CA ASP B 32 -47.49 -15.93 -24.14
C ASP B 32 -46.70 -15.35 -22.95
N ASP B 33 -45.39 -15.62 -22.91
CA ASP B 33 -44.52 -15.07 -21.86
C ASP B 33 -43.81 -13.78 -22.30
N VAL B 34 -44.44 -12.65 -21.96
CA VAL B 34 -43.92 -11.33 -22.33
C VAL B 34 -43.68 -10.46 -21.09
N VAL B 35 -42.44 -9.97 -20.95
CA VAL B 35 -42.10 -8.99 -19.91
C VAL B 35 -41.72 -7.66 -20.56
N VAL B 36 -42.28 -6.57 -20.05
CA VAL B 36 -41.97 -5.25 -20.61
C VAL B 36 -41.01 -4.52 -19.70
N VAL B 37 -40.08 -3.79 -20.30
CA VAL B 37 -39.21 -2.87 -19.58
C VAL B 37 -39.47 -1.51 -20.19
N VAL B 38 -39.69 -0.50 -19.36
CA VAL B 38 -40.04 0.82 -19.88
C VAL B 38 -39.18 1.94 -19.27
N SER B 39 -38.70 2.84 -20.11
CA SER B 39 -38.01 4.05 -19.64
C SER B 39 -38.98 5.11 -19.17
N ALA B 40 -38.45 6.13 -18.51
CA ALA B 40 -39.20 7.33 -18.22
C ALA B 40 -39.62 7.97 -19.54
N MET B 41 -40.75 8.68 -19.51
CA MET B 41 -41.19 9.43 -20.65
C MET B 41 -40.07 10.36 -21.15
N SER B 42 -40.01 10.49 -22.47
CA SER B 42 -39.20 11.47 -23.16
C SER B 42 -38.93 12.68 -22.28
N GLU B 43 -37.65 12.98 -22.07
CA GLU B 43 -37.22 14.26 -21.50
C GLU B 43 -37.44 14.45 -19.97
N VAL B 44 -38.08 13.50 -19.27
CA VAL B 44 -38.35 13.72 -17.85
C VAL B 44 -37.16 13.41 -16.93
N THR B 45 -36.37 12.40 -17.28
CA THR B 45 -35.16 12.11 -16.51
C THR B 45 -34.28 13.35 -16.47
N ASN B 46 -34.04 13.98 -17.62
CA ASN B 46 -33.28 15.24 -17.69
C ASN B 46 -33.84 16.35 -16.79
N ALA B 47 -35.17 16.46 -16.78
CA ALA B 47 -35.86 17.45 -15.96
C ALA B 47 -35.66 17.14 -14.47
N LEU B 48 -35.60 15.85 -14.16
CA LEU B 48 -35.39 15.42 -12.76
C LEU B 48 -33.95 15.65 -12.34
N VAL B 49 -33.01 15.42 -13.26
CA VAL B 49 -31.62 15.78 -13.02
C VAL B 49 -31.53 17.27 -12.65
N GLU B 50 -32.08 18.14 -13.50
CA GLU B 50 -31.88 19.58 -13.33
C GLU B 50 -32.64 20.16 -12.14
N ILE B 51 -33.80 19.61 -11.80
CA ILE B 51 -34.51 20.08 -10.62
C ILE B 51 -33.79 19.66 -9.33
N SER B 52 -33.08 18.53 -9.38
CA SER B 52 -32.25 18.06 -8.25
C SER B 52 -31.16 19.06 -7.93
N GLN B 53 -30.51 19.58 -8.96
CA GLN B 53 -29.46 20.55 -8.81
C GLN B 53 -29.98 21.90 -8.35
N GLN B 54 -31.17 22.29 -8.86
CA GLN B 54 -31.82 23.56 -8.50
C GLN B 54 -32.29 23.55 -7.05
N ALA B 55 -32.94 22.45 -6.65
CA ALA B 55 -33.40 22.31 -5.27
C ALA B 55 -32.21 22.40 -4.29
N LEU B 56 -31.09 21.79 -4.66
CA LEU B 56 -29.87 21.88 -3.86
C LEU B 56 -29.31 23.31 -3.81
N ASP B 57 -28.98 23.85 -4.99
CA ASP B 57 -28.23 25.11 -5.11
C ASP B 57 -29.05 26.37 -4.73
N VAL B 58 -30.02 26.74 -5.57
CA VAL B 58 -30.81 27.96 -5.32
C VAL B 58 -31.82 27.80 -4.16
N ARG B 59 -32.36 26.60 -4.01
CA ARG B 59 -33.26 26.21 -2.90
C ARG B 59 -34.66 26.87 -2.93
N ASP B 60 -35.12 27.21 -4.15
CA ASP B 60 -36.41 27.89 -4.36
C ASP B 60 -37.60 26.92 -4.33
N ILE B 61 -38.45 27.07 -3.31
CA ILE B 61 -39.60 26.17 -3.07
C ILE B 61 -40.67 26.26 -4.16
N ALA B 62 -40.84 27.44 -4.75
CA ALA B 62 -41.85 27.66 -5.80
C ALA B 62 -41.38 27.15 -7.16
N LYS B 63 -40.07 27.04 -7.32
CA LYS B 63 -39.45 26.47 -8.52
C LYS B 63 -39.63 24.97 -8.55
N VAL B 64 -39.62 24.37 -7.37
CA VAL B 64 -40.01 22.97 -7.16
C VAL B 64 -41.49 22.75 -7.50
N GLY B 65 -42.35 23.65 -7.02
CA GLY B 65 -43.78 23.62 -7.30
C GLY B 65 -44.09 23.74 -8.78
N ASP B 66 -43.34 24.59 -9.47
CA ASP B 66 -43.45 24.72 -10.93
C ASP B 66 -43.16 23.38 -11.59
N PHE B 67 -42.10 22.72 -11.12
CA PHE B 67 -41.66 21.43 -11.63
C PHE B 67 -42.70 20.31 -11.43
N ILE B 68 -43.23 20.24 -10.22
CA ILE B 68 -44.26 19.25 -9.90
C ILE B 68 -45.44 19.35 -10.86
N LYS B 69 -45.83 20.58 -11.18
CA LYS B 69 -46.98 20.81 -12.05
C LYS B 69 -46.68 20.43 -13.50
N PHE B 70 -45.47 20.72 -13.95
CA PHE B 70 -45.02 20.26 -15.25
C PHE B 70 -45.09 18.74 -15.34
N ILE B 71 -44.67 18.06 -14.27
CA ILE B 71 -44.71 16.60 -14.22
C ILE B 71 -46.13 16.07 -14.15
N ARG B 72 -46.96 16.72 -13.32
CA ARG B 72 -48.35 16.34 -13.14
C ARG B 72 -49.12 16.43 -14.47
N GLU B 73 -48.95 17.55 -15.17
CA GLU B 73 -49.68 17.80 -16.41
C GLU B 73 -49.19 16.95 -17.57
N LYS B 74 -47.92 16.56 -17.55
CA LYS B 74 -47.38 15.69 -18.59
C LYS B 74 -47.95 14.28 -18.48
N HIS B 75 -48.04 13.78 -17.25
CA HIS B 75 -48.50 12.43 -16.98
C HIS B 75 -50.03 12.28 -16.94
N TYR B 76 -50.71 13.33 -16.48
CA TYR B 76 -52.17 13.39 -16.58
C TYR B 76 -52.62 13.33 -18.04
N LYS B 77 -52.04 14.19 -18.87
CA LYS B 77 -52.36 14.23 -20.30
C LYS B 77 -52.05 12.89 -20.93
N ALA B 78 -51.01 12.22 -20.42
CA ALA B 78 -50.61 10.91 -20.92
C ALA B 78 -51.65 9.86 -20.58
N ILE B 79 -52.06 9.82 -19.31
CA ILE B 79 -53.13 8.90 -18.87
C ILE B 79 -54.39 9.06 -19.73
N GLU B 80 -54.78 10.31 -19.94
CA GLU B 80 -55.98 10.67 -20.71
C GLU B 80 -55.90 10.20 -22.17
N GLU B 81 -54.72 10.27 -22.76
CA GLU B 81 -54.55 9.97 -24.18
C GLU B 81 -54.14 8.53 -24.48
N ALA B 82 -53.90 7.73 -23.42
CA ALA B 82 -53.42 6.36 -23.60
C ALA B 82 -54.45 5.32 -23.22
N ILE B 83 -55.34 5.70 -22.30
CA ILE B 83 -56.31 4.78 -21.72
C ILE B 83 -57.74 5.25 -21.99
N LYS B 84 -58.59 4.33 -22.44
CA LYS B 84 -60.01 4.66 -22.66
C LYS B 84 -60.86 4.49 -21.41
N SER B 85 -60.80 3.32 -20.77
CA SER B 85 -61.57 3.01 -19.57
C SER B 85 -61.41 4.05 -18.47
N GLU B 86 -62.54 4.61 -18.01
CA GLU B 86 -62.55 5.60 -16.93
C GLU B 86 -62.06 5.01 -15.62
N GLU B 87 -62.43 3.76 -15.37
CA GLU B 87 -62.10 3.05 -14.14
C GLU B 87 -60.57 2.89 -14.02
N ILE B 88 -59.92 2.55 -15.14
CA ILE B 88 -58.47 2.37 -15.20
C ILE B 88 -57.71 3.71 -15.10
N LYS B 89 -58.15 4.74 -15.82
CA LYS B 89 -57.58 6.09 -15.69
C LYS B 89 -57.53 6.50 -14.23
N GLU B 90 -58.68 6.38 -13.55
CA GLU B 90 -58.86 6.70 -12.14
C GLU B 90 -57.88 5.90 -11.27
N GLU B 91 -57.63 4.66 -11.66
CA GLU B 91 -56.75 3.73 -10.94
C GLU B 91 -55.27 4.11 -11.10
N VAL B 92 -54.89 4.48 -12.34
CA VAL B 92 -53.52 4.87 -12.67
C VAL B 92 -53.20 6.28 -12.15
N LYS B 93 -54.20 7.16 -12.15
CA LYS B 93 -54.03 8.54 -11.66
C LYS B 93 -53.68 8.56 -10.18
N LYS B 94 -54.24 7.62 -9.42
CA LYS B 94 -53.95 7.50 -8.00
C LYS B 94 -52.50 7.12 -7.75
N ILE B 95 -52.02 6.09 -8.45
CA ILE B 95 -50.62 5.68 -8.38
C ILE B 95 -49.70 6.87 -8.70
N ILE B 96 -49.97 7.55 -9.81
CA ILE B 96 -49.22 8.75 -10.20
C ILE B 96 -49.21 9.80 -9.09
N ASP B 97 -50.36 9.99 -8.44
CA ASP B 97 -50.48 10.98 -7.35
C ASP B 97 -49.66 10.63 -6.11
N SER B 98 -49.63 9.35 -5.75
CA SER B 98 -48.77 8.88 -4.67
C SER B 98 -47.30 9.14 -5.00
N ARG B 99 -46.94 9.04 -6.28
CA ARG B 99 -45.55 9.26 -6.69
C ARG B 99 -45.21 10.74 -6.62
N ILE B 100 -46.12 11.58 -7.12
CA ILE B 100 -45.93 13.02 -7.10
C ILE B 100 -45.83 13.58 -5.67
N GLU B 101 -46.62 13.03 -4.75
CA GLU B 101 -46.53 13.36 -3.32
C GLU B 101 -45.10 13.14 -2.83
N GLU B 102 -44.61 11.92 -3.04
CA GLU B 102 -43.28 11.51 -2.59
C GLU B 102 -42.19 12.36 -3.24
N LEU B 103 -42.32 12.56 -4.55
CA LEU B 103 -41.40 13.41 -5.29
C LEU B 103 -41.32 14.79 -4.65
N GLU B 104 -42.49 15.36 -4.35
CA GLU B 104 -42.59 16.72 -3.82
C GLU B 104 -41.91 16.80 -2.47
N LYS B 105 -42.22 15.84 -1.61
CA LYS B 105 -41.66 15.82 -0.26
C LYS B 105 -40.15 15.76 -0.29
N VAL B 106 -39.61 14.93 -1.18
CA VAL B 106 -38.17 14.75 -1.26
C VAL B 106 -37.45 15.98 -1.80
N LEU B 107 -38.01 16.62 -2.82
CA LEU B 107 -37.42 17.84 -3.35
C LEU B 107 -37.42 18.96 -2.32
N ILE B 108 -38.52 19.09 -1.57
CA ILE B 108 -38.61 20.09 -0.51
C ILE B 108 -37.63 19.75 0.61
N GLY B 109 -37.55 18.46 0.95
CA GLY B 109 -36.57 17.96 1.91
C GLY B 109 -35.14 18.29 1.53
N VAL B 110 -34.83 18.20 0.24
CA VAL B 110 -33.50 18.58 -0.27
C VAL B 110 -33.28 20.10 -0.12
N ALA B 111 -34.26 20.90 -0.52
CA ALA B 111 -34.16 22.36 -0.39
C ALA B 111 -33.93 22.77 1.05
N TYR B 112 -34.68 22.16 1.97
CA TYR B 112 -34.61 22.49 3.40
C TYR B 112 -33.24 22.17 4.02
N LEU B 113 -32.63 21.07 3.56
CA LEU B 113 -31.27 20.67 3.99
C LEU B 113 -30.13 21.34 3.26
N GLY B 114 -30.31 21.64 1.98
CA GLY B 114 -29.21 22.08 1.16
C GLY B 114 -28.22 20.95 0.99
N GLU B 115 -28.73 19.73 0.94
CA GLU B 115 -27.87 18.56 0.73
C GLU B 115 -28.52 17.56 -0.20
N LEU B 116 -27.75 17.15 -1.21
CA LEU B 116 -28.19 16.16 -2.18
C LEU B 116 -27.16 15.06 -2.26
N THR B 117 -27.33 14.04 -1.43
CA THR B 117 -26.44 12.89 -1.43
C THR B 117 -26.67 12.01 -2.67
N PRO B 118 -25.67 11.22 -3.07
CA PRO B 118 -25.87 10.27 -4.17
C PRO B 118 -27.14 9.42 -4.01
N LYS B 119 -27.45 9.03 -2.77
CA LYS B 119 -28.64 8.23 -2.46
C LYS B 119 -29.93 8.97 -2.79
N SER B 120 -30.00 10.24 -2.39
CA SER B 120 -31.16 11.09 -2.69
C SER B 120 -31.34 11.35 -4.20
N ARG B 121 -30.22 11.57 -4.90
CA ARG B 121 -30.24 11.69 -6.36
C ARG B 121 -30.92 10.50 -7.01
N ASP B 122 -30.48 9.29 -6.67
CA ASP B 122 -31.02 8.06 -7.26
C ASP B 122 -32.51 7.96 -6.97
N TYR B 123 -32.89 8.23 -5.73
CA TYR B 123 -34.29 8.19 -5.37
C TYR B 123 -35.09 9.12 -6.28
N ILE B 124 -34.63 10.36 -6.44
CA ILE B 124 -35.32 11.36 -7.26
C ILE B 124 -35.39 10.92 -8.73
N LEU B 125 -34.29 10.41 -9.27
CA LEU B 125 -34.27 10.03 -10.67
C LEU B 125 -35.24 8.87 -10.99
N SER B 126 -35.39 7.95 -10.04
CA SER B 126 -36.19 6.76 -10.25
C SER B 126 -37.67 7.09 -10.52
N PHE B 127 -38.08 8.31 -10.19
CA PHE B 127 -39.47 8.70 -10.35
C PHE B 127 -39.94 8.68 -11.79
N GLY B 128 -39.04 9.02 -12.72
CA GLY B 128 -39.33 8.96 -14.16
C GLY B 128 -39.99 7.66 -14.58
N GLU B 129 -39.27 6.55 -14.41
CA GLU B 129 -39.77 5.21 -14.71
C GLU B 129 -40.94 4.77 -13.81
N ARG B 130 -40.96 5.27 -12.58
CA ARG B 130 -42.01 4.90 -11.63
C ARG B 130 -43.32 5.61 -11.93
N LEU B 131 -43.25 6.67 -12.73
CA LEU B 131 -44.42 7.41 -13.19
C LEU B 131 -44.91 6.93 -14.56
N SER B 132 -44.00 6.43 -15.40
CA SER B 132 -44.38 6.03 -16.76
C SER B 132 -44.87 4.60 -16.79
N SER B 133 -44.26 3.72 -16.00
CA SER B 133 -44.62 2.29 -16.05
C SER B 133 -46.09 2.00 -15.73
N PRO B 134 -46.68 2.67 -14.73
CA PRO B 134 -48.08 2.39 -14.41
C PRO B 134 -49.04 2.84 -15.51
N ILE B 135 -48.64 3.85 -16.27
CA ILE B 135 -49.45 4.35 -17.37
C ILE B 135 -49.44 3.33 -18.51
N LEU B 136 -48.28 2.75 -18.78
CA LEU B 136 -48.18 1.75 -19.83
C LEU B 136 -48.91 0.48 -19.37
N SER B 137 -48.71 0.08 -18.12
CA SER B 137 -49.40 -1.10 -17.56
C SER B 137 -50.91 -0.95 -17.67
N GLY B 138 -51.41 0.26 -17.39
CA GLY B 138 -52.83 0.58 -17.46
C GLY B 138 -53.37 0.51 -18.89
N ALA B 139 -52.53 0.95 -19.84
CA ALA B 139 -52.88 0.92 -21.25
C ALA B 139 -52.92 -0.52 -21.75
N ILE B 140 -52.05 -1.36 -21.19
CA ILE B 140 -52.03 -2.77 -21.54
C ILE B 140 -53.29 -3.45 -21.01
N ARG B 141 -53.72 -3.06 -19.81
CA ARG B 141 -54.97 -3.56 -19.26
C ARG B 141 -56.14 -3.02 -20.08
N ASP B 142 -56.06 -1.77 -20.48
CA ASP B 142 -57.11 -1.15 -21.31
C ASP B 142 -57.38 -1.92 -22.61
N LEU B 143 -56.42 -2.72 -23.03
CA LEU B 143 -56.58 -3.55 -24.22
C LEU B 143 -56.91 -5.00 -23.86
N GLY B 144 -57.46 -5.19 -22.65
CA GLY B 144 -57.97 -6.49 -22.21
C GLY B 144 -56.92 -7.54 -21.89
N GLU B 145 -55.72 -7.08 -21.52
CA GLU B 145 -54.66 -7.99 -21.13
C GLU B 145 -54.24 -7.70 -19.68
N LYS B 146 -53.84 -8.73 -18.96
CA LYS B 146 -53.48 -8.56 -17.55
C LYS B 146 -52.06 -7.99 -17.42
N SER B 147 -51.92 -6.94 -16.61
CA SER B 147 -50.62 -6.29 -16.41
C SER B 147 -50.50 -5.57 -15.06
N ILE B 148 -49.33 -5.67 -14.42
CA ILE B 148 -49.00 -4.82 -13.27
C ILE B 148 -47.64 -4.13 -13.48
N ALA B 149 -47.48 -2.96 -12.87
CA ALA B 149 -46.21 -2.24 -12.88
C ALA B 149 -45.34 -2.65 -11.70
N LEU B 150 -44.08 -2.96 -11.99
CA LEU B 150 -43.08 -3.32 -10.98
C LEU B 150 -41.84 -2.43 -11.05
N GLU B 151 -41.14 -2.33 -9.92
CA GLU B 151 -39.88 -1.61 -9.89
C GLU B 151 -38.73 -2.60 -10.02
N GLY B 152 -37.60 -2.12 -10.51
CA GLY B 152 -36.44 -2.96 -10.80
C GLY B 152 -36.08 -3.90 -9.67
N GLY B 153 -35.99 -3.34 -8.47
CA GLY B 153 -35.65 -4.13 -7.29
C GLY B 153 -36.62 -5.28 -7.06
N GLU B 154 -37.90 -4.95 -6.92
CA GLU B 154 -38.91 -5.98 -6.73
C GLU B 154 -39.09 -6.91 -7.93
N ALA B 155 -38.58 -6.51 -9.09
CA ALA B 155 -38.50 -7.43 -10.23
C ALA B 155 -37.27 -8.35 -10.15
N GLY B 156 -36.44 -8.17 -9.12
CA GLY B 156 -35.31 -9.06 -8.86
C GLY B 156 -33.89 -8.56 -9.17
N ILE B 157 -33.75 -7.27 -9.45
CA ILE B 157 -32.43 -6.67 -9.71
C ILE B 157 -31.84 -6.05 -8.45
N ILE B 158 -30.91 -6.77 -7.83
CA ILE B 158 -30.25 -6.35 -6.59
C ILE B 158 -28.83 -5.86 -6.87
N THR B 159 -28.55 -4.65 -6.42
CA THR B 159 -27.26 -3.99 -6.66
C THR B 159 -26.47 -3.75 -5.37
N ASP B 160 -25.24 -3.29 -5.49
CA ASP B 160 -24.54 -2.73 -4.35
C ASP B 160 -25.11 -1.34 -4.12
N ASN B 161 -24.49 -0.55 -3.25
CA ASN B 161 -24.99 0.79 -3.02
C ASN B 161 -24.05 1.90 -3.48
N ASN B 162 -23.45 1.69 -4.65
CA ASN B 162 -22.71 2.73 -5.29
C ASN B 162 -23.69 3.55 -6.11
N PHE B 163 -24.38 4.46 -5.43
CA PHE B 163 -25.45 5.24 -6.03
C PHE B 163 -24.95 6.09 -7.19
N GLY B 164 -25.75 6.19 -8.25
CA GLY B 164 -25.35 6.89 -9.48
C GLY B 164 -25.04 5.91 -10.61
N SER B 165 -24.32 4.84 -10.27
CA SER B 165 -24.03 3.74 -11.19
C SER B 165 -23.77 2.48 -10.38
N ALA B 166 -24.81 1.99 -9.72
CA ALA B 166 -24.71 0.78 -8.93
C ALA B 166 -24.44 -0.39 -9.84
N ARG B 167 -23.57 -1.30 -9.41
CA ARG B 167 -23.39 -2.52 -10.19
C ARG B 167 -24.19 -3.67 -9.61
N VAL B 168 -24.68 -4.52 -10.50
CA VAL B 168 -25.55 -5.62 -10.16
C VAL B 168 -24.79 -6.69 -9.35
N LYS B 169 -25.36 -7.06 -8.22
CA LYS B 169 -24.79 -8.09 -7.34
C LYS B 169 -25.40 -9.44 -7.64
N ARG B 170 -26.70 -9.46 -7.86
CA ARG B 170 -27.53 -10.63 -7.70
C ARG B 170 -28.81 -10.48 -8.48
N LEU B 171 -29.30 -11.60 -9.01
CA LEU B 171 -30.58 -11.59 -9.70
C LEU B 171 -31.57 -12.58 -9.08
N GLU B 172 -32.82 -12.15 -8.98
CA GLU B 172 -33.91 -13.00 -8.50
C GLU B 172 -35.09 -12.81 -9.44
N VAL B 173 -34.80 -12.77 -10.73
CA VAL B 173 -35.79 -12.40 -11.72
C VAL B 173 -36.79 -13.53 -11.91
N LYS B 174 -36.28 -14.77 -11.97
CA LYS B 174 -37.12 -15.96 -12.02
C LYS B 174 -38.10 -15.97 -10.85
N GLU B 175 -37.56 -15.83 -9.65
CA GLU B 175 -38.32 -15.91 -8.42
C GLU B 175 -39.46 -14.90 -8.35
N ARG B 176 -39.22 -13.69 -8.85
CA ARG B 176 -40.20 -12.61 -8.76
C ARG B 176 -41.19 -12.61 -9.92
N LEU B 177 -40.73 -12.96 -11.11
CA LEU B 177 -41.54 -12.80 -12.32
C LEU B 177 -42.28 -14.06 -12.78
N LEU B 178 -41.68 -15.23 -12.59
CA LEU B 178 -42.32 -16.50 -12.98
C LEU B 178 -43.74 -16.70 -12.43
N PRO B 179 -43.95 -16.48 -11.11
CA PRO B 179 -45.33 -16.57 -10.61
C PRO B 179 -46.30 -15.68 -11.39
N LEU B 180 -45.85 -14.48 -11.75
CA LEU B 180 -46.69 -13.53 -12.47
C LEU B 180 -46.96 -13.95 -13.91
N LEU B 181 -45.97 -14.58 -14.53
CA LEU B 181 -46.10 -15.03 -15.91
C LEU B 181 -47.02 -16.24 -15.99
N LYS B 182 -46.89 -17.13 -15.02
CA LYS B 182 -47.72 -18.32 -14.89
C LYS B 182 -49.20 -17.92 -14.82
N GLU B 183 -49.50 -16.82 -14.16
CA GLU B 183 -50.87 -16.30 -14.10
C GLU B 183 -51.27 -15.58 -15.38
N GLY B 184 -50.36 -15.55 -16.35
CA GLY B 184 -50.61 -14.89 -17.64
C GLY B 184 -50.46 -13.37 -17.62
N ILE B 185 -49.83 -12.85 -16.55
CA ILE B 185 -49.66 -11.40 -16.36
C ILE B 185 -48.46 -10.86 -17.13
N ILE B 186 -48.64 -9.69 -17.77
CA ILE B 186 -47.53 -8.95 -18.39
C ILE B 186 -46.94 -7.94 -17.42
N PRO B 187 -45.76 -8.25 -16.86
CA PRO B 187 -45.14 -7.29 -15.95
C PRO B 187 -44.53 -6.14 -16.73
N VAL B 188 -44.78 -4.94 -16.26
CA VAL B 188 -44.13 -3.75 -16.80
C VAL B 188 -43.08 -3.30 -15.78
N VAL B 189 -41.83 -3.71 -16.03
CA VAL B 189 -40.74 -3.44 -15.12
C VAL B 189 -40.13 -2.09 -15.44
N THR B 190 -39.92 -1.28 -14.41
CA THR B 190 -39.25 0.00 -14.55
C THR B 190 -37.85 -0.21 -15.09
N GLY B 191 -37.43 0.68 -15.97
CA GLY B 191 -36.14 0.62 -16.62
C GLY B 191 -34.95 0.69 -15.68
N PHE B 192 -34.38 1.87 -15.53
CA PHE B 192 -32.97 1.95 -15.14
C PHE B 192 -32.68 1.90 -13.64
N ILE B 193 -33.55 1.24 -12.90
CA ILE B 193 -33.41 1.20 -11.46
C ILE B 193 -33.37 -0.20 -10.89
N GLY B 194 -32.67 -0.35 -9.78
CA GLY B 194 -32.62 -1.60 -9.04
C GLY B 194 -32.73 -1.29 -7.56
N THR B 195 -32.35 -2.25 -6.74
CA THR B 195 -32.47 -2.06 -5.30
C THR B 195 -31.26 -2.59 -4.56
N THR B 196 -30.94 -1.92 -3.45
CA THR B 196 -29.90 -2.36 -2.52
C THR B 196 -30.41 -3.56 -1.74
N GLU B 197 -29.49 -4.30 -1.12
CA GLU B 197 -29.87 -5.42 -0.26
C GLU B 197 -30.93 -5.00 0.77
N GLU B 198 -30.90 -3.75 1.19
CA GLU B 198 -31.84 -3.24 2.19
C GLU B 198 -32.98 -2.42 1.59
N GLY B 199 -33.19 -2.57 0.30
CA GLY B 199 -34.33 -1.95 -0.37
C GLY B 199 -34.18 -0.50 -0.79
N TYR B 200 -32.98 0.07 -0.66
CA TYR B 200 -32.72 1.41 -1.15
C TYR B 200 -32.72 1.44 -2.69
N ILE B 201 -33.53 2.34 -3.26
CA ILE B 201 -33.61 2.53 -4.71
C ILE B 201 -32.28 3.03 -5.28
N THR B 202 -31.95 2.51 -6.46
CA THR B 202 -30.62 2.61 -7.01
C THR B 202 -30.72 2.75 -8.54
N THR B 203 -29.86 3.55 -9.17
CA THR B 203 -29.90 3.67 -10.63
C THR B 203 -28.69 3.01 -11.26
N LEU B 204 -28.86 2.54 -12.50
CA LEU B 204 -27.83 1.74 -13.17
C LEU B 204 -26.94 2.55 -14.12
N GLY B 205 -27.05 3.88 -14.07
CA GLY B 205 -26.33 4.75 -15.00
C GLY B 205 -27.21 5.20 -16.15
N ARG B 206 -26.94 6.37 -16.69
CA ARG B 206 -27.74 6.90 -17.79
C ARG B 206 -27.81 5.96 -18.99
N GLY B 207 -29.01 5.81 -19.55
CA GLY B 207 -29.27 4.90 -20.65
C GLY B 207 -29.42 3.47 -20.18
N GLY B 208 -29.49 3.31 -18.86
CA GLY B 208 -29.52 2.00 -18.24
C GLY B 208 -30.73 1.14 -18.48
N SER B 209 -31.82 1.70 -19.00
CA SER B 209 -33.01 0.91 -19.30
C SER B 209 -32.71 -0.28 -20.21
N ASP B 210 -31.75 -0.11 -21.13
CA ASP B 210 -31.34 -1.19 -22.04
C ASP B 210 -30.74 -2.32 -21.23
N TYR B 211 -29.89 -1.95 -20.28
CA TYR B 211 -29.22 -2.89 -19.40
C TYR B 211 -30.22 -3.67 -18.54
N SER B 212 -31.30 -3.01 -18.11
CA SER B 212 -32.36 -3.68 -17.37
C SER B 212 -32.96 -4.82 -18.19
N ALA B 213 -33.28 -4.51 -19.43
CA ALA B 213 -33.85 -5.48 -20.36
C ALA B 213 -32.95 -6.70 -20.51
N ALA B 214 -31.64 -6.47 -20.59
CA ALA B 214 -30.66 -7.55 -20.74
C ALA B 214 -30.58 -8.39 -19.48
N LEU B 215 -30.55 -7.72 -18.33
CA LEU B 215 -30.60 -8.39 -17.03
C LEU B 215 -31.84 -9.27 -16.86
N ILE B 216 -33.01 -8.71 -17.17
CA ILE B 216 -34.24 -9.48 -17.07
C ILE B 216 -34.23 -10.66 -18.04
N GLY B 217 -33.80 -10.41 -19.28
CA GLY B 217 -33.57 -11.49 -20.23
C GLY B 217 -32.68 -12.59 -19.66
N TYR B 218 -31.48 -12.20 -19.21
CA TYR B 218 -30.54 -13.13 -18.60
C TYR B 218 -31.19 -13.93 -17.47
N GLY B 219 -31.88 -13.24 -16.56
CA GLY B 219 -32.46 -13.88 -15.39
C GLY B 219 -33.51 -14.91 -15.75
N LEU B 220 -34.29 -14.60 -16.79
CA LEU B 220 -35.39 -15.44 -17.25
C LEU B 220 -35.02 -16.47 -18.31
N ASP B 221 -33.74 -16.55 -18.68
CA ASP B 221 -33.33 -17.42 -19.80
C ASP B 221 -34.23 -17.17 -21.00
N ALA B 222 -34.48 -15.90 -21.29
CA ALA B 222 -35.37 -15.48 -22.36
C ALA B 222 -34.89 -15.95 -23.73
N ASP B 223 -35.83 -16.08 -24.66
CA ASP B 223 -35.53 -16.50 -26.01
C ASP B 223 -35.01 -15.33 -26.83
N ILE B 224 -35.43 -14.13 -26.45
CA ILE B 224 -35.04 -12.91 -27.15
C ILE B 224 -35.22 -11.65 -26.28
N ILE B 225 -34.29 -10.71 -26.43
CA ILE B 225 -34.38 -9.38 -25.83
C ILE B 225 -34.62 -8.36 -26.93
N GLU B 226 -35.73 -7.64 -26.86
CA GLU B 226 -36.10 -6.70 -27.91
C GLU B 226 -35.90 -5.27 -27.45
N ILE B 227 -35.11 -4.52 -28.21
CA ILE B 227 -34.87 -3.13 -27.87
C ILE B 227 -35.65 -2.23 -28.83
N TRP B 228 -36.70 -1.59 -28.29
CA TRP B 228 -37.56 -0.75 -29.08
C TRP B 228 -37.20 0.72 -28.85
N THR B 229 -36.83 1.39 -29.94
CA THR B 229 -36.27 2.72 -29.88
C THR B 229 -36.85 3.55 -31.03
N ASP B 230 -36.20 4.67 -31.38
CA ASP B 230 -36.73 5.56 -32.40
C ASP B 230 -35.94 5.56 -33.73
N VAL B 231 -35.21 4.47 -33.97
CA VAL B 231 -34.53 4.23 -35.23
C VAL B 231 -34.58 2.72 -35.50
N SER B 232 -34.45 2.34 -36.78
CA SER B 232 -34.63 0.96 -37.19
C SER B 232 -33.37 0.15 -37.03
N GLY B 233 -32.96 -0.06 -35.78
CA GLY B 233 -31.77 -0.86 -35.47
C GLY B 233 -30.50 -0.05 -35.30
N VAL B 234 -29.36 -0.72 -35.37
CA VAL B 234 -28.07 -0.05 -35.32
C VAL B 234 -27.63 0.33 -36.74
N TYR B 235 -27.31 1.60 -36.91
CA TYR B 235 -26.91 2.13 -38.21
C TYR B 235 -25.39 2.26 -38.34
N THR B 236 -24.92 2.41 -39.57
CA THR B 236 -23.50 2.59 -39.87
C THR B 236 -22.86 3.75 -39.08
N THR B 237 -23.67 4.73 -38.72
CA THR B 237 -23.28 5.75 -37.74
C THR B 237 -24.57 6.37 -37.20
N ASP B 238 -24.47 7.43 -36.40
CA ASP B 238 -25.66 8.09 -35.86
C ASP B 238 -26.44 8.83 -36.96
N PRO B 239 -27.63 8.31 -37.32
CA PRO B 239 -28.41 8.85 -38.42
C PRO B 239 -28.90 10.29 -38.23
N ARG B 240 -28.75 10.83 -37.03
CA ARG B 240 -29.09 12.23 -36.79
C ARG B 240 -27.90 13.16 -37.04
N LEU B 241 -26.72 12.57 -37.22
CA LEU B 241 -25.51 13.31 -37.57
C LEU B 241 -25.19 13.17 -39.06
N VAL B 242 -25.30 11.94 -39.55
CA VAL B 242 -25.07 11.64 -40.96
C VAL B 242 -26.31 10.91 -41.52
N PRO B 243 -27.22 11.67 -42.16
CA PRO B 243 -28.51 11.14 -42.59
C PRO B 243 -28.44 10.05 -43.66
N THR B 244 -27.31 9.90 -44.34
CA THR B 244 -27.12 8.80 -45.30
C THR B 244 -26.71 7.49 -44.63
N ALA B 245 -26.84 7.43 -43.31
CA ALA B 245 -26.46 6.25 -42.54
C ALA B 245 -27.37 5.09 -42.90
N ARG B 246 -26.82 3.88 -42.86
CA ARG B 246 -27.55 2.69 -43.29
C ARG B 246 -27.74 1.68 -42.17
N ARG B 247 -28.92 1.07 -42.13
CA ARG B 247 -29.23 0.04 -41.16
C ARG B 247 -28.29 -1.14 -41.40
N ILE B 248 -27.70 -1.64 -40.31
CA ILE B 248 -26.92 -2.88 -40.37
C ILE B 248 -27.81 -4.01 -39.90
N PRO B 249 -28.19 -4.93 -40.82
CA PRO B 249 -29.10 -6.03 -40.46
C PRO B 249 -28.59 -6.97 -39.35
N LYS B 250 -27.32 -7.31 -39.41
CA LYS B 250 -26.75 -8.31 -38.50
C LYS B 250 -25.44 -7.81 -37.91
N LEU B 251 -25.26 -8.02 -36.60
CA LEU B 251 -24.08 -7.58 -35.89
C LEU B 251 -23.76 -8.61 -34.82
N SER B 252 -22.48 -8.82 -34.55
CA SER B 252 -22.07 -9.72 -33.48
C SER B 252 -22.08 -9.01 -32.11
N TYR B 253 -22.08 -9.79 -31.03
CA TYR B 253 -22.09 -9.23 -29.68
C TYR B 253 -20.95 -8.25 -29.50
N ILE B 254 -19.73 -8.69 -29.77
CA ILE B 254 -18.54 -7.85 -29.60
C ILE B 254 -18.55 -6.57 -30.46
N GLU B 255 -18.99 -6.69 -31.72
CA GLU B 255 -19.11 -5.51 -32.58
C GLU B 255 -20.04 -4.47 -31.97
N ALA B 256 -21.18 -4.93 -31.46
CA ALA B 256 -22.19 -4.04 -30.91
C ALA B 256 -21.70 -3.45 -29.60
N MET B 257 -21.08 -4.28 -28.77
CA MET B 257 -20.56 -3.85 -27.49
C MET B 257 -19.52 -2.75 -27.65
N GLU B 258 -18.64 -2.86 -28.66
CA GLU B 258 -17.60 -1.84 -28.87
C GLU B 258 -18.23 -0.53 -29.34
N LEU B 259 -19.17 -0.63 -30.29
CA LEU B 259 -19.89 0.54 -30.78
C LEU B 259 -20.66 1.28 -29.67
N ALA B 260 -21.41 0.52 -28.88
CA ALA B 260 -22.14 1.09 -27.76
C ALA B 260 -21.18 1.79 -26.80
N TYR B 261 -20.16 1.04 -26.38
CA TYR B 261 -19.13 1.54 -25.49
C TYR B 261 -18.52 2.82 -26.01
N PHE B 262 -18.35 2.89 -27.33
CA PHE B 262 -17.69 4.05 -27.96
C PHE B 262 -18.63 5.07 -28.58
N GLY B 263 -19.90 5.06 -28.20
CA GLY B 263 -20.78 6.19 -28.47
C GLY B 263 -22.04 5.98 -29.30
N ALA B 264 -22.30 4.76 -29.74
CA ALA B 264 -23.56 4.46 -30.39
C ALA B 264 -24.66 4.33 -29.34
N LYS B 265 -25.25 5.46 -28.97
CA LYS B 265 -26.20 5.57 -27.86
C LYS B 265 -27.35 4.55 -27.87
N VAL B 266 -27.76 4.10 -29.05
CA VAL B 266 -28.87 3.12 -29.21
C VAL B 266 -28.86 1.96 -28.24
N LEU B 267 -27.67 1.56 -27.86
CA LEU B 267 -27.51 0.53 -26.86
C LEU B 267 -26.60 1.04 -25.74
N HIS B 268 -27.03 0.84 -24.51
CA HIS B 268 -26.14 1.08 -23.39
C HIS B 268 -25.10 -0.04 -23.48
N PRO B 269 -23.83 0.27 -23.18
CA PRO B 269 -22.80 -0.72 -23.36
C PRO B 269 -23.06 -2.01 -22.55
N ARG B 270 -23.70 -1.88 -21.39
CA ARG B 270 -23.86 -3.05 -20.51
C ARG B 270 -24.95 -4.02 -20.96
N THR B 271 -25.71 -3.63 -21.98
CA THR B 271 -26.74 -4.47 -22.57
C THR B 271 -26.18 -5.78 -23.11
N ILE B 272 -24.98 -5.73 -23.70
CA ILE B 272 -24.49 -6.88 -24.46
C ILE B 272 -24.05 -8.04 -23.57
N GLU B 273 -23.28 -7.75 -22.52
CA GLU B 273 -22.70 -8.81 -21.67
C GLU B 273 -23.62 -9.93 -21.20
N PRO B 274 -24.77 -9.60 -20.57
CA PRO B 274 -25.66 -10.66 -20.11
C PRO B 274 -26.26 -11.47 -21.25
N ALA B 275 -26.62 -10.82 -22.35
CA ALA B 275 -27.17 -11.51 -23.51
C ALA B 275 -26.09 -12.36 -24.18
N MET B 276 -24.89 -11.81 -24.29
CA MET B 276 -23.75 -12.50 -24.88
C MET B 276 -23.48 -13.80 -24.14
N GLU B 277 -23.41 -13.75 -22.82
CA GLU B 277 -22.90 -14.91 -22.07
C GLU B 277 -23.94 -16.02 -21.91
N LYS B 278 -25.15 -15.76 -22.35
CA LYS B 278 -26.14 -16.83 -22.41
C LYS B 278 -26.61 -17.09 -23.85
N GLY B 279 -25.99 -16.42 -24.81
CA GLY B 279 -26.38 -16.52 -26.21
C GLY B 279 -27.83 -16.14 -26.45
N ILE B 280 -28.34 -15.16 -25.72
CA ILE B 280 -29.67 -14.65 -25.99
C ILE B 280 -29.54 -13.53 -27.02
N PRO B 281 -30.22 -13.67 -28.19
CA PRO B 281 -30.14 -12.66 -29.23
C PRO B 281 -30.77 -11.36 -28.79
N ILE B 282 -30.28 -10.25 -29.33
CA ILE B 282 -30.88 -8.93 -29.11
C ILE B 282 -31.41 -8.39 -30.44
N LEU B 283 -32.68 -8.03 -30.45
CA LEU B 283 -33.30 -7.48 -31.64
C LEU B 283 -33.59 -6.02 -31.38
N VAL B 284 -32.92 -5.13 -32.13
CA VAL B 284 -33.17 -3.70 -32.03
C VAL B 284 -34.19 -3.29 -33.09
N LYS B 285 -35.26 -2.62 -32.65
CA LYS B 285 -36.38 -2.24 -33.51
C LYS B 285 -36.84 -0.81 -33.29
N ASN B 286 -37.55 -0.27 -34.29
CA ASN B 286 -38.06 1.08 -34.26
C ASN B 286 -39.53 1.00 -33.89
N THR B 287 -39.93 1.72 -32.85
CA THR B 287 -41.33 1.68 -32.44
C THR B 287 -42.19 2.46 -33.43
N PHE B 288 -41.57 3.44 -34.07
CA PHE B 288 -42.25 4.31 -35.04
C PHE B 288 -42.23 3.73 -36.45
N GLU B 289 -41.54 2.61 -36.65
CA GLU B 289 -41.56 1.90 -37.91
C GLU B 289 -41.45 0.40 -37.64
N PRO B 290 -42.49 -0.19 -36.99
CA PRO B 290 -42.40 -1.53 -36.38
C PRO B 290 -42.29 -2.68 -37.37
N GLU B 291 -42.39 -2.36 -38.67
CA GLU B 291 -42.30 -3.37 -39.72
C GLU B 291 -40.86 -3.66 -40.18
N SER B 292 -39.96 -2.71 -39.89
CA SER B 292 -38.54 -2.90 -40.23
C SER B 292 -37.88 -4.07 -39.50
N GLU B 293 -37.04 -4.79 -40.23
CA GLU B 293 -36.32 -5.97 -39.71
C GLU B 293 -35.32 -5.58 -38.62
N GLY B 294 -34.83 -4.33 -38.68
CA GLY B 294 -33.93 -3.78 -37.67
C GLY B 294 -32.56 -4.42 -37.66
N THR B 295 -32.02 -4.65 -36.46
CA THR B 295 -30.70 -5.22 -36.30
C THR B 295 -30.76 -6.42 -35.35
N LEU B 296 -30.23 -7.55 -35.79
CA LEU B 296 -30.15 -8.74 -34.96
C LEU B 296 -28.73 -8.95 -34.46
N ILE B 297 -28.59 -9.02 -33.14
CA ILE B 297 -27.29 -9.17 -32.51
C ILE B 297 -27.16 -10.55 -31.91
N THR B 298 -26.25 -11.35 -32.48
CA THR B 298 -26.03 -12.75 -32.07
C THR B 298 -24.53 -13.04 -32.06
N ASN B 299 -24.20 -14.33 -32.06
CA ASN B 299 -22.80 -14.80 -32.10
C ASN B 299 -22.15 -14.74 -33.48
N ASP B 300 -22.98 -14.79 -34.52
CA ASP B 300 -22.51 -14.85 -35.89
C ASP B 300 -21.65 -13.65 -36.25
N MET B 301 -20.54 -13.92 -36.93
CA MET B 301 -19.62 -12.87 -37.35
C MET B 301 -19.25 -13.02 -38.83
N GLU B 302 -19.56 -11.96 -39.60
CA GLU B 302 -19.20 -11.88 -41.00
C GLU B 302 -18.36 -10.63 -41.25
N MET B 303 -17.19 -10.80 -41.85
CA MET B 303 -16.38 -9.66 -42.30
C MET B 303 -17.03 -8.94 -43.49
N SER B 304 -16.93 -7.62 -43.49
CA SER B 304 -17.40 -6.81 -44.61
C SER B 304 -16.23 -6.65 -45.60
N ASP B 305 -16.55 -6.26 -46.84
CA ASP B 305 -15.51 -6.04 -47.86
C ASP B 305 -14.56 -4.91 -47.42
N SER B 306 -15.15 -3.74 -47.14
CA SER B 306 -14.38 -2.58 -46.74
C SER B 306 -13.94 -2.62 -45.27
N ILE B 307 -14.40 -3.67 -44.56
CA ILE B 307 -13.96 -4.00 -43.18
C ILE B 307 -14.59 -3.14 -42.07
N VAL B 308 -14.42 -1.82 -42.17
CA VAL B 308 -15.14 -0.88 -41.31
C VAL B 308 -16.63 -1.03 -41.59
N LYS B 309 -17.39 -1.38 -40.55
CA LYS B 309 -18.84 -1.57 -40.68
C LYS B 309 -19.63 -0.42 -40.10
N ALA B 310 -19.04 0.28 -39.12
CA ALA B 310 -19.70 1.37 -38.41
C ALA B 310 -18.75 2.38 -37.76
N ILE B 311 -19.25 3.58 -37.48
CA ILE B 311 -18.48 4.65 -36.87
C ILE B 311 -19.25 5.26 -35.71
N SER B 312 -18.63 5.33 -34.54
CA SER B 312 -19.24 5.96 -33.39
C SER B 312 -18.36 7.07 -32.83
N THR B 313 -18.97 8.00 -32.11
CA THR B 313 -18.23 9.11 -31.53
C THR B 313 -18.68 9.36 -30.09
N ILE B 314 -17.76 9.87 -29.27
CA ILE B 314 -18.11 10.40 -27.95
C ILE B 314 -17.58 11.83 -27.87
N LYS B 315 -18.50 12.77 -27.72
CA LYS B 315 -18.19 14.19 -27.68
C LYS B 315 -17.73 14.60 -26.29
N ASN B 316 -18.38 14.06 -25.25
CA ASN B 316 -18.13 14.47 -23.86
C ASN B 316 -16.90 13.83 -23.23
N VAL B 317 -15.73 14.05 -23.83
CA VAL B 317 -14.49 13.51 -23.28
C VAL B 317 -13.41 14.56 -23.20
N ALA B 318 -12.35 14.26 -22.44
CA ALA B 318 -11.18 15.12 -22.41
C ALA B 318 -9.91 14.30 -22.61
N LEU B 319 -8.94 14.91 -23.27
CA LEU B 319 -7.62 14.33 -23.43
C LEU B 319 -6.74 14.81 -22.28
N ILE B 320 -6.20 13.86 -21.53
CA ILE B 320 -5.29 14.21 -20.46
C ILE B 320 -3.93 13.66 -20.78
N ASN B 321 -2.96 14.56 -20.90
CA ASN B 321 -1.59 14.15 -21.14
C ASN B 321 -0.72 14.33 -19.91
N ILE B 322 -0.31 13.21 -19.32
CA ILE B 322 0.57 13.25 -18.19
C ILE B 322 2.01 13.22 -18.69
N PHE B 323 2.77 14.21 -18.26
CA PHE B 323 4.17 14.32 -18.62
C PHE B 323 5.04 13.69 -17.54
N GLY B 324 5.77 12.62 -17.92
CA GLY B 324 6.66 11.91 -17.01
C GLY B 324 7.97 12.66 -16.76
N ALA B 325 8.72 12.18 -15.77
CA ALA B 325 9.98 12.82 -15.36
C ALA B 325 11.22 12.16 -15.94
N GLY B 326 11.09 11.52 -17.11
CA GLY B 326 12.20 10.83 -17.76
C GLY B 326 12.11 9.32 -17.67
N MET B 327 13.28 8.68 -17.62
CA MET B 327 13.40 7.22 -17.63
C MET B 327 13.14 6.65 -16.26
N VAL B 328 11.90 6.74 -15.80
CA VAL B 328 11.60 6.47 -14.40
C VAL B 328 10.83 5.16 -14.18
N GLY B 329 10.63 4.42 -15.27
CA GLY B 329 9.97 3.11 -15.23
C GLY B 329 8.49 3.22 -15.49
N VAL B 330 8.05 2.78 -16.67
CA VAL B 330 6.66 3.05 -17.06
C VAL B 330 5.64 2.28 -16.23
N SER B 331 5.89 1.00 -15.92
CA SER B 331 4.89 0.24 -15.15
C SER B 331 4.76 0.73 -13.72
N GLY B 332 5.86 1.17 -13.14
CA GLY B 332 5.86 1.71 -11.79
C GLY B 332 5.03 2.98 -11.68
N THR B 333 5.25 3.92 -12.61
CA THR B 333 4.53 5.19 -12.56
C THR B 333 3.09 5.00 -13.07
N ALA B 334 2.88 4.04 -13.96
CA ALA B 334 1.52 3.73 -14.40
C ALA B 334 0.74 3.15 -13.24
N ALA B 335 1.41 2.37 -12.39
CA ALA B 335 0.75 1.79 -11.21
C ALA B 335 0.18 2.88 -10.33
N ARG B 336 0.94 3.95 -10.15
CA ARG B 336 0.55 5.02 -9.27
C ARG B 336 -0.46 5.98 -9.92
N ILE B 337 -0.33 6.19 -11.22
CA ILE B 337 -1.33 6.96 -11.97
C ILE B 337 -2.72 6.32 -11.88
N PHE B 338 -2.82 5.03 -12.18
CA PHE B 338 -4.13 4.39 -12.24
C PHE B 338 -4.71 4.02 -10.87
N LYS B 339 -3.85 3.86 -9.87
CA LYS B 339 -4.31 3.73 -8.48
C LYS B 339 -5.09 4.99 -8.10
N ALA B 340 -4.47 6.14 -8.33
CA ALA B 340 -5.04 7.43 -7.95
C ALA B 340 -6.33 7.69 -8.69
N LEU B 341 -6.31 7.47 -10.00
CA LEU B 341 -7.50 7.63 -10.83
C LEU B 341 -8.60 6.63 -10.46
N GLY B 342 -8.21 5.38 -10.17
CA GLY B 342 -9.15 4.33 -9.79
C GLY B 342 -9.82 4.62 -8.47
N GLU B 343 -9.03 5.14 -7.52
CA GLU B 343 -9.54 5.53 -6.20
C GLU B 343 -10.61 6.58 -6.34
N GLU B 344 -10.36 7.56 -7.20
CA GLU B 344 -11.29 8.67 -7.42
C GLU B 344 -12.46 8.28 -8.36
N GLU B 345 -12.50 7.00 -8.74
CA GLU B 345 -13.52 6.46 -9.65
C GLU B 345 -13.58 7.18 -11.01
N VAL B 346 -12.43 7.69 -11.45
CA VAL B 346 -12.32 8.33 -12.75
C VAL B 346 -12.43 7.29 -13.85
N ASN B 347 -13.29 7.58 -14.82
CA ASN B 347 -13.54 6.66 -15.91
C ASN B 347 -12.62 6.93 -17.11
N VAL B 348 -11.60 6.09 -17.30
CA VAL B 348 -10.72 6.23 -18.46
C VAL B 348 -11.16 5.36 -19.66
N ILE B 349 -11.29 6.00 -20.82
CA ILE B 349 -11.80 5.37 -22.05
C ILE B 349 -10.68 4.83 -22.95
N LEU B 350 -9.50 5.44 -22.86
CA LEU B 350 -8.41 5.17 -23.80
C LEU B 350 -7.05 5.42 -23.16
N ILE B 351 -6.09 4.53 -23.39
CA ILE B 351 -4.73 4.71 -22.90
C ILE B 351 -3.75 4.51 -24.04
N SER B 352 -2.69 5.31 -24.05
CA SER B 352 -1.57 5.11 -24.94
C SER B 352 -0.27 5.60 -24.27
N GLN B 353 0.77 4.77 -24.31
CA GLN B 353 2.08 5.13 -23.82
C GLN B 353 3.17 4.56 -24.75
N GLY B 354 4.04 5.44 -25.21
CA GLY B 354 5.13 5.10 -26.11
C GLY B 354 6.03 6.31 -26.12
N SER B 355 6.83 6.44 -25.07
CA SER B 355 7.57 7.66 -24.81
C SER B 355 8.72 7.42 -23.87
N SER B 356 9.91 7.88 -24.24
CA SER B 356 11.10 7.75 -23.41
C SER B 356 11.01 8.60 -22.14
N GLU B 357 10.10 9.56 -22.13
CA GLU B 357 9.93 10.41 -20.95
C GLU B 357 8.91 9.87 -19.96
N THR B 358 8.33 8.72 -20.27
CA THR B 358 7.29 8.08 -19.44
C THR B 358 6.00 8.90 -19.44
N ASN B 359 5.80 9.70 -20.48
CA ASN B 359 4.51 10.32 -20.74
C ASN B 359 3.46 9.26 -21.02
N ILE B 360 2.21 9.63 -20.78
CA ILE B 360 1.10 8.76 -21.07
C ILE B 360 -0.08 9.64 -21.48
N SER B 361 -0.89 9.14 -22.40
CA SER B 361 -2.08 9.83 -22.88
C SER B 361 -3.32 9.06 -22.44
N LEU B 362 -4.28 9.79 -21.88
CA LEU B 362 -5.52 9.20 -21.43
C LEU B 362 -6.70 9.98 -21.97
N VAL B 363 -7.79 9.29 -22.20
CA VAL B 363 -9.09 9.92 -22.47
C VAL B 363 -10.04 9.61 -21.33
N VAL B 364 -10.57 10.65 -20.72
CA VAL B 364 -11.50 10.48 -19.60
C VAL B 364 -12.80 11.18 -19.92
N SER B 365 -13.80 10.98 -19.05
CA SER B 365 -15.19 11.37 -19.31
C SER B 365 -15.53 12.88 -19.29
N GLU B 366 -14.52 13.74 -19.26
CA GLU B 366 -14.73 15.20 -19.27
C GLU B 366 -15.29 15.78 -17.97
N GLU B 367 -16.39 15.23 -17.48
CA GLU B 367 -16.85 15.65 -16.15
C GLU B 367 -15.91 15.13 -15.05
N ASP B 368 -15.09 14.15 -15.38
CA ASP B 368 -14.13 13.56 -14.45
C ASP B 368 -12.77 14.26 -14.38
N VAL B 369 -12.58 15.29 -15.19
CA VAL B 369 -11.31 16.01 -15.23
C VAL B 369 -10.87 16.52 -13.84
N ASP B 370 -11.78 17.17 -13.11
CA ASP B 370 -11.42 17.74 -11.79
C ASP B 370 -11.06 16.68 -10.77
N LYS B 371 -11.86 15.61 -10.70
CA LYS B 371 -11.55 14.44 -9.88
C LYS B 371 -10.17 13.86 -10.24
N ALA B 372 -9.86 13.86 -11.54
CA ALA B 372 -8.62 13.30 -12.04
C ALA B 372 -7.39 14.09 -11.62
N LEU B 373 -7.47 15.41 -11.74
CA LEU B 373 -6.37 16.28 -11.35
C LEU B 373 -6.17 16.28 -9.83
N LYS B 374 -7.26 16.28 -9.09
CA LYS B 374 -7.25 16.22 -7.63
C LYS B 374 -6.61 14.91 -7.16
N ALA B 375 -6.89 13.83 -7.87
CA ALA B 375 -6.32 12.52 -7.53
C ALA B 375 -4.82 12.44 -7.80
N LEU B 376 -4.41 13.02 -8.94
CA LEU B 376 -3.00 13.02 -9.35
C LEU B 376 -2.17 13.91 -8.46
N LYS B 377 -2.73 15.06 -8.07
CA LYS B 377 -2.05 15.97 -7.15
C LYS B 377 -1.88 15.34 -5.75
N ARG B 378 -2.90 14.61 -5.28
CA ARG B 378 -2.81 13.90 -4.01
C ARG B 378 -1.76 12.78 -4.03
N GLU B 379 -1.62 12.10 -5.16
CA GLU B 379 -0.68 10.97 -5.30
C GLU B 379 0.78 11.40 -5.48
N PHE B 380 1.01 12.46 -6.24
CA PHE B 380 2.38 12.86 -6.61
C PHE B 380 2.88 14.13 -5.92
N GLY B 381 1.98 14.93 -5.37
CA GLY B 381 2.36 16.15 -4.65
C GLY B 381 2.85 17.24 -5.58
N ASP B 382 4.03 17.77 -5.27
CA ASP B 382 4.69 18.81 -6.10
C ASP B 382 6.20 18.56 -6.19
N PHE B 388 16.78 14.69 -12.72
CA PHE B 388 17.00 13.27 -13.06
C PHE B 388 17.67 12.47 -11.93
N LEU B 389 18.41 13.16 -11.07
CA LEU B 389 18.93 12.57 -9.83
C LEU B 389 17.77 12.53 -8.83
N ASN B 390 16.76 13.33 -9.12
CA ASN B 390 15.53 13.41 -8.36
C ASN B 390 14.77 12.09 -8.40
N ASN B 391 13.94 11.87 -7.38
CA ASN B 391 13.16 10.64 -7.26
C ASN B 391 11.77 10.75 -7.91
N ASN B 392 11.38 11.97 -8.24
CA ASN B 392 10.06 12.30 -8.78
C ASN B 392 9.69 11.54 -10.06
N LEU B 393 8.42 11.17 -10.19
CA LEU B 393 7.93 10.37 -11.30
C LEU B 393 7.20 11.19 -12.39
N ILE B 394 6.44 12.20 -11.96
CA ILE B 394 5.64 13.04 -12.86
C ILE B 394 6.23 14.46 -12.92
N ARG B 395 6.10 15.11 -14.07
CA ARG B 395 6.69 16.43 -14.29
C ARG B 395 5.63 17.53 -14.38
N ASP B 396 4.48 17.19 -14.98
CA ASP B 396 3.42 18.14 -15.30
C ASP B 396 2.25 17.37 -15.87
N VAL B 397 1.10 18.04 -16.08
CA VAL B 397 -0.07 17.40 -16.68
C VAL B 397 -0.98 18.42 -17.36
N SER B 398 -1.23 18.25 -18.65
CA SER B 398 -2.14 19.11 -19.40
C SER B 398 -3.47 18.46 -19.80
N VAL B 399 -4.52 19.28 -19.86
CA VAL B 399 -5.84 18.82 -20.27
C VAL B 399 -6.32 19.56 -21.52
N ASP B 400 -7.03 18.85 -22.38
CA ASP B 400 -7.68 19.45 -23.53
C ASP B 400 -9.09 18.90 -23.59
N LYS B 401 -10.06 19.76 -23.29
CA LYS B 401 -11.47 19.36 -23.22
C LYS B 401 -12.17 19.46 -24.57
N ASP B 402 -11.60 20.24 -25.49
CA ASP B 402 -12.21 20.47 -26.81
C ASP B 402 -11.82 19.40 -27.82
N VAL B 403 -12.23 18.17 -27.51
CA VAL B 403 -11.66 17.00 -28.13
C VAL B 403 -12.74 15.95 -28.15
N CYS B 404 -12.65 15.01 -29.10
CA CYS B 404 -13.59 13.89 -29.16
C CYS B 404 -12.88 12.58 -29.49
N VAL B 405 -13.56 11.45 -29.25
CA VAL B 405 -13.07 10.13 -29.61
C VAL B 405 -13.92 9.62 -30.76
N ILE B 406 -13.27 9.29 -31.87
CA ILE B 406 -13.92 8.59 -32.95
C ILE B 406 -13.47 7.13 -32.95
N SER B 407 -14.42 6.22 -33.03
CA SER B 407 -14.14 4.81 -33.14
C SER B 407 -14.69 4.25 -34.43
N VAL B 408 -14.01 3.23 -34.93
CA VAL B 408 -14.37 2.57 -36.15
C VAL B 408 -14.41 1.09 -35.82
N VAL B 409 -15.55 0.45 -36.11
CA VAL B 409 -15.80 -0.92 -35.66
C VAL B 409 -16.10 -1.88 -36.82
N GLY B 410 -15.50 -3.08 -36.78
CA GLY B 410 -15.74 -4.09 -37.81
C GLY B 410 -15.06 -5.43 -37.58
N ALA B 411 -15.73 -6.49 -38.03
CA ALA B 411 -15.36 -7.89 -37.74
C ALA B 411 -13.88 -8.27 -37.74
N GLY B 412 -13.12 -7.93 -38.76
CA GLY B 412 -11.73 -8.39 -38.79
C GLY B 412 -10.67 -7.30 -38.64
N MET B 413 -11.02 -6.26 -37.86
CA MET B 413 -10.25 -5.01 -37.81
C MET B 413 -8.77 -5.16 -37.51
N ARG B 414 -8.46 -5.76 -36.36
CA ARG B 414 -7.08 -5.92 -35.92
C ARG B 414 -6.25 -6.67 -36.95
N GLY B 415 -6.82 -7.75 -37.48
CA GLY B 415 -6.13 -8.61 -38.45
C GLY B 415 -6.01 -8.09 -39.88
N ALA B 416 -6.86 -7.12 -40.23
CA ALA B 416 -6.98 -6.65 -41.63
C ALA B 416 -5.81 -5.79 -42.09
N LYS B 417 -5.02 -6.34 -43.01
CA LYS B 417 -3.89 -5.65 -43.60
C LYS B 417 -4.33 -4.35 -44.30
N GLY B 418 -3.64 -3.26 -43.99
CA GLY B 418 -3.83 -2.00 -44.70
C GLY B 418 -4.93 -1.09 -44.22
N ILE B 419 -5.74 -1.53 -43.26
CA ILE B 419 -6.94 -0.77 -42.87
C ILE B 419 -6.61 0.49 -42.04
N ALA B 420 -5.57 0.38 -41.21
CA ALA B 420 -5.13 1.52 -40.40
C ALA B 420 -4.76 2.69 -41.29
N GLY B 421 -3.91 2.43 -42.28
CA GLY B 421 -3.52 3.43 -43.26
C GLY B 421 -4.68 4.08 -43.99
N LYS B 422 -5.65 3.26 -44.39
CA LYS B 422 -6.85 3.79 -45.05
C LYS B 422 -7.61 4.72 -44.12
N ILE B 423 -7.86 4.23 -42.90
CA ILE B 423 -8.59 5.01 -41.89
C ILE B 423 -7.92 6.36 -41.65
N PHE B 424 -6.61 6.32 -41.43
CA PHE B 424 -5.90 7.54 -41.08
C PHE B 424 -5.65 8.52 -42.22
N THR B 425 -5.37 8.04 -43.44
CA THR B 425 -5.34 8.98 -44.58
C THR B 425 -6.71 9.64 -44.73
N ALA B 426 -7.78 8.84 -44.58
CA ALA B 426 -9.13 9.38 -44.62
C ALA B 426 -9.34 10.47 -43.57
N VAL B 427 -8.90 10.22 -42.34
CA VAL B 427 -9.03 11.19 -41.26
C VAL B 427 -8.32 12.50 -41.62
N SER B 428 -7.10 12.37 -42.12
CA SER B 428 -6.31 13.51 -42.55
C SER B 428 -7.03 14.31 -43.64
N GLU B 429 -7.53 13.62 -44.66
CA GLU B 429 -8.24 14.26 -45.77
C GLU B 429 -9.51 14.98 -45.34
N SER B 430 -10.05 14.63 -44.18
CA SER B 430 -11.21 15.32 -43.63
C SER B 430 -10.83 16.69 -43.04
N GLY B 431 -9.53 16.93 -42.86
CA GLY B 431 -9.07 18.15 -42.20
C GLY B 431 -8.81 18.00 -40.71
N ALA B 432 -8.85 16.77 -40.21
CA ALA B 432 -8.64 16.52 -38.80
C ALA B 432 -7.17 16.22 -38.50
N ASN B 433 -6.77 16.60 -37.29
CA ASN B 433 -5.43 16.36 -36.78
C ASN B 433 -5.48 15.35 -35.63
N ILE B 434 -4.79 14.22 -35.78
CA ILE B 434 -4.89 13.14 -34.80
C ILE B 434 -4.00 13.32 -33.57
N LYS B 435 -4.63 13.34 -32.40
CA LYS B 435 -3.95 13.60 -31.14
C LYS B 435 -3.58 12.32 -30.37
N MET B 436 -4.23 11.21 -30.72
CA MET B 436 -4.04 9.93 -30.03
C MET B 436 -4.60 8.80 -30.88
N ILE B 437 -3.93 7.66 -30.88
CA ILE B 437 -4.43 6.45 -31.54
C ILE B 437 -4.40 5.27 -30.58
N ALA B 438 -5.49 4.52 -30.54
CA ALA B 438 -5.49 3.22 -29.85
C ALA B 438 -5.80 2.09 -30.81
N GLN B 439 -4.88 1.14 -30.91
CA GLN B 439 -5.09 -0.05 -31.72
C GLN B 439 -4.31 -1.19 -31.09
N GLY B 440 -4.90 -2.37 -31.08
CA GLY B 440 -4.24 -3.56 -30.56
C GLY B 440 -5.01 -4.33 -29.51
N SER B 441 -5.72 -3.61 -28.64
CA SER B 441 -6.41 -4.24 -27.52
C SER B 441 -7.80 -4.78 -27.88
N SER B 442 -8.27 -4.44 -29.07
CA SER B 442 -9.57 -4.91 -29.54
C SER B 442 -9.47 -5.64 -30.89
N GLU B 443 -10.20 -6.74 -31.00
CA GLU B 443 -10.32 -7.51 -32.24
C GLU B 443 -11.00 -6.71 -33.33
N VAL B 444 -11.94 -5.84 -32.95
CA VAL B 444 -12.85 -5.20 -33.91
C VAL B 444 -12.84 -3.66 -33.90
N ASN B 445 -11.97 -3.05 -33.12
CA ASN B 445 -12.06 -1.60 -32.92
C ASN B 445 -10.75 -0.87 -33.07
N ILE B 446 -10.82 0.30 -33.71
CA ILE B 446 -9.73 1.27 -33.73
C ILE B 446 -10.32 2.61 -33.31
N SER B 447 -9.74 3.21 -32.27
CA SER B 447 -10.18 4.50 -31.79
C SER B 447 -9.06 5.53 -31.92
N PHE B 448 -9.45 6.79 -32.12
CA PHE B 448 -8.49 7.87 -32.17
C PHE B 448 -9.14 9.14 -31.66
N VAL B 449 -8.31 10.15 -31.39
CA VAL B 449 -8.77 11.40 -30.82
C VAL B 449 -8.45 12.55 -31.78
N ILE B 450 -9.44 13.40 -32.02
CA ILE B 450 -9.27 14.60 -32.81
C ILE B 450 -9.92 15.80 -32.11
N ASP B 451 -9.75 17.00 -32.66
CA ASP B 451 -10.42 18.20 -32.14
C ASP B 451 -11.93 18.08 -32.27
N GLU B 452 -12.65 18.61 -31.27
CA GLU B 452 -14.11 18.54 -31.25
C GLU B 452 -14.75 19.15 -32.48
N LYS B 453 -14.17 20.24 -32.97
CA LYS B 453 -14.64 20.96 -34.17
C LYS B 453 -14.59 20.15 -35.47
N ASP B 454 -13.72 19.16 -35.56
CA ASP B 454 -13.60 18.34 -36.78
C ASP B 454 -14.44 17.07 -36.76
N LEU B 455 -15.22 16.88 -35.70
CA LEU B 455 -16.02 15.65 -35.52
C LEU B 455 -16.88 15.36 -36.75
N LEU B 456 -17.82 16.27 -37.03
CA LEU B 456 -18.77 16.09 -38.15
C LEU B 456 -18.08 15.76 -39.46
N ASN B 457 -17.12 16.59 -39.85
CA ASN B 457 -16.40 16.40 -41.09
C ASN B 457 -15.68 15.08 -41.15
N CYS B 458 -15.06 14.68 -40.04
CA CYS B 458 -14.32 13.41 -39.97
C CYS B 458 -15.23 12.20 -40.15
N VAL B 459 -16.33 12.18 -39.39
CA VAL B 459 -17.32 11.10 -39.50
C VAL B 459 -17.87 10.98 -40.93
N ARG B 460 -18.20 12.12 -41.54
CA ARG B 460 -18.68 12.14 -42.92
C ARG B 460 -17.69 11.47 -43.87
N LYS B 461 -16.42 11.92 -43.84
CA LYS B 461 -15.40 11.38 -44.74
C LYS B 461 -15.22 9.88 -44.53
N LEU B 462 -15.15 9.47 -43.27
CA LEU B 462 -15.09 8.06 -42.91
C LEU B 462 -16.29 7.28 -43.46
N HIS B 463 -17.47 7.85 -43.30
CA HIS B 463 -18.71 7.22 -43.79
C HIS B 463 -18.68 7.08 -45.33
N GLU B 464 -18.30 8.17 -46.01
CA GLU B 464 -18.16 8.17 -47.46
C GLU B 464 -17.24 7.08 -47.97
N LYS B 465 -16.02 7.02 -47.44
CA LYS B 465 -15.03 6.08 -47.94
C LYS B 465 -15.38 4.60 -47.69
N PHE B 466 -15.91 4.29 -46.51
CA PHE B 466 -16.11 2.90 -46.12
C PHE B 466 -17.51 2.33 -46.34
N ILE B 467 -18.52 3.19 -46.30
CA ILE B 467 -19.90 2.72 -46.31
C ILE B 467 -20.61 2.99 -47.63
N GLU B 468 -20.45 4.21 -48.15
CA GLU B 468 -21.14 4.66 -49.35
C GLU B 468 -20.38 4.31 -50.63
N LYS B 469 -19.07 4.61 -50.64
CA LYS B 469 -18.17 4.42 -51.81
C LYS B 469 -18.61 5.22 -53.04
N THR C 1 5.84 -45.10 21.01
CA THR C 1 6.79 -44.33 20.15
C THR C 1 7.44 -43.24 21.00
N THR C 2 8.76 -43.29 21.07
CA THR C 2 9.53 -42.37 21.88
C THR C 2 10.57 -41.69 21.01
N VAL C 3 10.51 -40.36 20.96
CA VAL C 3 11.58 -39.59 20.36
C VAL C 3 12.45 -38.98 21.47
N MET C 4 13.76 -39.17 21.35
CA MET C 4 14.72 -38.71 22.35
C MET C 4 15.71 -37.77 21.70
N LYS C 5 15.84 -36.56 22.26
CA LYS C 5 16.72 -35.55 21.70
C LYS C 5 17.90 -35.29 22.63
N PHE C 6 19.09 -35.22 22.06
CA PHE C 6 20.29 -34.99 22.86
C PHE C 6 21.06 -33.74 22.44
N GLY C 7 21.31 -32.87 23.40
CA GLY C 7 21.95 -31.59 23.13
C GLY C 7 23.45 -31.62 22.93
N GLY C 8 24.02 -30.45 22.70
CA GLY C 8 25.44 -30.29 22.44
C GLY C 8 26.34 -30.89 23.49
N THR C 9 26.18 -30.45 24.74
CA THR C 9 27.04 -30.94 25.81
C THR C 9 26.81 -32.42 26.07
N SER C 10 25.55 -32.86 25.92
CA SER C 10 25.22 -34.28 26.06
C SER C 10 26.07 -35.17 25.16
N VAL C 11 26.50 -34.64 24.01
CA VAL C 11 27.36 -35.40 23.10
C VAL C 11 28.70 -34.68 22.89
N GLY C 12 29.16 -33.99 23.93
CA GLY C 12 30.37 -33.15 23.85
C GLY C 12 31.69 -33.87 23.71
N SER C 13 31.65 -35.21 23.77
CA SER C 13 32.84 -36.06 23.62
C SER C 13 32.41 -37.49 23.27
N GLY C 14 33.38 -38.29 22.82
CA GLY C 14 33.13 -39.68 22.43
C GLY C 14 32.55 -40.46 23.60
N GLU C 15 33.14 -40.25 24.78
CA GLU C 15 32.69 -40.89 26.01
C GLU C 15 31.20 -40.58 26.26
N ARG C 16 30.84 -39.30 26.17
CA ARG C 16 29.45 -38.86 26.35
C ARG C 16 28.49 -39.44 25.30
N ILE C 17 28.96 -39.50 24.04
CA ILE C 17 28.20 -40.12 22.96
C ILE C 17 27.87 -41.58 23.26
N ARG C 18 28.87 -42.33 23.73
CA ARG C 18 28.69 -43.73 24.12
C ARG C 18 27.64 -43.82 25.24
N HIS C 19 27.80 -42.96 26.25
CA HIS C 19 26.86 -42.85 27.38
C HIS C 19 25.44 -42.58 26.91
N VAL C 20 25.30 -41.69 25.94
CA VAL C 20 24.01 -41.39 25.31
C VAL C 20 23.47 -42.63 24.58
N ALA C 21 24.34 -43.29 23.83
CA ALA C 21 23.96 -44.50 23.09
C ALA C 21 23.42 -45.57 24.02
N LYS C 22 24.03 -45.70 25.19
CA LYS C 22 23.53 -46.59 26.22
C LYS C 22 22.13 -46.19 26.68
N ILE C 23 21.93 -44.90 26.96
CA ILE C 23 20.61 -44.40 27.37
C ILE C 23 19.55 -44.79 26.36
N VAL C 24 19.83 -44.52 25.09
CA VAL C 24 18.91 -44.85 23.99
C VAL C 24 18.64 -46.34 23.94
N THR C 25 19.69 -47.13 24.10
CA THR C 25 19.63 -48.58 23.95
C THR C 25 18.79 -49.23 25.07
N LYS C 26 18.82 -48.58 26.24
CA LYS C 26 17.99 -48.99 27.38
C LYS C 26 16.50 -48.67 27.15
N ARG C 27 16.21 -47.54 26.49
CA ARG C 27 14.83 -47.21 26.09
C ARG C 27 14.28 -48.18 25.08
N LYS C 28 15.16 -48.67 24.21
CA LYS C 28 14.78 -49.59 23.13
C LYS C 28 14.11 -50.85 23.69
N LYS C 29 14.51 -51.22 24.92
CA LYS C 29 13.92 -52.34 25.67
C LYS C 29 12.56 -52.04 26.32
N GLU C 30 12.27 -50.77 26.60
CA GLU C 30 10.98 -50.38 27.18
C GLU C 30 9.97 -50.06 26.08
N ASP C 31 10.44 -49.36 25.04
CA ASP C 31 9.63 -49.08 23.85
C ASP C 31 10.45 -49.42 22.62
N ASP C 32 9.88 -50.23 21.74
CA ASP C 32 10.64 -50.70 20.59
C ASP C 32 10.76 -49.63 19.50
N ASP C 33 9.84 -48.68 19.48
CA ASP C 33 9.88 -47.59 18.51
C ASP C 33 10.57 -46.35 19.06
N VAL C 34 11.87 -46.23 18.78
CA VAL C 34 12.68 -45.11 19.26
C VAL C 34 13.34 -44.35 18.12
N VAL C 35 13.11 -43.03 18.09
CA VAL C 35 13.79 -42.14 17.14
C VAL C 35 14.66 -41.15 17.90
N VAL C 36 15.90 -41.00 17.46
CA VAL C 36 16.83 -40.07 18.12
C VAL C 36 16.97 -38.79 17.31
N VAL C 37 17.04 -37.67 18.02
CA VAL C 37 17.38 -36.38 17.42
C VAL C 37 18.62 -35.91 18.14
N VAL C 38 19.65 -35.55 17.37
CA VAL C 38 20.94 -35.17 17.96
C VAL C 38 21.42 -33.79 17.47
N SER C 39 21.89 -32.97 18.41
CA SER C 39 22.58 -31.73 18.06
C SER C 39 24.03 -31.96 17.64
N ALA C 40 24.65 -30.90 17.11
CA ALA C 40 26.07 -30.86 16.89
C ALA C 40 26.76 -31.05 18.22
N MET C 41 27.98 -31.55 18.17
CA MET C 41 28.79 -31.63 19.35
C MET C 41 28.97 -30.26 19.97
N SER C 42 29.01 -30.25 21.28
CA SER C 42 29.39 -29.09 22.06
C SER C 42 30.30 -28.13 21.29
N GLU C 43 29.87 -26.88 21.19
CA GLU C 43 30.75 -25.79 20.75
C GLU C 43 31.10 -25.77 19.24
N VAL C 44 30.64 -26.75 18.46
CA VAL C 44 31.01 -26.74 17.03
C VAL C 44 30.16 -25.81 16.16
N THR C 45 28.86 -25.70 16.48
CA THR C 45 28.00 -24.78 15.72
C THR C 45 28.55 -23.37 15.81
N ASN C 46 28.94 -22.93 17.02
CA ASN C 46 29.59 -21.63 17.22
C ASN C 46 30.86 -21.44 16.41
N ALA C 47 31.67 -22.50 16.34
CA ALA C 47 32.89 -22.49 15.56
C ALA C 47 32.57 -22.38 14.06
N LEU C 48 31.48 -23.00 13.64
CA LEU C 48 31.06 -22.93 12.25
C LEU C 48 30.54 -21.54 11.88
N VAL C 49 29.78 -20.94 12.81
CA VAL C 49 29.35 -19.56 12.68
C VAL C 49 30.57 -18.68 12.43
N GLU C 50 31.56 -18.75 13.32
CA GLU C 50 32.68 -17.81 13.27
C GLU C 50 33.65 -18.04 12.10
N ILE C 51 33.79 -19.28 11.66
CA ILE C 51 34.62 -19.55 10.48
C ILE C 51 33.93 -19.07 9.21
N SER C 52 32.60 -19.09 9.19
CA SER C 52 31.82 -18.53 8.09
C SER C 52 32.13 -17.05 7.89
N GLN C 53 32.17 -16.33 9.00
CA GLN C 53 32.40 -14.89 8.98
C GLN C 53 33.84 -14.57 8.63
N GLN C 54 34.78 -15.41 9.09
CA GLN C 54 36.21 -15.27 8.77
C GLN C 54 36.52 -15.56 7.31
N ALA C 55 35.95 -16.63 6.79
CA ALA C 55 36.14 -16.98 5.38
C ALA C 55 35.62 -15.87 4.47
N LEU C 56 34.50 -15.24 4.87
CA LEU C 56 33.94 -14.11 4.13
C LEU C 56 34.83 -12.88 4.20
N ASP C 57 35.08 -12.41 5.42
CA ASP C 57 35.72 -11.12 5.68
C ASP C 57 37.23 -11.08 5.40
N VAL C 58 38.02 -11.79 6.19
CA VAL C 58 39.49 -11.81 5.99
C VAL C 58 39.94 -12.65 4.77
N ARG C 59 39.21 -13.75 4.51
CA ARG C 59 39.43 -14.60 3.33
C ARG C 59 40.76 -15.40 3.34
N ASP C 60 41.21 -15.77 4.56
CA ASP C 60 42.47 -16.51 4.74
C ASP C 60 42.29 -18.03 4.59
N ILE C 61 42.89 -18.58 3.54
CA ILE C 61 42.77 -20.01 3.19
C ILE C 61 43.40 -20.98 4.21
N ALA C 62 44.46 -20.53 4.88
CA ALA C 62 45.14 -21.35 5.89
C ALA C 62 44.40 -21.32 7.24
N LYS C 63 43.61 -20.28 7.47
CA LYS C 63 42.78 -20.15 8.66
C LYS C 63 41.60 -21.12 8.57
N VAL C 64 41.16 -21.37 7.33
CA VAL C 64 40.15 -22.39 7.00
C VAL C 64 40.72 -23.78 7.25
N GLY C 65 41.96 -23.98 6.81
CA GLY C 65 42.67 -25.24 7.02
C GLY C 65 42.89 -25.55 8.49
N ASP C 66 43.16 -24.52 9.29
CA ASP C 66 43.30 -24.67 10.74
C ASP C 66 41.99 -25.18 11.33
N PHE C 67 40.89 -24.58 10.87
CA PHE C 67 39.56 -24.95 11.30
C PHE C 67 39.22 -26.39 10.95
N ILE C 68 39.44 -26.78 9.70
CA ILE C 68 39.17 -28.13 9.25
C ILE C 68 39.85 -29.17 10.15
N LYS C 69 41.08 -28.89 10.53
CA LYS C 69 41.85 -29.80 11.37
C LYS C 69 41.33 -29.87 12.79
N PHE C 70 40.90 -28.72 13.33
CA PHE C 70 40.22 -28.69 14.63
C PHE C 70 38.95 -29.57 14.61
N ILE C 71 38.19 -29.49 13.52
CA ILE C 71 36.99 -30.30 13.34
C ILE C 71 37.32 -31.78 13.16
N ARG C 72 38.32 -32.05 12.33
CA ARG C 72 38.77 -33.41 12.07
C ARG C 72 39.20 -34.12 13.37
N GLU C 73 40.05 -33.44 14.15
CA GLU C 73 40.58 -34.03 15.36
C GLU C 73 39.56 -34.16 16.49
N LYS C 74 38.56 -33.28 16.51
CA LYS C 74 37.50 -33.38 17.51
C LYS C 74 36.59 -34.58 17.23
N HIS C 75 36.30 -34.83 15.96
CA HIS C 75 35.40 -35.89 15.57
C HIS C 75 36.09 -37.24 15.47
N TYR C 76 37.36 -37.24 15.07
CA TYR C 76 38.19 -38.46 15.10
C TYR C 76 38.33 -38.99 16.51
N LYS C 77 38.74 -38.13 17.43
CA LYS C 77 38.85 -38.47 18.86
C LYS C 77 37.50 -38.98 19.41
N ALA C 78 36.41 -38.40 18.91
CA ALA C 78 35.07 -38.81 19.32
C ALA C 78 34.74 -40.23 18.84
N ILE C 79 34.98 -40.50 17.56
CA ILE C 79 34.81 -41.85 16.99
C ILE C 79 35.59 -42.91 17.80
N GLU C 80 36.85 -42.59 18.08
CA GLU C 80 37.76 -43.45 18.81
C GLU C 80 37.29 -43.75 20.25
N GLU C 81 36.69 -42.76 20.91
CA GLU C 81 36.29 -42.90 22.30
C GLU C 81 34.83 -43.33 22.49
N ALA C 82 34.07 -43.44 21.40
CA ALA C 82 32.66 -43.80 21.49
C ALA C 82 32.36 -45.21 20.97
N ILE C 83 33.17 -45.66 20.03
CA ILE C 83 32.94 -46.93 19.35
C ILE C 83 34.09 -47.91 19.57
N LYS C 84 33.75 -49.15 19.93
CA LYS C 84 34.76 -50.20 20.11
C LYS C 84 35.13 -50.93 18.83
N SER C 85 34.13 -51.41 18.09
CA SER C 85 34.34 -52.15 16.84
C SER C 85 35.20 -51.36 15.86
N GLU C 86 36.26 -52.00 15.37
CA GLU C 86 37.14 -51.39 14.36
C GLU C 86 36.42 -51.19 13.03
N GLU C 87 35.58 -52.15 12.68
CA GLU C 87 34.86 -52.14 11.41
C GLU C 87 33.93 -50.95 11.34
N ILE C 88 33.28 -50.65 12.46
CA ILE C 88 32.34 -49.53 12.58
C ILE C 88 33.06 -48.16 12.61
N LYS C 89 34.12 -48.04 13.40
CA LYS C 89 34.96 -46.83 13.38
C LYS C 89 35.34 -46.44 11.96
N GLU C 90 35.87 -47.43 11.23
CA GLU C 90 36.29 -47.30 9.83
C GLU C 90 35.12 -46.86 8.95
N GLU C 91 33.91 -47.32 9.28
CA GLU C 91 32.70 -47.00 8.53
C GLU C 91 32.24 -45.55 8.79
N VAL C 92 32.29 -45.15 10.06
CA VAL C 92 31.88 -43.82 10.49
C VAL C 92 32.91 -42.75 10.08
N LYS C 93 34.19 -43.12 10.14
CA LYS C 93 35.27 -42.20 9.73
C LYS C 93 35.14 -41.77 8.28
N LYS C 94 34.68 -42.69 7.44
CA LYS C 94 34.51 -42.40 6.02
C LYS C 94 33.42 -41.35 5.79
N ILE C 95 32.28 -41.55 6.45
CA ILE C 95 31.18 -40.58 6.39
C ILE C 95 31.67 -39.20 6.86
N ILE C 96 32.32 -39.15 8.01
CA ILE C 96 32.92 -37.92 8.52
C ILE C 96 33.87 -37.26 7.51
N ASP C 97 34.68 -38.07 6.83
CA ASP C 97 35.61 -37.57 5.81
C ASP C 97 34.93 -36.96 4.58
N SER C 98 33.86 -37.59 4.12
CA SER C 98 33.04 -37.03 3.05
C SER C 98 32.45 -35.67 3.46
N ARG C 99 32.11 -35.53 4.74
CA ARG C 99 31.55 -34.29 5.24
C ARG C 99 32.61 -33.21 5.31
N ILE C 100 33.79 -33.57 5.81
CA ILE C 100 34.89 -32.63 5.91
C ILE C 100 35.37 -32.15 4.52
N GLU C 101 35.36 -33.03 3.52
CA GLU C 101 35.66 -32.66 2.14
C GLU C 101 34.73 -31.54 1.69
N GLU C 102 33.43 -31.80 1.78
CA GLU C 102 32.40 -30.83 1.40
C GLU C 102 32.51 -29.53 2.17
N LEU C 103 32.68 -29.62 3.49
CA LEU C 103 32.88 -28.45 4.35
C LEU C 103 34.04 -27.61 3.85
N GLU C 104 35.17 -28.26 3.55
CA GLU C 104 36.38 -27.57 3.12
C GLU C 104 36.16 -26.85 1.79
N LYS C 105 35.54 -27.54 0.85
CA LYS C 105 35.29 -26.99 -0.48
C LYS C 105 34.44 -25.73 -0.39
N VAL C 106 33.43 -25.78 0.47
CA VAL C 106 32.47 -24.69 0.59
C VAL C 106 33.08 -23.47 1.26
N LEU C 107 33.89 -23.70 2.29
CA LEU C 107 34.58 -22.61 2.96
C LEU C 107 35.57 -21.92 2.04
N ILE C 108 36.28 -22.71 1.25
CA ILE C 108 37.23 -22.17 0.25
C ILE C 108 36.45 -21.38 -0.81
N GLY C 109 35.38 -22.00 -1.31
CA GLY C 109 34.49 -21.34 -2.26
C GLY C 109 33.95 -20.01 -1.76
N VAL C 110 33.69 -19.91 -0.46
CA VAL C 110 33.25 -18.65 0.15
C VAL C 110 34.39 -17.62 0.14
N ALA C 111 35.58 -18.06 0.51
CA ALA C 111 36.76 -17.20 0.51
C ALA C 111 37.05 -16.68 -0.90
N TYR C 112 36.95 -17.55 -1.89
CA TYR C 112 37.25 -17.21 -3.29
C TYR C 112 36.29 -16.15 -3.84
N LEU C 113 35.02 -16.27 -3.46
CA LEU C 113 33.98 -15.32 -3.86
C LEU C 113 33.92 -14.06 -3.03
N GLY C 114 34.21 -14.18 -1.74
CA GLY C 114 33.97 -13.09 -0.81
C GLY C 114 32.48 -12.85 -0.68
N GLU C 115 31.70 -13.91 -0.82
CA GLU C 115 30.26 -13.85 -0.65
C GLU C 115 29.73 -14.98 0.21
N LEU C 116 28.91 -14.63 1.20
CA LEU C 116 28.28 -15.62 2.08
C LEU C 116 26.79 -15.36 2.15
N THR C 117 26.05 -15.96 1.23
CA THR C 117 24.61 -15.79 1.18
C THR C 117 23.94 -16.56 2.30
N PRO C 118 22.71 -16.17 2.69
CA PRO C 118 21.99 -16.94 3.71
C PRO C 118 21.93 -18.45 3.43
N LYS C 119 21.81 -18.80 2.15
CA LYS C 119 21.78 -20.21 1.72
C LYS C 119 23.08 -20.92 2.07
N SER C 120 24.21 -20.29 1.76
CA SER C 120 25.54 -20.82 2.07
C SER C 120 25.79 -20.97 3.58
N ARG C 121 25.33 -19.98 4.35
CA ARG C 121 25.42 -20.04 5.81
C ARG C 121 24.75 -21.29 6.34
N ASP C 122 23.50 -21.51 5.96
CA ASP C 122 22.75 -22.68 6.41
C ASP C 122 23.49 -23.97 6.03
N TYR C 123 23.93 -24.07 4.79
CA TYR C 123 24.67 -25.26 4.38
C TYR C 123 25.84 -25.50 5.33
N ILE C 124 26.63 -24.45 5.60
CA ILE C 124 27.81 -24.57 6.44
C ILE C 124 27.43 -24.99 7.85
N LEU C 125 26.40 -24.38 8.41
CA LEU C 125 26.01 -24.68 9.80
C LEU C 125 25.52 -26.13 9.97
N SER C 126 24.87 -26.67 8.95
CA SER C 126 24.29 -28.01 9.03
C SER C 126 25.35 -29.09 9.26
N PHE C 127 26.61 -28.76 9.01
CA PHE C 127 27.67 -29.76 9.13
C PHE C 127 27.85 -30.28 10.56
N GLY C 128 27.64 -29.40 11.54
CA GLY C 128 27.65 -29.77 12.96
C GLY C 128 26.89 -31.07 13.22
N GLU C 129 25.58 -31.04 12.95
CA GLU C 129 24.70 -32.19 13.14
C GLU C 129 25.01 -33.34 12.17
N ARG C 130 25.47 -33.00 10.98
CA ARG C 130 25.78 -34.01 9.97
C ARG C 130 27.10 -34.74 10.26
N LEU C 131 27.90 -34.17 11.16
CA LEU C 131 29.13 -34.79 11.63
C LEU C 131 28.92 -35.57 12.93
N SER C 132 27.96 -35.16 13.76
CA SER C 132 27.77 -35.81 15.04
C SER C 132 26.83 -37.01 14.95
N SER C 133 25.79 -36.90 14.13
CA SER C 133 24.77 -37.95 14.04
C SER C 133 25.32 -39.31 13.64
N PRO C 134 26.24 -39.37 12.65
CA PRO C 134 26.77 -40.68 12.26
C PRO C 134 27.62 -41.33 13.37
N ILE C 135 28.24 -40.50 14.21
CA ILE C 135 29.06 -41.01 15.31
C ILE C 135 28.16 -41.66 16.38
N LEU C 136 27.03 -41.02 16.66
CA LEU C 136 26.07 -41.56 17.61
C LEU C 136 25.38 -42.80 17.03
N SER C 137 25.06 -42.76 15.74
CA SER C 137 24.45 -43.90 15.07
C SER C 137 25.38 -45.11 15.14
N GLY C 138 26.67 -44.85 14.91
CA GLY C 138 27.68 -45.89 14.96
C GLY C 138 27.84 -46.47 16.35
N ALA C 139 27.77 -45.61 17.36
CA ALA C 139 27.87 -46.05 18.75
C ALA C 139 26.67 -46.88 19.14
N ILE C 140 25.50 -46.56 18.57
CA ILE C 140 24.29 -47.34 18.82
C ILE C 140 24.43 -48.72 18.16
N ARG C 141 25.01 -48.76 16.96
CA ARG C 141 25.28 -50.05 16.31
C ARG C 141 26.31 -50.84 17.13
N ASP C 142 27.32 -50.14 17.63
CA ASP C 142 28.37 -50.76 18.43
C ASP C 142 27.80 -51.49 19.65
N LEU C 143 26.59 -51.11 20.07
CA LEU C 143 25.92 -51.78 21.18
C LEU C 143 24.88 -52.80 20.68
N GLY C 144 25.05 -53.26 19.45
CA GLY C 144 24.26 -54.36 18.92
C GLY C 144 22.83 -54.00 18.59
N GLU C 145 22.60 -52.73 18.27
CA GLU C 145 21.27 -52.28 17.84
C GLU C 145 21.38 -51.67 16.45
N LYS C 146 20.31 -51.83 15.66
CA LYS C 146 20.33 -51.31 14.31
C LYS C 146 20.07 -49.80 14.32
N SER C 147 20.90 -49.05 13.58
CA SER C 147 20.75 -47.58 13.49
C SER C 147 21.36 -46.99 12.21
N ILE C 148 20.68 -46.01 11.63
CA ILE C 148 21.26 -45.18 10.56
C ILE C 148 21.10 -43.69 10.87
N ALA C 149 22.00 -42.89 10.31
CA ALA C 149 21.96 -41.44 10.45
C ALA C 149 21.20 -40.81 9.30
N LEU C 150 20.26 -39.93 9.63
CA LEU C 150 19.45 -39.21 8.65
C LEU C 150 19.56 -37.70 8.82
N GLU C 151 19.30 -36.96 7.76
CA GLU C 151 19.23 -35.52 7.83
C GLU C 151 17.78 -35.07 7.93
N GLY C 152 17.56 -33.91 8.53
CA GLY C 152 16.20 -33.41 8.79
C GLY C 152 15.26 -33.51 7.61
N GLY C 153 15.71 -33.05 6.45
CA GLY C 153 14.91 -33.09 5.23
C GLY C 153 14.47 -34.49 4.86
N GLU C 154 15.43 -35.40 4.68
CA GLU C 154 15.11 -36.79 4.37
C GLU C 154 14.37 -37.52 5.51
N ALA C 155 14.39 -36.96 6.72
CA ALA C 155 13.56 -37.46 7.80
C ALA C 155 12.12 -36.91 7.71
N GLY C 156 11.88 -35.98 6.78
CA GLY C 156 10.53 -35.52 6.48
C GLY C 156 10.17 -34.10 6.91
N ILE C 157 11.17 -33.30 7.26
CA ILE C 157 10.95 -31.91 7.62
C ILE C 157 11.20 -31.00 6.41
N ILE C 158 10.11 -30.54 5.80
CA ILE C 158 10.18 -29.66 4.63
C ILE C 158 9.82 -28.22 5.03
N THR C 159 10.70 -27.28 4.67
CA THR C 159 10.56 -25.88 5.05
C THR C 159 10.44 -24.99 3.82
N ASP C 160 10.13 -23.72 4.04
CA ASP C 160 10.28 -22.74 2.96
C ASP C 160 11.78 -22.47 2.83
N ASN C 161 12.15 -21.45 2.04
CA ASN C 161 13.56 -21.14 1.87
C ASN C 161 13.96 -19.78 2.47
N ASN C 162 13.40 -19.48 3.63
CA ASN C 162 13.86 -18.34 4.38
C ASN C 162 15.04 -18.83 5.24
N PHE C 163 16.20 -18.88 4.58
CA PHE C 163 17.43 -19.40 5.19
C PHE C 163 17.81 -18.61 6.45
N GLY C 164 18.28 -19.33 7.47
CA GLY C 164 18.63 -18.71 8.76
C GLY C 164 17.59 -19.06 9.82
N SER C 165 16.32 -18.99 9.44
CA SER C 165 15.20 -19.39 10.28
C SER C 165 14.03 -19.80 9.39
N ALA C 166 14.22 -20.90 8.67
CA ALA C 166 13.18 -21.41 7.79
C ALA C 166 11.98 -21.85 8.62
N ARG C 167 10.77 -21.57 8.16
CA ARG C 167 9.60 -22.12 8.85
C ARG C 167 9.08 -23.37 8.15
N VAL C 168 8.59 -24.30 8.95
CA VAL C 168 8.14 -25.59 8.48
C VAL C 168 6.89 -25.45 7.61
N LYS C 169 6.93 -26.02 6.43
CA LYS C 169 5.79 -26.04 5.51
C LYS C 169 4.94 -27.30 5.68
N ARG C 170 5.62 -28.42 5.85
CA ARG C 170 5.06 -29.71 5.53
C ARG C 170 5.85 -30.79 6.26
N LEU C 171 5.16 -31.83 6.68
CA LEU C 171 5.82 -32.96 7.30
C LEU C 171 5.54 -34.23 6.53
N GLU C 172 6.58 -35.07 6.42
CA GLU C 172 6.46 -36.41 5.84
C GLU C 172 7.19 -37.39 6.74
N VAL C 173 7.06 -37.18 8.05
CA VAL C 173 7.84 -37.93 9.02
C VAL C 173 7.41 -39.40 9.06
N LYS C 174 6.10 -39.64 9.05
CA LYS C 174 5.56 -41.00 8.98
C LYS C 174 6.11 -41.74 7.76
N GLU C 175 5.97 -41.11 6.60
CA GLU C 175 6.37 -41.70 5.31
C GLU C 175 7.84 -42.09 5.27
N ARG C 176 8.70 -41.30 5.91
CA ARG C 176 10.15 -41.53 5.88
C ARG C 176 10.67 -42.45 6.98
N LEU C 177 10.07 -42.36 8.16
CA LEU C 177 10.59 -43.06 9.32
C LEU C 177 9.90 -44.37 9.66
N LEU C 178 8.60 -44.49 9.38
CA LEU C 178 7.83 -45.73 9.64
C LEU C 178 8.46 -46.99 9.02
N PRO C 179 8.81 -46.95 7.72
CA PRO C 179 9.47 -48.14 7.16
C PRO C 179 10.72 -48.55 7.95
N LEU C 180 11.47 -47.56 8.41
CA LEU C 180 12.71 -47.82 9.17
C LEU C 180 12.43 -48.39 10.56
N LEU C 181 11.37 -47.90 11.19
CA LEU C 181 10.98 -48.37 12.52
C LEU C 181 10.44 -49.80 12.46
N LYS C 182 9.69 -50.10 11.40
CA LYS C 182 9.13 -51.42 11.16
C LYS C 182 10.23 -52.48 11.07
N GLU C 183 11.36 -52.10 10.46
CA GLU C 183 12.54 -52.97 10.39
C GLU C 183 13.32 -53.00 11.70
N GLY C 184 12.82 -52.27 12.70
CA GLY C 184 13.44 -52.24 14.04
C GLY C 184 14.62 -51.29 14.14
N ILE C 185 14.78 -50.42 13.15
CA ILE C 185 15.94 -49.51 13.09
C ILE C 185 15.72 -48.23 13.92
N ILE C 186 16.74 -47.83 14.66
CA ILE C 186 16.74 -46.56 15.39
C ILE C 186 17.33 -45.45 14.52
N PRO C 187 16.47 -44.58 13.97
CA PRO C 187 17.00 -43.47 13.18
C PRO C 187 17.61 -42.41 14.08
N VAL C 188 18.79 -41.96 13.71
CA VAL C 188 19.40 -40.81 14.37
C VAL C 188 19.23 -39.62 13.43
N VAL C 189 18.23 -38.81 13.71
CA VAL C 189 17.90 -37.65 12.87
C VAL C 189 18.73 -36.45 13.33
N THR C 190 19.31 -35.74 12.36
CA THR C 190 20.03 -34.50 12.63
C THR C 190 19.09 -33.46 13.22
N GLY C 191 19.59 -32.75 14.22
CA GLY C 191 18.82 -31.74 14.93
C GLY C 191 18.30 -30.63 14.04
N PHE C 192 19.00 -29.50 14.04
CA PHE C 192 18.34 -28.23 13.69
C PHE C 192 18.17 -27.91 12.21
N ILE C 193 18.12 -28.94 11.37
CA ILE C 193 18.06 -28.70 9.94
C ILE C 193 16.84 -29.35 9.28
N GLY C 194 16.40 -28.75 8.18
CA GLY C 194 15.36 -29.32 7.34
C GLY C 194 15.73 -29.13 5.90
N THR C 195 14.76 -29.28 5.01
CA THR C 195 15.05 -29.13 3.59
C THR C 195 13.98 -28.33 2.86
N THR C 196 14.40 -27.59 1.84
CA THR C 196 13.50 -26.87 0.94
C THR C 196 12.81 -27.88 0.05
N GLU C 197 11.75 -27.45 -0.63
CA GLU C 197 11.04 -28.30 -1.58
C GLU C 197 11.98 -28.91 -2.63
N GLU C 198 13.03 -28.18 -2.99
CA GLU C 198 14.00 -28.66 -3.98
C GLU C 198 15.29 -29.24 -3.34
N GLY C 199 15.23 -29.59 -2.06
CA GLY C 199 16.35 -30.26 -1.40
C GLY C 199 17.47 -29.38 -0.83
N TYR C 200 17.32 -28.06 -0.90
CA TYR C 200 18.30 -27.16 -0.29
C TYR C 200 18.27 -27.25 1.23
N ILE C 201 19.43 -27.48 1.82
CA ILE C 201 19.55 -27.60 3.28
C ILE C 201 19.22 -26.27 3.97
N THR C 202 18.53 -26.36 5.09
CA THR C 202 17.90 -25.22 5.71
C THR C 202 18.06 -25.37 7.23
N THR C 203 18.28 -24.27 7.95
CA THR C 203 18.29 -24.34 9.43
C THR C 203 17.04 -23.71 10.06
N LEU C 204 16.68 -24.20 11.24
CA LEU C 204 15.44 -23.82 11.91
C LEU C 204 15.62 -22.74 12.98
N GLY C 205 16.81 -22.20 13.08
CA GLY C 205 17.10 -21.17 14.08
C GLY C 205 17.91 -21.77 15.20
N ARG C 206 18.76 -20.96 15.83
CA ARG C 206 19.61 -21.45 16.90
C ARG C 206 18.80 -22.10 18.04
N GLY C 207 19.32 -23.21 18.56
CA GLY C 207 18.61 -23.98 19.57
C GLY C 207 17.49 -24.81 18.97
N GLY C 208 17.48 -24.91 17.65
CA GLY C 208 16.40 -25.54 16.91
C GLY C 208 16.30 -27.04 16.99
N SER C 209 17.32 -27.69 17.53
CA SER C 209 17.27 -29.15 17.71
C SER C 209 16.04 -29.60 18.52
N ASP C 210 15.67 -28.79 19.54
CA ASP C 210 14.51 -29.06 20.38
C ASP C 210 13.27 -29.11 19.51
N TYR C 211 13.17 -28.12 18.61
CA TYR C 211 12.04 -28.00 17.71
C TYR C 211 11.95 -29.18 16.75
N SER C 212 13.09 -29.71 16.35
CA SER C 212 13.13 -30.88 15.48
C SER C 212 12.47 -32.07 16.18
N ALA C 213 12.83 -32.25 17.44
CA ALA C 213 12.30 -33.33 18.24
C ALA C 213 10.78 -33.25 18.32
N ALA C 214 10.27 -32.02 18.47
CA ALA C 214 8.82 -31.80 18.59
C ALA C 214 8.12 -32.06 17.26
N LEU C 215 8.76 -31.62 16.18
CA LEU C 215 8.24 -31.87 14.84
C LEU C 215 8.14 -33.37 14.56
N ILE C 216 9.21 -34.10 14.83
CA ILE C 216 9.22 -35.54 14.61
C ILE C 216 8.18 -36.25 15.49
N GLY C 217 8.10 -35.82 16.74
CA GLY C 217 7.07 -36.31 17.65
C GLY C 217 5.71 -36.07 17.03
N TYR C 218 5.44 -34.83 16.67
CA TYR C 218 4.17 -34.47 16.06
C TYR C 218 3.86 -35.36 14.84
N GLY C 219 4.85 -35.50 13.97
CA GLY C 219 4.69 -36.23 12.72
C GLY C 219 4.35 -37.69 12.93
N LEU C 220 4.95 -38.26 13.98
CA LEU C 220 4.80 -39.67 14.29
C LEU C 220 3.71 -39.99 15.29
N ASP C 221 2.96 -38.98 15.73
CA ASP C 221 1.96 -39.18 16.80
C ASP C 221 2.60 -39.93 17.98
N ALA C 222 3.81 -39.49 18.32
CA ALA C 222 4.60 -40.12 19.39
C ALA C 222 3.91 -40.05 20.74
N ASP C 223 4.26 -40.99 21.61
CA ASP C 223 3.68 -41.06 22.92
C ASP C 223 4.35 -40.05 23.84
N ILE C 224 5.61 -39.73 23.53
CA ILE C 224 6.40 -38.83 24.38
C ILE C 224 7.59 -38.25 23.61
N ILE C 225 7.89 -36.98 23.90
CA ILE C 225 9.08 -36.30 23.38
C ILE C 225 10.01 -36.05 24.56
N GLU C 226 11.20 -36.64 24.50
CA GLU C 226 12.18 -36.50 25.57
C GLU C 226 13.29 -35.52 25.22
N ILE C 227 13.46 -34.50 26.06
CA ILE C 227 14.52 -33.53 25.85
C ILE C 227 15.67 -33.80 26.82
N TRP C 228 16.76 -34.33 26.29
CA TRP C 228 17.91 -34.66 27.11
C TRP C 228 18.99 -33.57 27.03
N THR C 229 19.26 -32.97 28.19
CA THR C 229 20.10 -31.80 28.29
C THR C 229 21.05 -31.94 29.48
N ASP C 230 21.65 -30.83 29.93
CA ASP C 230 22.66 -30.91 30.98
C ASP C 230 22.18 -30.36 32.34
N VAL C 231 20.86 -30.32 32.50
CA VAL C 231 20.23 -29.96 33.77
C VAL C 231 18.99 -30.83 33.93
N SER C 232 18.57 -31.03 35.18
CA SER C 232 17.48 -31.96 35.45
C SER C 232 16.11 -31.32 35.28
N GLY C 233 15.77 -30.96 34.03
CA GLY C 233 14.47 -30.36 33.73
C GLY C 233 14.50 -28.84 33.69
N VAL C 234 13.31 -28.23 33.78
CA VAL C 234 13.18 -26.77 33.81
C VAL C 234 13.22 -26.33 35.26
N TYR C 235 14.11 -25.39 35.55
CA TYR C 235 14.30 -24.88 36.91
C TYR C 235 13.58 -23.55 37.13
N THR C 236 13.42 -23.17 38.39
CA THR C 236 12.79 -21.91 38.76
C THR C 236 13.45 -20.70 38.09
N THR C 237 14.74 -20.82 37.78
CA THR C 237 15.43 -19.86 36.92
C THR C 237 16.66 -20.57 36.36
N ASP C 238 17.54 -19.85 35.67
CA ASP C 238 18.75 -20.47 35.10
C ASP C 238 19.75 -20.83 36.19
N PRO C 239 19.92 -22.13 36.47
CA PRO C 239 20.75 -22.60 37.59
C PRO C 239 22.23 -22.23 37.50
N ARG C 240 22.66 -21.74 36.34
CA ARG C 240 24.03 -21.25 36.17
C ARG C 240 24.19 -19.78 36.57
N LEU C 241 23.06 -19.09 36.74
CA LEU C 241 23.03 -17.71 37.22
C LEU C 241 22.68 -17.66 38.71
N VAL C 242 21.67 -18.43 39.10
CA VAL C 242 21.23 -18.49 40.49
C VAL C 242 21.24 -19.95 40.92
N PRO C 243 22.33 -20.38 41.59
CA PRO C 243 22.58 -21.80 41.90
C PRO C 243 21.58 -22.39 42.88
N THR C 244 20.85 -21.56 43.62
CA THR C 244 19.77 -22.05 44.50
C THR C 244 18.47 -22.34 43.75
N ALA C 245 18.53 -22.39 42.41
CA ALA C 245 17.37 -22.65 41.58
C ALA C 245 16.85 -24.07 41.80
N ARG C 246 15.54 -24.24 41.71
CA ARG C 246 14.90 -25.52 42.02
C ARG C 246 14.21 -26.14 40.80
N ARG C 247 14.32 -27.45 40.68
CA ARG C 247 13.65 -28.19 39.61
C ARG C 247 12.13 -28.07 39.80
N ILE C 248 11.44 -27.73 38.72
CA ILE C 248 9.98 -27.73 38.70
C ILE C 248 9.50 -29.05 38.08
N PRO C 249 8.93 -29.93 38.91
CA PRO C 249 8.51 -31.27 38.45
C PRO C 249 7.50 -31.25 37.31
N LYS C 250 6.51 -30.36 37.39
CA LYS C 250 5.42 -30.33 36.42
C LYS C 250 5.18 -28.90 35.92
N LEU C 251 4.95 -28.77 34.62
CA LEU C 251 4.71 -27.47 34.01
C LEU C 251 3.72 -27.67 32.89
N SER C 252 2.91 -26.64 32.62
CA SER C 252 1.91 -26.72 31.55
C SER C 252 2.54 -26.25 30.25
N TYR C 253 1.92 -26.59 29.12
CA TYR C 253 2.43 -26.19 27.82
C TYR C 253 2.67 -24.68 27.76
N ILE C 254 1.65 -23.90 28.11
CA ILE C 254 1.71 -22.44 28.01
C ILE C 254 2.74 -21.83 28.95
N GLU C 255 2.85 -22.36 30.17
CA GLU C 255 3.89 -21.90 31.10
C GLU C 255 5.29 -22.08 30.52
N ALA C 256 5.52 -23.25 29.93
CA ALA C 256 6.85 -23.60 29.40
C ALA C 256 7.13 -22.75 28.16
N MET C 257 6.13 -22.65 27.29
CA MET C 257 6.25 -21.84 26.09
C MET C 257 6.63 -20.40 26.41
N GLU C 258 6.04 -19.81 27.43
CA GLU C 258 6.33 -18.40 27.77
C GLU C 258 7.74 -18.26 28.32
N LEU C 259 8.11 -19.17 29.22
CA LEU C 259 9.47 -19.22 29.74
C LEU C 259 10.53 -19.38 28.66
N ALA C 260 10.33 -20.34 27.77
CA ALA C 260 11.27 -20.57 26.68
C ALA C 260 11.36 -19.29 25.85
N TYR C 261 10.21 -18.79 25.41
CA TYR C 261 10.10 -17.59 24.60
C TYR C 261 10.85 -16.42 25.24
N PHE C 262 10.81 -16.36 26.56
CA PHE C 262 11.39 -15.25 27.31
C PHE C 262 12.72 -15.58 27.96
N GLY C 263 13.39 -16.61 27.48
CA GLY C 263 14.81 -16.77 27.81
C GLY C 263 15.26 -18.00 28.59
N ALA C 264 14.34 -18.90 28.91
CA ALA C 264 14.75 -20.20 29.46
C ALA C 264 15.27 -21.09 28.35
N LYS C 265 16.56 -20.95 28.04
CA LYS C 265 17.21 -21.60 26.90
C LYS C 265 16.97 -23.11 26.79
N VAL C 266 16.75 -23.79 27.93
CA VAL C 266 16.54 -25.26 27.97
C VAL C 266 15.59 -25.79 26.93
N LEU C 267 14.60 -24.97 26.56
CA LEU C 267 13.69 -25.31 25.49
C LEU C 267 13.68 -24.20 24.46
N HIS C 268 13.78 -24.57 23.19
CA HIS C 268 13.56 -23.61 22.13
C HIS C 268 12.08 -23.32 22.21
N PRO C 269 11.69 -22.06 21.98
CA PRO C 269 10.28 -21.73 22.14
C PRO C 269 9.38 -22.56 21.21
N ARG C 270 9.88 -22.95 20.04
CA ARG C 270 9.01 -23.62 19.06
C ARG C 270 8.78 -25.08 19.37
N THR C 271 9.43 -25.58 20.42
CA THR C 271 9.25 -26.96 20.87
C THR C 271 7.84 -27.24 21.34
N ILE C 272 7.21 -26.27 22.00
CA ILE C 272 5.93 -26.52 22.67
C ILE C 272 4.74 -26.70 21.73
N GLU C 273 4.62 -25.82 20.72
CA GLU C 273 3.45 -25.81 19.84
C GLU C 273 3.03 -27.16 19.24
N PRO C 274 3.95 -27.88 18.57
CA PRO C 274 3.55 -29.18 17.97
C PRO C 274 3.12 -30.20 19.01
N ALA C 275 3.84 -30.25 20.14
CA ALA C 275 3.52 -31.16 21.24
C ALA C 275 2.20 -30.75 21.90
N MET C 276 2.01 -29.45 22.05
CA MET C 276 0.80 -28.93 22.66
C MET C 276 -0.43 -29.30 21.86
N GLU C 277 -0.39 -29.08 20.55
CA GLU C 277 -1.59 -29.22 19.76
C GLU C 277 -1.99 -30.67 19.47
N LYS C 278 -1.15 -31.62 19.87
CA LYS C 278 -1.53 -33.03 19.79
C LYS C 278 -1.55 -33.68 21.17
N GLY C 279 -1.29 -32.89 22.20
CA GLY C 279 -1.25 -33.40 23.56
C GLY C 279 -0.17 -34.45 23.76
N ILE C 280 0.97 -34.27 23.09
CA ILE C 280 2.13 -35.13 23.35
C ILE C 280 2.94 -34.53 24.47
N PRO C 281 3.12 -35.27 25.58
CA PRO C 281 3.89 -34.73 26.70
C PRO C 281 5.36 -34.53 26.35
N ILE C 282 6.02 -33.60 27.02
CA ILE C 282 7.45 -33.36 26.85
C ILE C 282 8.15 -33.63 28.18
N LEU C 283 9.12 -34.54 28.16
CA LEU C 283 9.87 -34.86 29.37
C LEU C 283 11.28 -34.31 29.21
N VAL C 284 11.64 -33.36 30.07
CA VAL C 284 12.98 -32.78 30.05
C VAL C 284 13.84 -33.49 31.09
N LYS C 285 14.97 -34.03 30.64
CA LYS C 285 15.86 -34.82 31.49
C LYS C 285 17.33 -34.42 31.35
N ASN C 286 18.13 -34.81 32.34
CA ASN C 286 19.55 -34.53 32.40
C ASN C 286 20.27 -35.78 31.93
N THR C 287 21.11 -35.67 30.90
CA THR C 287 21.85 -36.85 30.48
C THR C 287 22.93 -37.22 31.51
N PHE C 288 23.40 -36.21 32.24
CA PHE C 288 24.45 -36.39 33.24
C PHE C 288 23.91 -36.82 34.61
N GLU C 289 22.60 -36.86 34.74
CA GLU C 289 21.94 -37.35 35.94
C GLU C 289 20.62 -38.01 35.54
N PRO C 290 20.71 -39.14 34.80
CA PRO C 290 19.55 -39.72 34.10
C PRO C 290 18.49 -40.31 35.01
N GLU C 291 18.77 -40.36 36.31
CA GLU C 291 17.82 -40.91 37.30
C GLU C 291 16.79 -39.90 37.78
N SER C 292 17.09 -38.60 37.60
CA SER C 292 16.18 -37.53 38.01
C SER C 292 14.87 -37.55 37.25
N GLU C 293 13.78 -37.23 37.95
CA GLU C 293 12.42 -37.21 37.38
C GLU C 293 12.27 -36.08 36.38
N GLY C 294 13.08 -35.04 36.53
CA GLY C 294 13.10 -33.91 35.60
C GLY C 294 11.83 -33.09 35.62
N THR C 295 11.39 -32.67 34.43
CA THR C 295 10.19 -31.84 34.29
C THR C 295 9.27 -32.45 33.24
N LEU C 296 8.00 -32.66 33.63
CA LEU C 296 6.99 -33.14 32.71
C LEU C 296 6.08 -32.00 32.27
N ILE C 297 6.00 -31.80 30.96
CA ILE C 297 5.18 -30.73 30.38
C ILE C 297 3.97 -31.32 29.68
N THR C 298 2.78 -31.01 30.22
CA THR C 298 1.52 -31.54 29.72
C THR C 298 0.46 -30.44 29.74
N ASN C 299 -0.82 -30.85 29.64
CA ASN C 299 -1.94 -29.92 29.72
C ASN C 299 -2.30 -29.47 31.12
N ASP C 300 -1.93 -30.27 32.12
CA ASP C 300 -2.30 -30.01 33.51
C ASP C 300 -1.75 -28.69 34.02
N MET C 301 -2.59 -27.95 34.73
CA MET C 301 -2.21 -26.66 35.28
C MET C 301 -2.58 -26.55 36.75
N GLU C 302 -1.57 -26.26 37.57
CA GLU C 302 -1.77 -26.04 39.00
C GLU C 302 -1.19 -24.69 39.37
N MET C 303 -1.99 -23.84 40.03
CA MET C 303 -1.48 -22.60 40.60
C MET C 303 -0.57 -22.84 41.81
N SER C 304 0.51 -22.06 41.91
CA SER C 304 1.38 -22.12 43.07
C SER C 304 0.86 -21.12 44.12
N ASP C 305 1.28 -21.30 45.38
CA ASP C 305 0.90 -20.37 46.44
C ASP C 305 1.37 -18.95 46.15
N SER C 306 2.68 -18.82 45.93
CA SER C 306 3.26 -17.50 45.66
C SER C 306 3.05 -17.04 44.20
N ILE C 307 2.44 -17.93 43.39
CA ILE C 307 1.98 -17.62 42.01
C ILE C 307 3.09 -17.62 40.95
N VAL C 308 4.11 -16.79 41.15
CA VAL C 308 5.32 -16.81 40.33
C VAL C 308 6.00 -18.16 40.51
N LYS C 309 6.14 -18.89 39.41
CA LYS C 309 6.75 -20.22 39.48
C LYS C 309 8.18 -20.24 38.95
N ALA C 310 8.50 -19.28 38.07
CA ALA C 310 9.83 -19.23 37.44
C ALA C 310 10.16 -17.86 36.88
N ILE C 311 11.44 -17.61 36.64
CA ILE C 311 11.94 -16.33 36.16
C ILE C 311 12.93 -16.54 35.03
N SER C 312 12.68 -15.90 33.89
CA SER C 312 13.61 -16.00 32.77
C SER C 312 14.09 -14.62 32.36
N THR C 313 15.21 -14.56 31.65
CA THR C 313 15.78 -13.30 31.20
C THR C 313 16.28 -13.45 29.76
N ILE C 314 16.27 -12.35 29.02
CA ILE C 314 16.96 -12.25 27.74
C ILE C 314 17.88 -11.04 27.80
N LYS C 315 19.17 -11.32 27.63
CA LYS C 315 20.21 -10.30 27.76
C LYS C 315 20.35 -9.56 26.43
N ASN C 316 20.25 -10.31 25.33
CA ASN C 316 20.54 -9.78 23.98
C ASN C 316 19.36 -9.05 23.35
N VAL C 317 18.89 -7.99 24.02
CA VAL C 317 17.78 -7.18 23.49
C VAL C 317 18.11 -5.71 23.54
N ALA C 318 17.35 -4.91 22.79
CA ALA C 318 17.46 -3.47 22.87
C ALA C 318 16.09 -2.86 23.09
N LEU C 319 16.03 -1.79 23.87
CA LEU C 319 14.81 -1.01 24.03
C LEU C 319 14.81 0.06 22.96
N ILE C 320 13.78 0.06 22.12
CA ILE C 320 13.59 1.14 21.14
C ILE C 320 12.39 1.98 21.50
N ASN C 321 12.62 3.27 21.72
CA ASN C 321 11.55 4.19 22.00
C ASN C 321 11.31 5.09 20.80
N ILE C 322 10.15 4.93 20.18
CA ILE C 322 9.76 5.79 19.08
C ILE C 322 8.93 6.92 19.67
N PHE C 323 9.37 8.14 19.37
CA PHE C 323 8.70 9.34 19.78
C PHE C 323 7.74 9.81 18.68
N GLY C 324 6.44 9.79 18.98
CA GLY C 324 5.44 10.27 18.04
C GLY C 324 5.38 11.79 17.93
N ALA C 325 4.63 12.28 16.94
CA ALA C 325 4.49 13.72 16.69
C ALA C 325 3.22 14.37 17.29
N GLY C 326 2.72 13.81 18.39
CA GLY C 326 1.52 14.35 19.03
C GLY C 326 0.29 13.50 18.83
N MET C 327 -0.87 14.16 18.76
CA MET C 327 -2.17 13.47 18.68
C MET C 327 -2.47 13.04 17.25
N VAL C 328 -1.69 12.10 16.75
CA VAL C 328 -1.71 11.79 15.31
C VAL C 328 -2.40 10.46 14.96
N GLY C 329 -2.94 9.80 15.96
CA GLY C 329 -3.69 8.57 15.77
C GLY C 329 -2.80 7.37 16.01
N VAL C 330 -2.97 6.71 17.16
CA VAL C 330 -2.08 5.60 17.50
C VAL C 330 -2.15 4.39 16.58
N SER C 331 -3.34 3.95 16.19
CA SER C 331 -3.43 2.78 15.30
C SER C 331 -2.89 3.02 13.91
N GLY C 332 -3.09 4.24 13.40
CA GLY C 332 -2.56 4.64 12.10
C GLY C 332 -1.05 4.64 12.05
N THR C 333 -0.41 5.23 13.06
CA THR C 333 1.05 5.29 13.09
C THR C 333 1.67 3.97 13.54
N ALA C 334 0.91 3.18 14.29
CA ALA C 334 1.36 1.83 14.66
C ALA C 334 1.30 0.92 13.44
N ALA C 335 0.34 1.17 12.56
CA ALA C 335 0.21 0.40 11.33
C ALA C 335 1.49 0.55 10.50
N ARG C 336 1.97 1.79 10.41
CA ARG C 336 3.14 2.11 9.61
C ARG C 336 4.44 1.68 10.29
N ILE C 337 4.51 1.81 11.61
CA ILE C 337 5.67 1.34 12.36
C ILE C 337 5.90 -0.16 12.15
N PHE C 338 4.86 -0.97 12.34
CA PHE C 338 4.99 -2.42 12.27
C PHE C 338 5.04 -2.98 10.86
N LYS C 339 4.48 -2.27 9.89
CA LYS C 339 4.68 -2.62 8.49
C LYS C 339 6.19 -2.56 8.16
N ALA C 340 6.83 -1.43 8.49
CA ALA C 340 8.26 -1.22 8.20
C ALA C 340 9.12 -2.25 8.91
N LEU C 341 8.84 -2.46 10.19
CA LEU C 341 9.58 -3.43 10.99
C LEU C 341 9.35 -4.85 10.49
N GLY C 342 8.12 -5.14 10.10
CA GLY C 342 7.73 -6.46 9.60
C GLY C 342 8.38 -6.77 8.27
N GLU C 343 8.42 -5.77 7.39
CA GLU C 343 9.10 -5.88 6.11
C GLU C 343 10.58 -6.24 6.30
N GLU C 344 11.24 -5.58 7.25
CA GLU C 344 12.66 -5.78 7.50
C GLU C 344 12.92 -7.04 8.34
N GLU C 345 11.84 -7.77 8.63
CA GLU C 345 11.87 -9.00 9.45
C GLU C 345 12.44 -8.79 10.84
N VAL C 346 12.26 -7.57 11.36
CA VAL C 346 12.69 -7.24 12.71
C VAL C 346 11.82 -7.99 13.72
N ASN C 347 12.48 -8.63 14.67
CA ASN C 347 11.79 -9.43 15.68
C ASN C 347 11.50 -8.61 16.93
N VAL C 348 10.24 -8.25 17.14
CA VAL C 348 9.84 -7.48 18.33
C VAL C 348 9.27 -8.38 19.43
N ILE C 349 9.84 -8.26 20.63
CA ILE C 349 9.54 -9.14 21.75
C ILE C 349 8.45 -8.57 22.65
N LEU C 350 8.32 -7.24 22.67
CA LEU C 350 7.48 -6.55 23.63
C LEU C 350 7.00 -5.23 23.04
N ILE C 351 5.74 -4.89 23.32
CA ILE C 351 5.18 -3.59 22.92
C ILE C 351 4.43 -2.96 24.09
N SER C 352 4.56 -1.64 24.21
CA SER C 352 3.73 -0.88 25.13
C SER C 352 3.49 0.50 24.54
N GLN C 353 2.23 0.93 24.53
CA GLN C 353 1.86 2.30 24.17
C GLN C 353 0.79 2.85 25.09
N GLY C 354 1.08 4.02 25.65
CA GLY C 354 0.16 4.67 26.57
C GLY C 354 0.69 6.07 26.74
N SER C 355 0.39 6.89 25.74
CA SER C 355 1.05 8.18 25.59
C SER C 355 0.23 9.12 24.70
N SER C 356 0.02 10.34 25.17
CA SER C 356 -0.72 11.33 24.40
C SER C 356 0.06 11.80 23.19
N GLU C 357 1.36 11.53 23.19
CA GLU C 357 2.22 11.97 22.08
C GLU C 357 2.37 10.92 20.99
N THR C 358 1.67 9.80 21.15
CA THR C 358 1.75 8.66 20.24
C THR C 358 3.10 7.96 20.27
N ASN C 359 3.82 8.12 21.37
CA ASN C 359 5.05 7.36 21.61
C ASN C 359 4.72 5.89 21.73
N ILE C 360 5.71 5.05 21.48
CA ILE C 360 5.56 3.61 21.64
C ILE C 360 6.91 3.01 22.06
N SER C 361 6.87 2.02 22.94
CA SER C 361 8.07 1.37 23.40
C SER C 361 8.14 -0.05 22.87
N LEU C 362 9.28 -0.41 22.30
CA LEU C 362 9.46 -1.74 21.75
C LEU C 362 10.72 -2.39 22.29
N VAL C 363 10.69 -3.71 22.43
CA VAL C 363 11.90 -4.47 22.67
C VAL C 363 12.20 -5.33 21.45
N VAL C 364 13.39 -5.16 20.88
CA VAL C 364 13.80 -5.97 19.74
C VAL C 364 15.07 -6.75 20.07
N SER C 365 15.48 -7.62 19.15
CA SER C 365 16.56 -8.60 19.37
C SER C 365 18.00 -8.10 19.43
N GLU C 366 18.21 -6.79 19.52
CA GLU C 366 19.55 -6.17 19.63
C GLU C 366 20.39 -6.22 18.35
N GLU C 367 20.49 -7.38 17.73
CA GLU C 367 21.17 -7.44 16.44
C GLU C 367 20.29 -6.87 15.34
N ASP C 368 19.00 -6.68 15.66
CA ASP C 368 18.04 -6.14 14.70
C ASP C 368 17.90 -4.62 14.74
N VAL C 369 18.61 -3.97 15.66
CA VAL C 369 18.54 -2.53 15.80
C VAL C 369 18.79 -1.78 14.49
N ASP C 370 19.85 -2.16 13.77
CA ASP C 370 20.20 -1.47 12.52
C ASP C 370 19.16 -1.65 11.41
N LYS C 371 18.65 -2.87 11.28
CA LYS C 371 17.54 -3.15 10.38
C LYS C 371 16.29 -2.33 10.75
N ALA C 372 16.06 -2.19 12.05
CA ALA C 372 14.91 -1.45 12.55
C ALA C 372 14.96 0.04 12.22
N LEU C 373 16.11 0.66 12.48
CA LEU C 373 16.30 2.09 12.20
C LEU C 373 16.24 2.40 10.70
N LYS C 374 16.86 1.52 9.92
CA LYS C 374 16.85 1.62 8.47
C LYS C 374 15.42 1.53 7.95
N ALA C 375 14.63 0.64 8.55
CA ALA C 375 13.24 0.45 8.13
C ALA C 375 12.36 1.64 8.48
N LEU C 376 12.56 2.18 9.68
CA LEU C 376 11.80 3.34 10.12
C LEU C 376 12.13 4.60 9.32
N LYS C 377 13.42 4.77 8.99
CA LYS C 377 13.86 5.91 8.18
C LYS C 377 13.29 5.83 6.77
N ARG C 378 13.26 4.64 6.20
CA ARG C 378 12.66 4.42 4.88
C ARG C 378 11.15 4.74 4.86
N GLU C 379 10.46 4.39 5.94
CA GLU C 379 9.01 4.56 6.02
C GLU C 379 8.57 6.00 6.31
N PHE C 380 9.32 6.70 7.16
CA PHE C 380 8.91 8.04 7.61
C PHE C 380 9.74 9.22 7.06
N GLY C 381 10.92 8.92 6.50
CA GLY C 381 11.77 9.94 5.91
C GLY C 381 12.41 10.86 6.94
N ASP C 382 12.25 12.16 6.73
CA ASP C 382 12.71 13.18 7.68
C ASP C 382 11.67 14.29 7.85
N PHE C 388 2.53 20.69 14.50
CA PHE C 388 1.21 20.09 14.77
C PHE C 388 0.23 20.31 13.60
N LEU C 389 0.42 21.39 12.84
CA LEU C 389 -0.28 21.61 11.58
C LEU C 389 0.33 20.70 10.54
N ASN C 390 1.53 20.22 10.86
CA ASN C 390 2.28 19.29 10.04
C ASN C 390 1.57 17.94 9.94
N ASN C 391 1.88 17.20 8.88
CA ASN C 391 1.25 15.91 8.62
C ASN C 391 2.06 14.75 9.21
N ASN C 392 3.29 15.05 9.63
CA ASN C 392 4.25 14.05 10.10
C ASN C 392 3.75 13.22 11.30
N LEU C 393 4.16 11.96 11.36
CA LEU C 393 3.68 11.02 12.37
C LEU C 393 4.71 10.72 13.47
N ILE C 394 5.98 10.67 13.08
CA ILE C 394 7.09 10.39 14.01
C ILE C 394 7.98 11.62 14.20
N ARG C 395 8.57 11.76 15.38
CA ARG C 395 9.34 12.95 15.74
C ARG C 395 10.82 12.65 15.88
N ASP C 396 11.12 11.45 16.38
CA ASP C 396 12.47 11.03 16.72
C ASP C 396 12.42 9.56 17.15
N VAL C 397 13.59 8.94 17.37
CA VAL C 397 13.65 7.56 17.87
C VAL C 397 14.96 7.29 18.61
N SER C 398 14.89 6.86 19.86
CA SER C 398 16.09 6.51 20.62
C SER C 398 16.22 5.02 20.92
N VAL C 399 17.48 4.54 20.98
CA VAL C 399 17.78 3.15 21.30
C VAL C 399 18.62 3.04 22.56
N ASP C 400 18.37 2.01 23.35
CA ASP C 400 19.17 1.72 24.51
C ASP C 400 19.45 0.23 24.44
N LYS C 401 20.72 -0.12 24.19
CA LYS C 401 21.13 -1.51 24.03
C LYS C 401 21.57 -2.18 25.34
N ASP C 402 21.90 -1.35 26.33
CA ASP C 402 22.37 -1.85 27.63
C ASP C 402 21.20 -2.15 28.55
N VAL C 403 20.41 -3.14 28.15
CA VAL C 403 19.08 -3.31 28.68
C VAL C 403 18.74 -4.79 28.57
N CYS C 404 17.85 -5.27 29.43
CA CYS C 404 17.41 -6.66 29.36
C CYS C 404 15.92 -6.81 29.68
N VAL C 405 15.35 -7.94 29.29
CA VAL C 405 13.96 -8.29 29.58
C VAL C 405 13.92 -9.37 30.64
N ILE C 406 13.25 -9.09 31.75
CA ILE C 406 12.98 -10.11 32.77
C ILE C 406 11.51 -10.47 32.68
N SER C 407 11.25 -11.76 32.63
CA SER C 407 9.90 -12.27 32.67
C SER C 407 9.68 -13.14 33.90
N VAL C 408 8.43 -13.17 34.35
CA VAL C 408 8.02 -13.94 35.49
C VAL C 408 6.80 -14.71 35.04
N VAL C 409 6.82 -16.02 35.22
CA VAL C 409 5.81 -16.91 34.65
C VAL C 409 5.15 -17.76 35.74
N GLY C 410 3.83 -17.91 35.65
CA GLY C 410 3.05 -18.71 36.59
C GLY C 410 1.57 -18.83 36.29
N ALA C 411 1.00 -20.01 36.60
CA ALA C 411 -0.35 -20.42 36.22
C ALA C 411 -1.49 -19.37 36.26
N GLY C 412 -1.65 -18.66 37.36
CA GLY C 412 -2.79 -17.73 37.43
C GLY C 412 -2.36 -16.27 37.43
N MET C 413 -1.30 -15.95 36.69
CA MET C 413 -0.65 -14.64 36.76
C MET C 413 -1.54 -13.42 36.52
N ARG C 414 -2.17 -13.38 35.34
CA ARG C 414 -3.01 -12.24 34.96
C ARG C 414 -4.12 -12.03 35.98
N GLY C 415 -4.78 -13.12 36.38
CA GLY C 415 -5.91 -13.08 37.31
C GLY C 415 -5.60 -12.86 38.77
N ALA C 416 -4.34 -13.04 39.16
CA ALA C 416 -3.94 -13.01 40.58
C ALA C 416 -3.86 -11.60 41.13
N LYS C 417 -4.78 -11.31 42.06
CA LYS C 417 -4.82 -10.03 42.75
C LYS C 417 -3.51 -9.78 43.51
N GLY C 418 -2.97 -8.58 43.33
CA GLY C 418 -1.83 -8.12 44.12
C GLY C 418 -0.43 -8.54 43.70
N ILE C 419 -0.34 -9.40 42.70
CA ILE C 419 0.97 -9.95 42.31
C ILE C 419 1.87 -8.95 41.61
N ALA C 420 1.28 -8.05 40.80
CA ALA C 420 2.05 -7.03 40.09
C ALA C 420 2.80 -6.15 41.07
N GLY C 421 2.09 -5.67 42.09
CA GLY C 421 2.68 -4.85 43.14
C GLY C 421 3.80 -5.54 43.89
N LYS C 422 3.61 -6.84 44.17
CA LYS C 422 4.67 -7.62 44.82
C LYS C 422 5.89 -7.68 43.91
N ILE C 423 5.67 -8.08 42.65
CA ILE C 423 6.77 -8.20 41.69
C ILE C 423 7.55 -6.90 41.54
N PHE C 424 6.84 -5.79 41.38
CA PHE C 424 7.52 -4.52 41.16
C PHE C 424 8.19 -3.91 42.39
N THR C 425 7.57 -3.99 43.58
CA THR C 425 8.27 -3.55 44.80
C THR C 425 9.56 -4.38 44.94
N ALA C 426 9.46 -5.67 44.68
CA ALA C 426 10.64 -6.54 44.71
C ALA C 426 11.72 -6.05 43.73
N VAL C 427 11.31 -5.76 42.49
CA VAL C 427 12.23 -5.26 41.46
C VAL C 427 12.94 -4.00 41.96
N SER C 428 12.15 -3.07 42.51
CA SER C 428 12.66 -1.83 43.06
C SER C 428 13.70 -2.08 44.16
N GLU C 429 13.35 -2.94 45.12
CA GLU C 429 14.21 -3.26 46.25
C GLU C 429 15.52 -3.92 45.83
N SER C 430 15.55 -4.47 44.61
CA SER C 430 16.77 -5.05 44.05
C SER C 430 17.74 -3.98 43.54
N GLY C 431 17.27 -2.75 43.44
CA GLY C 431 18.12 -1.67 42.93
C GLY C 431 17.94 -1.42 41.44
N ALA C 432 16.96 -2.08 40.83
CA ALA C 432 16.67 -1.91 39.41
C ALA C 432 15.65 -0.80 39.14
N ASN C 433 15.81 -0.16 37.98
CA ASN C 433 14.90 0.89 37.52
C ASN C 433 14.10 0.42 36.30
N ILE C 434 12.78 0.37 36.43
CA ILE C 434 11.95 -0.23 35.37
C ILE C 434 11.70 0.74 34.23
N LYS C 435 12.04 0.30 33.02
CA LYS C 435 11.94 1.11 31.81
C LYS C 435 10.70 0.81 30.98
N MET C 436 10.09 -0.35 31.23
CA MET C 436 8.96 -0.81 30.43
C MET C 436 8.27 -1.96 31.17
N ILE C 437 6.93 -2.01 31.11
CA ILE C 437 6.17 -3.13 31.65
C ILE C 437 5.19 -3.63 30.61
N ALA C 438 5.09 -4.94 30.46
CA ALA C 438 4.04 -5.55 29.66
C ALA C 438 3.24 -6.52 30.52
N GLN C 439 1.94 -6.28 30.61
CA GLN C 439 1.03 -7.16 31.33
C GLN C 439 -0.31 -7.03 30.67
N GLY C 440 -1.01 -8.15 30.52
CA GLY C 440 -2.36 -8.18 29.96
C GLY C 440 -2.57 -9.14 28.81
N SER C 441 -1.55 -9.31 27.98
CA SER C 441 -1.65 -10.12 26.77
C SER C 441 -1.40 -11.60 27.03
N SER C 442 -0.92 -11.91 28.23
CA SER C 442 -0.61 -13.28 28.60
C SER C 442 -1.31 -13.70 29.88
N GLU C 443 -1.80 -14.94 29.87
CA GLU C 443 -2.47 -15.53 31.01
C GLU C 443 -1.47 -15.76 32.15
N VAL C 444 -0.23 -16.08 31.78
CA VAL C 444 0.75 -16.57 32.76
C VAL C 444 2.04 -15.77 32.89
N ASN C 445 2.14 -14.63 32.20
CA ASN C 445 3.41 -13.93 32.09
C ASN C 445 3.31 -12.43 32.36
N ILE C 446 4.28 -11.92 33.11
CA ILE C 446 4.54 -10.49 33.21
C ILE C 446 6.01 -10.25 32.87
N SER C 447 6.25 -9.36 31.89
CA SER C 447 7.60 -9.02 31.48
C SER C 447 7.86 -7.55 31.73
N PHE C 448 9.11 -7.22 32.04
CA PHE C 448 9.52 -5.83 32.20
C PHE C 448 10.97 -5.64 31.77
N VAL C 449 11.37 -4.39 31.60
CA VAL C 449 12.69 -4.06 31.11
C VAL C 449 13.45 -3.25 32.17
N ILE C 450 14.69 -3.64 32.40
CA ILE C 450 15.58 -2.92 33.31
C ILE C 450 16.97 -2.79 32.67
N ASP C 451 17.86 -2.06 33.33
CA ASP C 451 19.26 -1.93 32.85
C ASP C 451 19.96 -3.27 32.91
N GLU C 452 20.84 -3.52 31.95
CA GLU C 452 21.54 -4.81 31.85
C GLU C 452 22.35 -5.12 33.11
N LYS C 453 22.93 -4.07 33.70
CA LYS C 453 23.76 -4.20 34.89
C LYS C 453 23.00 -4.71 36.12
N ASP C 454 21.69 -4.51 36.17
CA ASP C 454 20.89 -4.93 37.33
C ASP C 454 20.25 -6.30 37.17
N LEU C 455 20.58 -6.99 36.07
CA LEU C 455 19.99 -8.29 35.78
C LEU C 455 20.14 -9.25 36.93
N LEU C 456 21.39 -9.60 37.23
CA LEU C 456 21.72 -10.58 38.28
C LEU C 456 21.04 -10.28 39.61
N ASN C 457 21.21 -9.06 40.12
CA ASN C 457 20.60 -8.66 41.38
C ASN C 457 19.09 -8.76 41.37
N CYS C 458 18.46 -8.40 40.24
CA CYS C 458 17.01 -8.41 40.10
C CYS C 458 16.45 -9.84 40.14
N VAL C 459 17.02 -10.72 39.33
CA VAL C 459 16.66 -12.14 39.32
C VAL C 459 16.80 -12.78 40.72
N ARG C 460 17.90 -12.49 41.41
CA ARG C 460 18.12 -13.01 42.77
C ARG C 460 16.99 -12.60 43.71
N LYS C 461 16.68 -11.30 43.74
CA LYS C 461 15.67 -10.78 44.66
C LYS C 461 14.31 -11.40 44.37
N LEU C 462 13.97 -11.47 43.08
CA LEU C 462 12.76 -12.13 42.62
C LEU C 462 12.71 -13.60 43.04
N HIS C 463 13.84 -14.28 42.87
CA HIS C 463 13.96 -15.70 43.26
C HIS C 463 13.76 -15.86 44.76
N GLU C 464 14.46 -15.03 45.53
CA GLU C 464 14.35 -15.02 46.99
C GLU C 464 12.92 -14.86 47.47
N LYS C 465 12.24 -13.82 47.00
CA LYS C 465 10.88 -13.54 47.46
C LYS C 465 9.85 -14.61 47.08
N PHE C 466 9.93 -15.13 45.85
CA PHE C 466 8.86 -16.02 45.36
C PHE C 466 9.12 -17.52 45.47
N ILE C 467 10.40 -17.90 45.46
CA ILE C 467 10.72 -19.32 45.37
C ILE C 467 11.27 -19.90 46.66
N GLU C 468 12.18 -19.16 47.30
CA GLU C 468 12.88 -19.58 48.51
C GLU C 468 12.13 -19.20 49.81
N LYS C 469 11.70 -17.93 49.87
CA LYS C 469 11.00 -17.34 51.04
C LYS C 469 11.84 -17.38 52.33
N THR D 1 -1.47 40.21 24.36
CA THR D 1 -2.61 39.54 23.69
C THR D 1 -3.10 38.41 24.61
N THR D 2 -4.39 38.44 24.90
CA THR D 2 -5.00 37.48 25.81
C THR D 2 -6.22 36.86 25.16
N VAL D 3 -6.18 35.54 25.03
CA VAL D 3 -7.38 34.81 24.61
C VAL D 3 -8.02 34.14 25.83
N MET D 4 -9.31 34.36 25.98
CA MET D 4 -10.06 33.87 27.12
C MET D 4 -11.19 32.98 26.62
N LYS D 5 -11.20 31.74 27.09
CA LYS D 5 -12.21 30.77 26.69
C LYS D 5 -13.16 30.47 27.84
N PHE D 6 -14.46 30.47 27.55
CA PHE D 6 -15.49 30.21 28.56
C PHE D 6 -16.33 28.98 28.25
N GLY D 7 -16.39 28.06 29.20
CA GLY D 7 -17.10 26.78 29.00
C GLY D 7 -18.61 26.84 29.06
N GLY D 8 -19.24 25.68 28.85
CA GLY D 8 -20.68 25.54 28.89
C GLY D 8 -21.36 26.10 30.13
N THR D 9 -20.97 25.61 31.30
CA THR D 9 -21.60 26.04 32.55
C THR D 9 -21.29 27.51 32.83
N SER D 10 -20.10 27.96 32.46
CA SER D 10 -19.69 29.36 32.61
C SER D 10 -20.68 30.34 31.98
N VAL D 11 -21.36 29.89 30.94
CA VAL D 11 -22.37 30.69 30.26
C VAL D 11 -23.74 30.00 30.28
N GLY D 12 -24.00 29.26 31.36
CA GLY D 12 -25.19 28.43 31.49
C GLY D 12 -26.50 29.17 31.65
N SER D 13 -26.43 30.48 31.79
CA SER D 13 -27.61 31.34 31.90
C SER D 13 -27.24 32.77 31.55
N GLY D 14 -28.24 33.60 31.32
CA GLY D 14 -28.02 35.01 31.03
C GLY D 14 -27.22 35.72 32.10
N GLU D 15 -27.53 35.43 33.36
CA GLU D 15 -26.85 36.01 34.51
C GLU D 15 -25.36 35.67 34.46
N ARG D 16 -25.04 34.41 34.18
CA ARG D 16 -23.67 33.95 34.06
C ARG D 16 -22.94 34.59 32.87
N ILE D 17 -23.63 34.70 31.73
CA ILE D 17 -23.11 35.40 30.55
C ILE D 17 -22.70 36.86 30.84
N ARG D 18 -23.54 37.59 31.57
CA ARG D 18 -23.23 38.95 31.99
C ARG D 18 -22.02 38.97 32.89
N HIS D 19 -21.97 38.03 33.84
CA HIS D 19 -20.82 37.86 34.75
C HIS D 19 -19.54 37.60 33.95
N VAL D 20 -19.62 36.71 32.96
CA VAL D 20 -18.50 36.45 32.06
C VAL D 20 -18.09 37.73 31.29
N ALA D 21 -19.09 38.45 30.78
CA ALA D 21 -18.85 39.71 30.07
C ALA D 21 -18.10 40.71 30.94
N LYS D 22 -18.46 40.79 32.22
CA LYS D 22 -17.71 41.60 33.17
C LYS D 22 -16.26 41.13 33.32
N ILE D 23 -16.04 39.83 33.42
CA ILE D 23 -14.68 39.30 33.57
C ILE D 23 -13.83 39.75 32.38
N VAL D 24 -14.38 39.59 31.18
CA VAL D 24 -13.71 39.96 29.94
C VAL D 24 -13.42 41.45 29.92
N THR D 25 -14.39 42.24 30.34
CA THR D 25 -14.32 43.69 30.26
C THR D 25 -13.29 44.24 31.24
N LYS D 26 -13.06 43.52 32.34
CA LYS D 26 -12.02 43.83 33.31
C LYS D 26 -10.61 43.52 32.77
N ARG D 27 -10.48 42.43 32.01
CA ARG D 27 -9.22 42.11 31.32
C ARG D 27 -8.86 43.15 30.27
N LYS D 28 -9.89 43.67 29.60
CA LYS D 28 -9.72 44.67 28.56
C LYS D 28 -8.94 45.90 29.06
N LYS D 29 -9.04 46.16 30.36
CA LYS D 29 -8.32 47.25 31.02
C LYS D 29 -6.85 46.92 31.35
N GLU D 30 -6.55 45.63 31.49
CA GLU D 30 -5.17 45.19 31.76
C GLU D 30 -4.40 44.93 30.46
N ASP D 31 -5.09 44.31 29.49
CA ASP D 31 -4.54 44.08 28.17
C ASP D 31 -5.58 44.50 27.16
N ASP D 32 -5.19 45.37 26.23
CA ASP D 32 -6.13 45.91 25.26
C ASP D 32 -6.47 44.94 24.12
N ASP D 33 -5.60 43.94 23.92
CA ASP D 33 -5.88 42.92 22.92
C ASP D 33 -6.48 41.65 23.55
N VAL D 34 -7.80 41.55 23.54
CA VAL D 34 -8.51 40.43 24.10
C VAL D 34 -9.38 39.74 23.04
N VAL D 35 -9.20 38.42 22.91
CA VAL D 35 -10.09 37.60 22.09
C VAL D 35 -10.83 36.60 22.98
N VAL D 36 -12.15 36.48 22.81
CA VAL D 36 -12.94 35.52 23.55
C VAL D 36 -13.26 34.30 22.70
N VAL D 37 -13.22 33.13 23.33
CA VAL D 37 -13.70 31.89 22.75
C VAL D 37 -14.82 31.37 23.66
N VAL D 38 -15.97 31.06 23.07
CA VAL D 38 -17.11 30.66 23.88
C VAL D 38 -17.74 29.35 23.41
N SER D 39 -18.02 28.45 24.35
CA SER D 39 -18.77 27.24 24.11
C SER D 39 -20.27 27.53 24.02
N ALA D 40 -21.02 26.53 23.56
CA ALA D 40 -22.47 26.53 23.62
C ALA D 40 -22.89 26.59 25.09
N MET D 41 -24.06 27.18 25.32
CA MET D 41 -24.63 27.18 26.65
C MET D 41 -24.71 25.77 27.21
N SER D 42 -24.47 25.67 28.51
CA SER D 42 -24.71 24.45 29.27
C SER D 42 -25.79 23.56 28.65
N GLU D 43 -25.42 22.32 28.36
CA GLU D 43 -26.38 21.27 28.05
C GLU D 43 -27.02 21.34 26.65
N VAL D 44 -26.73 22.36 25.85
CA VAL D 44 -27.38 22.42 24.54
C VAL D 44 -26.73 21.53 23.46
N THR D 45 -25.41 21.37 23.50
CA THR D 45 -24.72 20.51 22.55
C THR D 45 -25.28 19.10 22.66
N ASN D 46 -25.42 18.61 23.89
CA ASN D 46 -26.04 17.31 24.16
C ASN D 46 -27.46 17.20 23.61
N ALA D 47 -28.22 18.28 23.76
CA ALA D 47 -29.58 18.32 23.25
C ALA D 47 -29.61 18.26 21.72
N LEU D 48 -28.62 18.91 21.11
CA LEU D 48 -28.47 18.91 19.66
C LEU D 48 -28.06 17.54 19.15
N VAL D 49 -27.17 16.88 19.88
CA VAL D 49 -26.79 15.51 19.57
C VAL D 49 -28.03 14.64 19.53
N GLU D 50 -28.84 14.70 20.59
CA GLU D 50 -29.95 13.76 20.71
C GLU D 50 -31.14 14.06 19.79
N ILE D 51 -31.35 15.34 19.47
CA ILE D 51 -32.37 15.70 18.50
C ILE D 51 -31.98 15.27 17.07
N SER D 52 -30.67 15.27 16.79
CA SER D 52 -30.16 14.78 15.52
C SER D 52 -30.52 13.32 15.30
N GLN D 53 -30.36 12.52 16.35
CA GLN D 53 -30.62 11.10 16.27
C GLN D 53 -32.12 10.82 16.20
N GLN D 54 -32.92 11.64 16.88
CA GLN D 54 -34.38 11.52 16.88
C GLN D 54 -34.97 11.89 15.53
N ALA D 55 -34.48 12.98 14.94
CA ALA D 55 -34.95 13.42 13.64
C ALA D 55 -34.64 12.37 12.58
N LEU D 56 -33.48 11.74 12.70
CA LEU D 56 -33.10 10.65 11.81
C LEU D 56 -33.99 9.43 12.01
N ASP D 57 -34.01 8.89 13.22
CA ASP D 57 -34.62 7.59 13.50
C ASP D 57 -36.16 7.61 13.51
N VAL D 58 -36.77 8.28 14.49
CA VAL D 58 -38.23 8.30 14.63
C VAL D 58 -38.91 9.22 13.62
N ARG D 59 -38.22 10.31 13.26
CA ARG D 59 -38.64 11.24 12.19
C ARG D 59 -39.88 12.10 12.53
N ASP D 60 -40.09 12.37 13.82
CA ASP D 60 -41.27 13.08 14.30
C ASP D 60 -41.13 14.61 14.21
N ILE D 61 -41.93 15.23 13.34
CA ILE D 61 -41.86 16.66 13.04
C ILE D 61 -42.21 17.55 14.25
N ALA D 62 -43.11 17.08 15.11
CA ALA D 62 -43.55 17.83 16.28
C ALA D 62 -42.57 17.73 17.45
N LYS D 63 -41.77 16.68 17.46
CA LYS D 63 -40.71 16.48 18.43
C LYS D 63 -39.55 17.43 18.13
N VAL D 64 -39.36 17.73 16.85
CA VAL D 64 -38.42 18.75 16.38
C VAL D 64 -38.90 20.11 16.83
N GLY D 65 -40.19 20.36 16.69
CA GLY D 65 -40.82 21.61 17.09
C GLY D 65 -40.74 21.84 18.58
N ASP D 66 -40.86 20.78 19.36
CA ASP D 66 -40.70 20.84 20.81
C ASP D 66 -39.28 21.29 21.16
N PHE D 67 -38.31 20.73 20.45
CA PHE D 67 -36.91 21.07 20.61
C PHE D 67 -36.60 22.54 20.28
N ILE D 68 -37.10 23.00 19.15
CA ILE D 68 -36.90 24.38 18.72
C ILE D 68 -37.35 25.35 19.81
N LYS D 69 -38.49 25.06 20.43
CA LYS D 69 -39.07 25.92 21.46
C LYS D 69 -38.27 25.89 22.76
N PHE D 70 -37.77 24.72 23.13
CA PHE D 70 -36.82 24.61 24.23
C PHE D 70 -35.58 25.48 23.98
N ILE D 71 -35.03 25.42 22.76
CA ILE D 71 -33.88 26.24 22.36
C ILE D 71 -34.22 27.73 22.33
N ARG D 72 -35.38 28.07 21.79
CA ARG D 72 -35.83 29.44 21.70
C ARG D 72 -35.97 30.06 23.09
N GLU D 73 -36.64 29.36 23.99
CA GLU D 73 -36.90 29.87 25.33
C GLU D 73 -35.66 29.92 26.22
N LYS D 74 -34.71 29.04 25.98
CA LYS D 74 -33.45 29.06 26.74
C LYS D 74 -32.62 30.28 26.39
N HIS D 75 -32.56 30.60 25.08
CA HIS D 75 -31.75 31.69 24.57
C HIS D 75 -32.43 33.04 24.67
N TYR D 76 -33.75 33.08 24.55
CA TYR D 76 -34.52 34.31 24.81
C TYR D 76 -34.35 34.75 26.25
N LYS D 77 -34.57 33.83 27.19
CA LYS D 77 -34.38 34.10 28.62
C LYS D 77 -32.94 34.54 28.91
N ALA D 78 -31.98 33.99 28.18
CA ALA D 78 -30.58 34.37 28.32
C ALA D 78 -30.33 35.81 27.86
N ILE D 79 -30.82 36.17 26.68
CA ILE D 79 -30.72 37.54 26.17
C ILE D 79 -31.30 38.54 27.19
N GLU D 80 -32.49 38.23 27.69
CA GLU D 80 -33.22 39.06 28.66
C GLU D 80 -32.46 39.26 29.98
N GLU D 81 -31.77 38.22 30.44
CA GLU D 81 -31.09 38.28 31.72
C GLU D 81 -29.62 38.71 31.64
N ALA D 82 -29.08 38.85 30.44
CA ALA D 82 -27.67 39.19 30.25
C ALA D 82 -27.44 40.62 29.77
N ILE D 83 -28.43 41.18 29.08
CA ILE D 83 -28.29 42.47 28.40
C ILE D 83 -29.36 43.45 28.88
N LYS D 84 -28.94 44.67 29.24
CA LYS D 84 -29.88 45.70 29.68
C LYS D 84 -30.48 46.52 28.55
N SER D 85 -29.63 47.04 27.66
CA SER D 85 -30.08 47.84 26.52
C SER D 85 -31.12 47.13 25.66
N GLU D 86 -32.25 47.78 25.44
CA GLU D 86 -33.34 47.24 24.63
C GLU D 86 -32.92 47.12 23.17
N GLU D 87 -32.16 48.11 22.71
CA GLU D 87 -31.69 48.17 21.34
C GLU D 87 -30.80 46.97 21.00
N ILE D 88 -29.96 46.58 21.96
CA ILE D 88 -29.03 45.46 21.80
C ILE D 88 -29.75 44.10 21.88
N LYS D 89 -30.65 43.94 22.87
CA LYS D 89 -31.49 42.75 22.96
C LYS D 89 -32.17 42.46 21.63
N GLU D 90 -32.83 43.50 21.09
CA GLU D 90 -33.53 43.46 19.81
C GLU D 90 -32.58 43.06 18.66
N GLU D 91 -31.33 43.48 18.75
CA GLU D 91 -30.27 43.18 17.77
C GLU D 91 -29.79 41.73 17.86
N VAL D 92 -29.56 41.26 19.07
CA VAL D 92 -29.14 39.88 19.34
C VAL D 92 -30.25 38.86 19.08
N LYS D 93 -31.49 39.22 19.44
CA LYS D 93 -32.65 38.35 19.22
C LYS D 93 -32.82 38.00 17.74
N LYS D 94 -32.56 38.98 16.88
CA LYS D 94 -32.66 38.78 15.45
C LYS D 94 -31.65 37.75 14.92
N ILE D 95 -30.40 37.89 15.34
CA ILE D 95 -29.38 36.90 14.99
C ILE D 95 -29.80 35.51 15.45
N ILE D 96 -30.20 35.38 16.72
CA ILE D 96 -30.70 34.13 17.28
C ILE D 96 -31.85 33.54 16.42
N ASP D 97 -32.73 34.41 15.93
CA ASP D 97 -33.88 33.98 15.15
C ASP D 97 -33.51 33.45 13.79
N SER D 98 -32.52 34.08 13.17
CA SER D 98 -31.96 33.58 11.92
C SER D 98 -31.36 32.20 12.12
N ARG D 99 -30.74 31.98 13.28
CA ARG D 99 -30.11 30.70 13.58
C ARG D 99 -31.17 29.64 13.80
N ILE D 100 -32.21 29.99 14.56
CA ILE D 100 -33.30 29.06 14.84
C ILE D 100 -34.07 28.64 13.56
N GLU D 101 -34.26 29.59 12.64
CA GLU D 101 -34.84 29.29 11.33
C GLU D 101 -34.04 28.20 10.65
N GLU D 102 -32.73 28.42 10.51
CA GLU D 102 -31.83 27.49 9.84
C GLU D 102 -31.82 26.14 10.54
N LEU D 103 -31.71 26.16 11.87
CA LEU D 103 -31.75 24.95 12.68
C LEU D 103 -33.00 24.14 12.39
N GLU D 104 -34.14 24.82 12.36
CA GLU D 104 -35.43 24.17 12.14
C GLU D 104 -35.52 23.54 10.76
N LYS D 105 -35.14 24.30 9.73
CA LYS D 105 -35.15 23.80 8.35
C LYS D 105 -34.31 22.53 8.24
N VAL D 106 -33.13 22.53 8.86
CA VAL D 106 -32.20 21.43 8.71
C VAL D 106 -32.70 20.17 9.42
N LEU D 107 -33.27 20.34 10.60
CA LEU D 107 -33.83 19.20 11.33
C LEU D 107 -35.01 18.56 10.61
N ILE D 108 -35.87 19.40 10.03
CA ILE D 108 -36.99 18.94 9.21
C ILE D 108 -36.50 18.22 7.95
N GLY D 109 -35.52 18.83 7.28
CA GLY D 109 -34.89 18.21 6.13
C GLY D 109 -34.33 16.84 6.47
N VAL D 110 -33.75 16.71 7.66
CA VAL D 110 -33.21 15.43 8.10
C VAL D 110 -34.33 14.43 8.24
N ALA D 111 -35.42 14.86 8.87
CA ALA D 111 -36.59 14.01 9.06
C ALA D 111 -37.22 13.58 7.74
N TYR D 112 -37.29 14.50 6.78
CA TYR D 112 -37.86 14.20 5.48
C TYR D 112 -37.07 13.18 4.69
N LEU D 113 -35.74 13.23 4.82
CA LEU D 113 -34.85 12.34 4.10
C LEU D 113 -34.66 11.01 4.81
N GLY D 114 -34.68 11.05 6.14
CA GLY D 114 -34.21 9.91 6.93
C GLY D 114 -32.73 9.67 6.74
N GLU D 115 -31.97 10.74 6.55
CA GLU D 115 -30.53 10.66 6.38
C GLU D 115 -29.82 11.73 7.21
N LEU D 116 -28.79 11.30 7.94
CA LEU D 116 -27.97 12.21 8.72
C LEU D 116 -26.51 11.90 8.44
N THR D 117 -25.95 12.58 7.45
CA THR D 117 -24.56 12.42 7.08
C THR D 117 -23.66 13.09 8.11
N PRO D 118 -22.40 12.66 8.23
CA PRO D 118 -21.48 13.36 9.11
C PRO D 118 -21.47 14.89 8.91
N LYS D 119 -21.57 15.34 7.67
CA LYS D 119 -21.59 16.78 7.32
C LYS D 119 -22.77 17.48 7.98
N SER D 120 -23.95 16.88 7.88
CA SER D 120 -25.17 17.41 8.47
C SER D 120 -25.10 17.45 10.00
N ARG D 121 -24.52 16.41 10.59
CA ARG D 121 -24.29 16.37 12.03
C ARG D 121 -23.53 17.59 12.51
N ASP D 122 -22.38 17.85 11.88
CA ASP D 122 -21.52 18.97 12.25
C ASP D 122 -22.28 20.28 12.10
N TYR D 123 -23.03 20.42 11.01
CA TYR D 123 -23.79 21.65 10.81
C TYR D 123 -24.75 21.87 11.97
N ILE D 124 -25.49 20.83 12.33
CA ILE D 124 -26.46 20.90 13.43
C ILE D 124 -25.77 21.24 14.77
N LEU D 125 -24.69 20.55 15.09
CA LEU D 125 -23.99 20.77 16.35
C LEU D 125 -23.45 22.19 16.51
N SER D 126 -23.00 22.80 15.41
CA SER D 126 -22.39 24.12 15.45
C SER D 126 -23.34 25.19 15.93
N PHE D 127 -24.64 24.91 15.90
CA PHE D 127 -25.64 25.89 16.31
C PHE D 127 -25.51 26.32 17.78
N GLY D 128 -25.10 25.38 18.63
CA GLY D 128 -24.83 25.66 20.03
C GLY D 128 -24.03 26.93 20.21
N GLU D 129 -22.78 26.91 19.73
CA GLU D 129 -21.87 28.05 19.81
C GLU D 129 -22.32 29.25 18.99
N ARG D 130 -23.03 28.99 17.89
CA ARG D 130 -23.52 30.06 17.03
C ARG D 130 -24.72 30.80 17.62
N LEU D 131 -25.34 30.18 18.62
CA LEU D 131 -26.43 30.78 19.38
C LEU D 131 -25.94 31.49 20.65
N SER D 132 -24.86 30.99 21.25
CA SER D 132 -24.39 31.58 22.50
C SER D 132 -23.47 32.78 22.28
N SER D 133 -22.62 32.71 21.26
CA SER D 133 -21.62 33.74 21.01
C SER D 133 -22.19 35.14 20.79
N PRO D 134 -23.28 35.26 20.02
CA PRO D 134 -23.87 36.61 19.84
C PRO D 134 -24.47 37.18 21.12
N ILE D 135 -24.93 36.33 22.02
CA ILE D 135 -25.47 36.77 23.32
C ILE D 135 -24.36 37.35 24.17
N LEU D 136 -23.22 36.66 24.21
CA LEU D 136 -22.06 37.13 24.98
C LEU D 136 -21.49 38.39 24.34
N SER D 137 -21.42 38.40 23.02
CA SER D 137 -20.94 39.59 22.30
C SER D 137 -21.81 40.81 22.59
N GLY D 138 -23.12 40.62 22.58
CA GLY D 138 -24.07 41.67 22.95
C GLY D 138 -23.97 42.14 24.41
N ALA D 139 -23.69 41.21 25.32
CA ALA D 139 -23.49 41.57 26.72
C ALA D 139 -22.21 42.36 26.88
N ILE D 140 -21.19 42.05 26.09
CA ILE D 140 -19.94 42.80 26.13
C ILE D 140 -20.14 44.22 25.59
N ARG D 141 -20.97 44.36 24.56
CA ARG D 141 -21.36 45.67 24.05
C ARG D 141 -22.19 46.42 25.09
N ASP D 142 -23.11 45.72 25.75
CA ASP D 142 -23.94 46.30 26.79
C ASP D 142 -23.10 46.96 27.89
N LEU D 143 -21.86 46.53 28.05
CA LEU D 143 -20.96 47.12 29.04
C LEU D 143 -20.03 48.14 28.41
N GLY D 144 -20.43 48.67 27.26
CA GLY D 144 -19.76 49.80 26.63
C GLY D 144 -18.45 49.48 25.96
N GLU D 145 -18.28 48.23 25.56
CA GLU D 145 -17.08 47.78 24.87
C GLU D 145 -17.46 47.27 23.48
N LYS D 146 -16.59 47.45 22.49
CA LYS D 146 -16.88 47.01 21.13
C LYS D 146 -16.66 45.50 20.96
N SER D 147 -17.64 44.81 20.39
CA SER D 147 -17.54 43.35 20.20
C SER D 147 -18.40 42.86 19.04
N ILE D 148 -17.89 41.89 18.29
CA ILE D 148 -18.69 41.14 17.32
C ILE D 148 -18.49 39.65 17.48
N ALA D 149 -19.51 38.89 17.09
CA ALA D 149 -19.47 37.43 17.15
C ALA D 149 -18.98 36.85 15.81
N LEU D 150 -18.02 35.94 15.92
CA LEU D 150 -17.43 35.26 14.75
C LEU D 150 -17.54 33.75 14.85
N GLU D 151 -17.52 33.10 13.69
CA GLU D 151 -17.47 31.65 13.65
C GLU D 151 -16.03 31.18 13.45
N GLY D 152 -15.73 29.97 13.89
CA GLY D 152 -14.38 29.42 13.87
C GLY D 152 -13.68 29.61 12.53
N GLY D 153 -14.37 29.21 11.47
CA GLY D 153 -13.85 29.33 10.12
C GLY D 153 -13.46 30.75 9.77
N GLU D 154 -14.41 31.67 9.86
CA GLU D 154 -14.12 33.08 9.57
C GLU D 154 -13.14 33.72 10.56
N ALA D 155 -12.92 33.07 11.70
CA ALA D 155 -11.87 33.51 12.61
C ALA D 155 -10.50 32.94 12.23
N GLY D 156 -10.48 32.09 11.20
CA GLY D 156 -9.23 31.63 10.59
C GLY D 156 -8.83 30.18 10.83
N ILE D 157 -9.76 29.39 11.35
CA ILE D 157 -9.52 27.97 11.58
C ILE D 157 -10.05 27.15 10.41
N ILE D 158 -9.12 26.69 9.57
CA ILE D 158 -9.42 25.89 8.38
C ILE D 158 -9.03 24.43 8.62
N THR D 159 -9.99 23.54 8.40
CA THR D 159 -9.80 22.11 8.63
C THR D 159 -9.92 21.31 7.34
N ASP D 160 -9.61 20.01 7.40
CA ASP D 160 -10.01 19.08 6.35
C ASP D 160 -11.50 18.82 6.50
N ASN D 161 -12.02 17.85 5.77
CA ASN D 161 -13.44 17.57 5.85
C ASN D 161 -13.74 16.20 6.40
N ASN D 162 -13.00 15.84 7.44
CA ASN D 162 -13.33 14.67 8.22
C ASN D 162 -14.31 15.08 9.32
N PHE D 163 -15.57 15.21 8.93
CA PHE D 163 -16.63 15.71 9.79
C PHE D 163 -16.76 14.85 11.05
N GLY D 164 -16.98 15.50 12.19
CA GLY D 164 -17.08 14.81 13.48
C GLY D 164 -15.85 15.08 14.33
N SER D 165 -14.69 15.01 13.69
CA SER D 165 -13.40 15.36 14.31
C SER D 165 -12.43 15.80 13.21
N ALA D 166 -12.74 16.93 12.59
CA ALA D 166 -11.88 17.49 11.56
C ALA D 166 -10.55 17.87 12.19
N ARG D 167 -9.44 17.61 11.49
CA ARG D 167 -8.15 18.12 11.95
C ARG D 167 -7.78 19.40 11.23
N VAL D 168 -7.09 20.27 11.97
CA VAL D 168 -6.70 21.58 11.49
C VAL D 168 -5.67 21.46 10.37
N LYS D 169 -5.95 22.11 9.25
CA LYS D 169 -5.02 22.18 8.12
C LYS D 169 -4.16 23.43 8.19
N ARG D 170 -4.78 24.55 8.53
CA ARG D 170 -4.25 25.84 8.20
C ARG D 170 -4.84 26.89 9.13
N LEU D 171 -4.04 27.90 9.46
CA LEU D 171 -4.52 28.99 10.29
C LEU D 171 -4.38 30.34 9.59
N GLU D 172 -5.42 31.17 9.72
CA GLU D 172 -5.41 32.53 9.20
C GLU D 172 -5.91 33.45 10.28
N VAL D 173 -5.50 33.18 11.52
CA VAL D 173 -6.04 33.87 12.68
C VAL D 173 -5.58 35.32 12.70
N LYS D 174 -4.29 35.54 12.43
CA LYS D 174 -3.74 36.89 12.32
C LYS D 174 -4.50 37.71 11.29
N GLU D 175 -4.63 37.15 10.10
CA GLU D 175 -5.28 37.84 8.98
C GLU D 175 -6.71 38.26 9.27
N ARG D 176 -7.44 37.41 9.97
CA ARG D 176 -8.86 37.68 10.25
C ARG D 176 -9.08 38.56 11.48
N LEU D 177 -8.25 38.37 12.50
CA LEU D 177 -8.50 38.99 13.81
C LEU D 177 -7.76 40.28 14.08
N LEU D 178 -6.54 40.40 13.58
CA LEU D 178 -5.73 41.61 13.74
C LEU D 178 -6.42 42.92 13.32
N PRO D 179 -7.04 42.97 12.11
CA PRO D 179 -7.78 44.18 11.76
C PRO D 179 -8.82 44.55 12.81
N LEU D 180 -9.51 43.55 13.36
CA LEU D 180 -10.55 43.76 14.36
C LEU D 180 -9.99 44.25 15.69
N LEU D 181 -8.82 43.73 16.06
CA LEU D 181 -8.17 44.12 17.33
C LEU D 181 -7.61 45.53 17.26
N LYS D 182 -7.07 45.88 16.10
CA LYS D 182 -6.54 47.21 15.83
C LYS D 182 -7.63 48.28 15.99
N GLU D 183 -8.86 47.96 15.59
CA GLU D 183 -10.01 48.84 15.82
C GLU D 183 -10.51 48.80 17.28
N GLY D 184 -9.82 48.03 18.13
CA GLY D 184 -10.19 47.89 19.54
C GLY D 184 -11.36 46.94 19.84
N ILE D 185 -11.73 46.13 18.85
CA ILE D 185 -12.90 45.23 18.96
C ILE D 185 -12.52 43.92 19.69
N ILE D 186 -13.40 43.47 20.59
CA ILE D 186 -13.26 42.16 21.22
C ILE D 186 -14.04 41.12 20.41
N PRO D 187 -13.33 40.26 19.66
CA PRO D 187 -14.05 39.24 18.92
C PRO D 187 -14.47 38.11 19.84
N VAL D 188 -15.73 37.70 19.70
CA VAL D 188 -16.21 36.51 20.39
C VAL D 188 -16.29 35.38 19.36
N VAL D 189 -15.25 34.55 19.38
CA VAL D 189 -15.12 33.44 18.45
C VAL D 189 -15.84 32.22 19.00
N THR D 190 -16.68 31.61 18.15
CA THR D 190 -17.34 30.34 18.49
C THR D 190 -16.32 29.27 18.79
N GLY D 191 -16.59 28.51 19.84
CA GLY D 191 -15.75 27.43 20.28
C GLY D 191 -15.43 26.36 19.26
N PHE D 192 -16.17 25.25 19.27
CA PHE D 192 -15.58 24.01 18.77
C PHE D 192 -15.71 23.73 17.28
N ILE D 193 -15.85 24.81 16.51
CA ILE D 193 -16.09 24.69 15.10
C ILE D 193 -15.02 25.36 14.25
N GLY D 194 -14.83 24.82 13.05
CA GLY D 194 -13.97 25.43 12.06
C GLY D 194 -14.64 25.32 10.69
N THR D 195 -13.85 25.56 9.65
CA THR D 195 -14.39 25.51 8.29
C THR D 195 -13.53 24.72 7.30
N THR D 196 -14.20 24.07 6.36
CA THR D 196 -13.53 23.40 5.25
C THR D 196 -12.98 24.44 4.29
N GLU D 197 -12.07 24.04 3.41
CA GLU D 197 -11.55 24.93 2.39
C GLU D 197 -12.67 25.59 1.59
N GLU D 198 -13.79 24.90 1.44
CA GLU D 198 -14.93 25.44 0.70
C GLU D 198 -16.03 26.00 1.60
N GLY D 199 -15.73 26.27 2.87
CA GLY D 199 -16.67 26.93 3.77
C GLY D 199 -17.69 26.04 4.47
N TYR D 200 -17.56 24.73 4.34
CA TYR D 200 -18.44 23.81 5.07
C TYR D 200 -18.08 23.81 6.54
N ILE D 201 -19.10 23.98 7.38
CA ILE D 201 -18.92 24.00 8.84
C ILE D 201 -18.51 22.63 9.36
N THR D 202 -17.56 22.65 10.29
CA THR D 202 -16.86 21.47 10.73
C THR D 202 -16.66 21.53 12.26
N THR D 203 -16.76 20.40 12.96
CA THR D 203 -16.49 20.38 14.41
C THR D 203 -15.17 19.69 14.75
N LEU D 204 -14.58 20.11 15.86
CA LEU D 204 -13.22 19.70 16.23
C LEU D 204 -13.20 18.55 17.24
N GLY D 205 -14.36 17.96 17.51
CA GLY D 205 -14.50 16.89 18.49
C GLY D 205 -15.03 17.45 19.79
N ARG D 206 -15.77 16.63 20.55
CA ARG D 206 -16.36 17.03 21.83
C ARG D 206 -15.32 17.56 22.82
N GLY D 207 -15.66 18.68 23.46
CA GLY D 207 -14.74 19.37 24.34
C GLY D 207 -13.77 20.24 23.57
N GLY D 208 -14.07 20.45 22.30
CA GLY D 208 -13.19 21.11 21.35
C GLY D 208 -12.98 22.60 21.54
N SER D 209 -13.85 23.26 22.29
CA SER D 209 -13.70 24.68 22.55
C SER D 209 -12.35 25.03 23.17
N ASP D 210 -11.82 24.13 23.98
CA ASP D 210 -10.51 24.32 24.58
C ASP D 210 -9.47 24.43 23.50
N TYR D 211 -9.57 23.51 22.53
CA TYR D 211 -8.64 23.43 21.42
C TYR D 211 -8.70 24.67 20.55
N SER D 212 -9.90 25.22 20.35
CA SER D 212 -10.06 26.46 19.61
C SER D 212 -9.27 27.59 20.27
N ALA D 213 -9.36 27.69 21.59
CA ALA D 213 -8.64 28.72 22.33
C ALA D 213 -7.14 28.61 22.10
N ALA D 214 -6.63 27.38 22.04
CA ALA D 214 -5.20 27.13 21.87
C ALA D 214 -4.77 27.50 20.47
N LEU D 215 -5.63 27.17 19.50
CA LEU D 215 -5.39 27.47 18.10
C LEU D 215 -5.31 28.98 17.91
N ILE D 216 -6.30 29.69 18.42
CA ILE D 216 -6.32 31.14 18.29
C ILE D 216 -5.14 31.76 19.01
N GLY D 217 -4.83 31.24 20.20
CA GLY D 217 -3.61 31.62 20.89
C GLY D 217 -2.38 31.45 20.01
N TYR D 218 -2.17 30.22 19.53
CA TYR D 218 -1.08 29.90 18.62
C TYR D 218 -1.02 30.87 17.43
N GLY D 219 -2.17 31.06 16.76
CA GLY D 219 -2.24 31.89 15.57
C GLY D 219 -1.84 33.32 15.80
N LEU D 220 -2.20 33.84 16.95
CA LEU D 220 -1.97 35.23 17.30
C LEU D 220 -0.68 35.46 18.08
N ASP D 221 0.12 34.42 18.30
CA ASP D 221 1.32 34.54 19.15
C ASP D 221 0.95 35.21 20.48
N ALA D 222 -0.17 34.77 21.05
CA ALA D 222 -0.71 35.34 22.27
C ALA D 222 0.25 35.21 23.45
N ASP D 223 0.10 36.11 24.41
CA ASP D 223 0.91 36.09 25.62
C ASP D 223 0.40 35.03 26.62
N ILE D 224 -0.90 34.77 26.57
CA ILE D 224 -1.53 33.80 27.46
C ILE D 224 -2.84 33.26 26.91
N ILE D 225 -3.09 31.98 27.14
CA ILE D 225 -4.38 31.35 26.86
C ILE D 225 -5.09 31.02 28.18
N GLU D 226 -6.25 31.63 28.39
CA GLU D 226 -6.99 31.42 29.64
C GLU D 226 -8.16 30.50 29.46
N ILE D 227 -8.16 29.41 30.22
CA ILE D 227 -9.27 28.48 30.22
C ILE D 227 -10.17 28.72 31.44
N TRP D 228 -11.33 29.30 31.18
CA TRP D 228 -12.32 29.59 32.22
C TRP D 228 -13.39 28.52 32.29
N THR D 229 -13.42 27.84 33.43
CA THR D 229 -14.26 26.65 33.63
C THR D 229 -15.01 26.72 34.97
N ASP D 230 -15.50 25.61 35.49
CA ASP D 230 -16.27 25.61 36.73
C ASP D 230 -15.54 24.98 37.93
N VAL D 231 -14.22 24.86 37.81
CA VAL D 231 -13.36 24.45 38.90
C VAL D 231 -12.10 25.34 38.87
N SER D 232 -11.39 25.42 39.98
CA SER D 232 -10.27 26.33 40.10
C SER D 232 -8.97 25.71 39.60
N GLY D 233 -8.92 25.38 38.32
CA GLY D 233 -7.72 24.80 37.71
C GLY D 233 -7.78 23.28 37.59
N VAL D 234 -6.60 22.66 37.44
CA VAL D 234 -6.51 21.22 37.36
C VAL D 234 -6.26 20.66 38.75
N TYR D 235 -7.07 19.69 39.13
CA TYR D 235 -7.01 19.12 40.47
C TYR D 235 -6.32 17.77 40.46
N THR D 236 -5.93 17.32 41.64
CA THR D 236 -5.24 16.04 41.81
C THR D 236 -6.04 14.88 41.25
N THR D 237 -7.35 15.05 41.19
CA THR D 237 -8.25 14.17 40.44
C THR D 237 -9.56 14.93 40.18
N ASP D 238 -10.54 14.26 39.58
CA ASP D 238 -11.82 14.93 39.31
C ASP D 238 -12.55 15.21 40.63
N PRO D 239 -12.67 16.50 41.00
CA PRO D 239 -13.25 16.91 42.29
C PRO D 239 -14.72 16.54 42.49
N ARG D 240 -15.38 16.11 41.41
CA ARG D 240 -16.76 15.66 41.48
C ARG D 240 -16.87 14.18 41.83
N LEU D 241 -15.75 13.48 41.74
CA LEU D 241 -15.66 12.08 42.14
C LEU D 241 -15.05 11.93 43.52
N VAL D 242 -13.95 12.65 43.75
CA VAL D 242 -13.24 12.63 45.01
C VAL D 242 -13.12 14.07 45.51
N PRO D 243 -14.03 14.47 46.41
CA PRO D 243 -14.16 15.86 46.85
C PRO D 243 -12.96 16.38 47.64
N THR D 244 -12.11 15.49 48.14
CA THR D 244 -10.86 15.92 48.81
C THR D 244 -9.73 16.23 47.82
N ALA D 245 -10.07 16.35 46.54
CA ALA D 245 -9.11 16.67 45.50
C ALA D 245 -8.53 18.07 45.70
N ARG D 246 -7.26 18.23 45.35
CA ARG D 246 -6.55 19.48 45.61
C ARG D 246 -6.14 20.17 44.32
N ARG D 247 -6.23 21.51 44.30
CA ARG D 247 -5.78 22.29 43.17
C ARG D 247 -4.27 22.16 43.01
N ILE D 248 -3.80 21.89 41.79
CA ILE D 248 -2.37 21.85 41.48
C ILE D 248 -2.01 23.20 40.89
N PRO D 249 -1.25 24.03 41.64
CA PRO D 249 -0.92 25.38 41.17
C PRO D 249 -0.17 25.43 39.84
N LYS D 250 0.79 24.53 39.64
CA LYS D 250 1.68 24.56 38.48
C LYS D 250 1.80 23.17 37.88
N LEU D 251 1.71 23.10 36.56
CA LEU D 251 1.85 21.84 35.83
C LEU D 251 2.60 22.08 34.54
N SER D 252 3.37 21.09 34.10
CA SER D 252 4.08 21.18 32.83
C SER D 252 3.17 20.79 31.67
N TYR D 253 3.54 21.20 30.46
CA TYR D 253 2.75 20.90 29.28
C TYR D 253 2.48 19.39 29.17
N ILE D 254 3.54 18.59 29.22
CA ILE D 254 3.42 17.14 29.07
C ILE D 254 2.56 16.48 30.17
N GLU D 255 2.75 16.90 31.42
CA GLU D 255 1.92 16.40 32.52
C GLU D 255 0.44 16.66 32.27
N ALA D 256 0.13 17.89 31.84
CA ALA D 256 -1.25 18.27 31.57
C ALA D 256 -1.81 17.52 30.37
N MET D 257 -1.00 17.43 29.29
CA MET D 257 -1.39 16.70 28.09
C MET D 257 -1.74 15.23 28.37
N GLU D 258 -0.94 14.55 29.18
CA GLU D 258 -1.21 13.16 29.53
C GLU D 258 -2.51 13.01 30.35
N LEU D 259 -2.68 13.88 31.34
CA LEU D 259 -3.89 13.88 32.16
C LEU D 259 -5.14 14.11 31.33
N ALA D 260 -5.10 15.14 30.47
CA ALA D 260 -6.22 15.45 29.59
C ALA D 260 -6.51 14.24 28.72
N TYR D 261 -5.45 13.74 28.07
CA TYR D 261 -5.55 12.61 27.18
C TYR D 261 -6.17 11.42 27.89
N PHE D 262 -5.83 11.27 29.17
CA PHE D 262 -6.28 10.13 29.95
C PHE D 262 -7.49 10.39 30.86
N GLY D 263 -8.23 11.47 30.61
CA GLY D 263 -9.56 11.63 31.20
C GLY D 263 -9.82 12.81 32.10
N ALA D 264 -8.83 13.69 32.29
CA ALA D 264 -9.08 14.93 33.00
C ALA D 264 -9.80 15.91 32.06
N LYS D 265 -11.12 15.81 32.04
CA LYS D 265 -11.96 16.54 31.10
C LYS D 265 -11.73 18.06 31.02
N VAL D 266 -11.25 18.67 32.11
CA VAL D 266 -11.02 20.12 32.20
C VAL D 266 -10.31 20.72 31.01
N LEU D 267 -9.43 19.93 30.41
CA LEU D 267 -8.74 20.32 29.20
C LEU D 267 -8.97 19.28 28.14
N HIS D 268 -9.38 19.70 26.95
CA HIS D 268 -9.34 18.81 25.79
C HIS D 268 -7.88 18.51 25.53
N PRO D 269 -7.57 17.26 25.16
CA PRO D 269 -6.17 16.91 25.03
C PRO D 269 -5.43 17.75 23.98
N ARG D 270 -6.12 18.21 22.95
CA ARG D 270 -5.46 18.95 21.88
C ARG D 270 -5.14 20.40 22.24
N THR D 271 -5.55 20.84 23.43
CA THR D 271 -5.27 22.18 23.90
C THR D 271 -3.79 22.42 24.08
N ILE D 272 -3.07 21.40 24.53
CA ILE D 272 -1.69 21.58 24.95
C ILE D 272 -0.71 21.82 23.79
N GLU D 273 -0.78 20.98 22.76
CA GLU D 273 0.17 21.04 21.63
C GLU D 273 0.47 22.42 21.04
N PRO D 274 -0.56 23.19 20.62
CA PRO D 274 -0.25 24.51 20.05
C PRO D 274 0.43 25.45 21.05
N ALA D 275 -0.04 25.44 22.30
CA ALA D 275 0.53 26.26 23.35
C ALA D 275 1.95 25.82 23.68
N MET D 276 2.14 24.52 23.76
CA MET D 276 3.44 23.94 24.07
C MET D 276 4.48 24.34 23.04
N GLU D 277 4.17 24.20 21.76
CA GLU D 277 5.18 24.39 20.72
C GLU D 277 5.53 25.86 20.46
N LYS D 278 4.76 26.78 21.07
CA LYS D 278 5.12 28.20 21.03
C LYS D 278 5.45 28.79 22.41
N GLY D 279 5.48 27.91 23.41
CA GLY D 279 5.71 28.32 24.78
C GLY D 279 4.69 29.31 25.32
N ILE D 280 3.45 29.25 24.83
CA ILE D 280 2.38 30.11 25.35
C ILE D 280 1.76 29.44 26.60
N PRO D 281 1.85 30.13 27.76
CA PRO D 281 1.32 29.55 28.99
C PRO D 281 -0.19 29.37 28.93
N ILE D 282 -0.71 28.37 29.63
CA ILE D 282 -2.15 28.16 29.75
C ILE D 282 -2.54 28.35 31.22
N LEU D 283 -3.48 29.26 31.45
CA LEU D 283 -3.99 29.53 32.79
C LEU D 283 -5.43 28.99 32.88
N VAL D 284 -5.61 27.97 33.70
CA VAL D 284 -6.95 27.43 33.96
C VAL D 284 -7.55 28.09 35.20
N LYS D 285 -8.74 28.66 35.03
CA LYS D 285 -9.40 29.42 36.07
C LYS D 285 -10.89 29.07 36.21
N ASN D 286 -11.45 29.41 37.37
CA ASN D 286 -12.86 29.13 37.71
C ASN D 286 -13.64 30.39 37.49
N THR D 287 -14.66 30.35 36.65
CA THR D 287 -15.44 31.56 36.41
C THR D 287 -16.31 31.90 37.61
N PHE D 288 -16.61 30.88 38.41
CA PHE D 288 -17.44 31.03 39.61
C PHE D 288 -16.64 31.37 40.86
N GLU D 289 -15.31 31.35 40.73
CA GLU D 289 -14.41 31.76 41.81
C GLU D 289 -13.19 32.44 41.18
N PRO D 290 -13.41 33.59 40.53
CA PRO D 290 -12.40 34.24 39.68
C PRO D 290 -11.17 34.78 40.40
N GLU D 291 -11.15 34.73 41.72
CA GLU D 291 -10.01 35.19 42.50
C GLU D 291 -8.95 34.12 42.70
N SER D 292 -9.29 32.85 42.51
CA SER D 292 -8.35 31.75 42.67
C SER D 292 -7.22 31.80 41.65
N GLU D 293 -6.02 31.42 42.11
CA GLU D 293 -4.81 31.41 41.29
C GLU D 293 -4.88 30.35 40.19
N GLY D 294 -5.65 29.30 40.45
CA GLY D 294 -5.90 28.25 39.46
C GLY D 294 -4.68 27.41 39.18
N THR D 295 -4.52 27.00 37.92
CA THR D 295 -3.37 26.19 37.49
C THR D 295 -2.65 26.86 36.33
N LEU D 296 -1.34 27.05 36.47
CA LEU D 296 -0.51 27.59 35.39
C LEU D 296 0.24 26.46 34.68
N ILE D 297 0.05 26.37 33.37
CA ILE D 297 0.71 25.34 32.59
C ILE D 297 1.77 25.97 31.69
N THR D 298 3.03 25.60 31.96
CA THR D 298 4.21 26.14 31.27
C THR D 298 5.22 25.03 31.02
N ASN D 299 6.45 25.42 30.68
CA ASN D 299 7.55 24.48 30.46
C ASN D 299 8.16 23.92 31.71
N ASP D 300 8.01 24.65 32.82
CA ASP D 300 8.66 24.32 34.08
C ASP D 300 8.21 22.95 34.57
N MET D 301 9.16 22.19 35.10
CA MET D 301 8.87 20.87 35.63
C MET D 301 9.53 20.65 36.99
N GLU D 302 8.71 20.36 37.99
CA GLU D 302 9.17 20.04 39.32
C GLU D 302 8.64 18.67 39.74
N MET D 303 9.54 17.77 40.15
CA MET D 303 9.11 16.50 40.73
C MET D 303 8.47 16.70 42.09
N SER D 304 7.44 15.92 42.38
CA SER D 304 6.82 15.90 43.70
C SER D 304 7.50 14.84 44.57
N ASP D 305 7.35 14.94 45.88
CA ASP D 305 7.94 13.96 46.79
C ASP D 305 7.39 12.56 46.50
N SER D 306 6.06 12.44 46.52
CA SER D 306 5.41 11.15 46.32
C SER D 306 5.29 10.77 44.84
N ILE D 307 5.71 11.71 43.97
CA ILE D 307 5.90 11.47 42.54
C ILE D 307 4.60 11.55 41.73
N VAL D 308 3.63 10.71 42.07
CA VAL D 308 2.29 10.81 41.51
C VAL D 308 1.68 12.14 41.92
N LYS D 309 1.31 12.95 40.93
CA LYS D 309 0.77 14.28 41.20
C LYS D 309 -0.73 14.33 40.96
N ALA D 310 -1.22 13.42 40.13
CA ALA D 310 -2.63 13.42 39.76
C ALA D 310 -3.14 12.09 39.20
N ILE D 311 -4.46 11.90 39.25
CA ILE D 311 -5.07 10.65 38.79
C ILE D 311 -6.25 10.94 37.87
N SER D 312 -6.27 10.35 36.68
CA SER D 312 -7.37 10.52 35.76
C SER D 312 -7.96 9.18 35.34
N THR D 313 -9.20 9.19 34.91
CA THR D 313 -9.88 7.97 34.48
C THR D 313 -10.68 8.20 33.21
N ILE D 314 -10.83 7.15 32.42
CA ILE D 314 -11.77 7.16 31.31
C ILE D 314 -12.66 5.96 31.49
N LYS D 315 -13.95 6.23 31.62
CA LYS D 315 -14.96 5.23 31.88
C LYS D 315 -15.41 4.57 30.57
N ASN D 316 -15.53 5.38 29.52
CA ASN D 316 -16.07 4.95 28.23
C ASN D 316 -15.09 4.22 27.33
N VAL D 317 -14.51 3.14 27.83
CA VAL D 317 -13.55 2.36 27.05
C VAL D 317 -13.88 0.86 27.08
N ALA D 318 -13.30 0.13 26.14
CA ALA D 318 -13.41 -1.33 26.16
C ALA D 318 -12.03 -1.97 26.06
N LEU D 319 -11.88 -3.13 26.70
CA LEU D 319 -10.66 -3.92 26.59
C LEU D 319 -10.87 -4.94 25.50
N ILE D 320 -10.02 -4.90 24.48
CA ILE D 320 -10.08 -5.87 23.41
C ILE D 320 -8.83 -6.75 23.46
N ASN D 321 -9.03 -8.05 23.64
CA ASN D 321 -7.94 -8.99 23.63
C ASN D 321 -7.98 -9.81 22.37
N ILE D 322 -6.98 -9.62 21.53
CA ILE D 322 -6.85 -10.40 20.31
C ILE D 322 -5.95 -11.58 20.63
N PHE D 323 -6.47 -12.77 20.35
CA PHE D 323 -5.74 -14.01 20.59
C PHE D 323 -5.01 -14.43 19.32
N GLY D 324 -3.68 -14.47 19.38
CA GLY D 324 -2.88 -14.87 18.22
C GLY D 324 -2.88 -16.37 17.98
N ALA D 325 -2.36 -16.79 16.82
CA ALA D 325 -2.35 -18.20 16.42
C ALA D 325 -1.01 -18.89 16.69
N GLY D 326 -0.26 -18.41 17.68
CA GLY D 326 1.02 -19.01 18.06
C GLY D 326 2.21 -18.14 17.67
N MET D 327 3.31 -18.80 17.33
CA MET D 327 4.58 -18.12 17.05
C MET D 327 4.61 -17.63 15.62
N VAL D 328 3.77 -16.65 15.31
CA VAL D 328 3.49 -16.27 13.92
C VAL D 328 4.12 -14.92 13.53
N GLY D 329 4.90 -14.36 14.44
CA GLY D 329 5.63 -13.11 14.23
C GLY D 329 4.83 -11.91 14.70
N VAL D 330 5.26 -11.30 15.80
CA VAL D 330 4.45 -10.23 16.39
C VAL D 330 4.35 -8.97 15.53
N SER D 331 5.45 -8.51 14.94
CA SER D 331 5.37 -7.28 14.10
C SER D 331 4.57 -7.45 12.81
N GLY D 332 4.59 -8.65 12.23
CA GLY D 332 3.82 -8.94 11.05
C GLY D 332 2.32 -8.94 11.31
N THR D 333 1.90 -9.55 12.41
CA THR D 333 0.47 -9.61 12.72
C THR D 333 -0.01 -8.29 13.32
N ALA D 334 0.88 -7.57 14.00
CA ALA D 334 0.54 -6.24 14.50
C ALA D 334 0.37 -5.25 13.34
N ALA D 335 1.13 -5.45 12.27
CA ALA D 335 1.01 -4.61 11.09
C ALA D 335 -0.39 -4.72 10.50
N ARG D 336 -0.91 -5.95 10.45
CA ARG D 336 -2.23 -6.20 9.91
C ARG D 336 -3.36 -5.79 10.86
N ILE D 337 -3.17 -6.01 12.16
CA ILE D 337 -4.16 -5.59 13.15
C ILE D 337 -4.39 -4.08 13.10
N PHE D 338 -3.32 -3.30 13.15
CA PHE D 338 -3.43 -1.84 13.21
C PHE D 338 -3.75 -1.21 11.86
N LYS D 339 -3.40 -1.87 10.75
CA LYS D 339 -3.84 -1.42 9.44
C LYS D 339 -5.37 -1.42 9.40
N ALA D 340 -5.96 -2.55 9.78
CA ALA D 340 -7.40 -2.74 9.78
C ALA D 340 -8.10 -1.76 10.72
N LEU D 341 -7.59 -1.63 11.95
CA LEU D 341 -8.14 -0.71 12.92
C LEU D 341 -7.98 0.74 12.46
N GLY D 342 -6.83 1.05 11.86
CA GLY D 342 -6.54 2.40 11.38
C GLY D 342 -7.43 2.80 10.21
N GLU D 343 -7.69 1.85 9.33
CA GLU D 343 -8.60 2.06 8.20
C GLU D 343 -9.99 2.42 8.68
N GLU D 344 -10.45 1.73 9.72
CA GLU D 344 -11.79 1.91 10.26
C GLU D 344 -11.85 3.12 11.22
N GLU D 345 -10.72 3.81 11.35
CA GLU D 345 -10.57 4.99 12.21
C GLU D 345 -10.85 4.70 13.68
N VAL D 346 -10.58 3.45 14.08
CA VAL D 346 -10.74 3.03 15.46
C VAL D 346 -9.68 3.71 16.31
N ASN D 347 -10.12 4.31 17.41
CA ASN D 347 -9.23 5.00 18.31
C ASN D 347 -8.70 4.10 19.44
N VAL D 348 -7.43 3.70 19.34
CA VAL D 348 -6.82 2.89 20.40
C VAL D 348 -6.04 3.72 21.42
N ILE D 349 -6.33 3.49 22.69
CA ILE D 349 -5.80 4.31 23.79
C ILE D 349 -4.54 3.69 24.41
N LEU D 350 -4.45 2.37 24.33
CA LEU D 350 -3.44 1.60 25.05
C LEU D 350 -3.11 0.29 24.31
N ILE D 351 -1.82 -0.04 24.25
CA ILE D 351 -1.38 -1.31 23.66
C ILE D 351 -0.44 -2.02 24.62
N SER D 352 -0.58 -3.34 24.70
CA SER D 352 0.40 -4.17 25.39
C SER D 352 0.50 -5.52 24.68
N GLN D 353 1.73 -5.98 24.48
CA GLN D 353 2.00 -7.31 23.90
C GLN D 353 3.24 -7.91 24.55
N GLY D 354 3.06 -9.11 25.08
CA GLY D 354 4.11 -9.84 25.78
C GLY D 354 3.59 -11.24 25.96
N SER D 355 3.66 -12.02 24.88
CA SER D 355 2.96 -13.28 24.78
C SER D 355 3.55 -14.14 23.66
N SER D 356 3.91 -15.37 23.99
CA SER D 356 4.41 -16.34 23.03
C SER D 356 3.36 -16.71 21.98
N GLU D 357 2.10 -16.45 22.27
CA GLU D 357 1.02 -16.80 21.35
C GLU D 357 0.71 -15.68 20.36
N THR D 358 1.43 -14.57 20.48
CA THR D 358 1.20 -13.37 19.67
C THR D 358 -0.13 -12.70 20.00
N ASN D 359 -0.61 -12.90 21.22
CA ASN D 359 -1.75 -12.17 21.76
C ASN D 359 -1.38 -10.71 21.91
N ILE D 360 -2.37 -9.85 21.84
CA ILE D 360 -2.17 -8.43 22.08
C ILE D 360 -3.38 -7.89 22.84
N SER D 361 -3.15 -6.92 23.73
CA SER D 361 -4.21 -6.27 24.45
C SER D 361 -4.34 -4.83 23.99
N LEU D 362 -5.57 -4.42 23.69
CA LEU D 362 -5.85 -3.03 23.30
C LEU D 362 -6.97 -2.43 24.13
N VAL D 363 -6.91 -1.12 24.34
CA VAL D 363 -8.02 -0.37 24.89
C VAL D 363 -8.53 0.57 23.83
N VAL D 364 -9.82 0.45 23.50
CA VAL D 364 -10.44 1.32 22.51
C VAL D 364 -11.62 2.09 23.10
N SER D 365 -12.19 3.01 22.32
CA SER D 365 -13.17 3.98 22.81
C SER D 365 -14.58 3.50 23.14
N GLU D 366 -14.78 2.18 23.19
CA GLU D 366 -16.08 1.59 23.55
C GLU D 366 -17.15 1.73 22.48
N GLU D 367 -17.38 2.95 21.99
CA GLU D 367 -18.29 3.09 20.86
C GLU D 367 -17.67 2.54 19.56
N ASP D 368 -16.36 2.33 19.57
CA ASP D 368 -15.59 1.85 18.43
C ASP D 368 -15.45 0.32 18.38
N VAL D 369 -15.99 -0.37 19.38
CA VAL D 369 -15.93 -1.82 19.40
C VAL D 369 -16.47 -2.49 18.12
N ASP D 370 -17.64 -2.07 17.66
CA ASP D 370 -18.26 -2.67 16.46
C ASP D 370 -17.44 -2.45 15.18
N LYS D 371 -16.96 -1.22 14.99
CA LYS D 371 -16.05 -0.88 13.90
C LYS D 371 -14.78 -1.74 13.98
N ALA D 372 -14.30 -1.97 15.20
CA ALA D 372 -13.07 -2.74 15.41
C ALA D 372 -13.22 -4.20 15.03
N LEU D 373 -14.32 -4.81 15.45
CA LEU D 373 -14.55 -6.23 15.14
C LEU D 373 -14.82 -6.41 13.65
N LYS D 374 -15.57 -5.50 13.07
CA LYS D 374 -15.88 -5.50 11.65
C LYS D 374 -14.59 -5.39 10.83
N ALA D 375 -13.67 -4.54 11.28
CA ALA D 375 -12.37 -4.35 10.62
C ALA D 375 -11.46 -5.58 10.71
N LEU D 376 -11.45 -6.22 11.88
CA LEU D 376 -10.62 -7.39 12.13
C LEU D 376 -11.15 -8.58 11.36
N LYS D 377 -12.48 -8.72 11.29
CA LYS D 377 -13.10 -9.79 10.51
C LYS D 377 -12.82 -9.63 9.01
N ARG D 378 -12.87 -8.39 8.52
CA ARG D 378 -12.55 -8.11 7.13
C ARG D 378 -11.09 -8.44 6.80
N GLU D 379 -10.18 -8.17 7.73
CA GLU D 379 -8.74 -8.37 7.51
C GLU D 379 -8.30 -9.83 7.59
N PHE D 380 -8.85 -10.58 8.54
CA PHE D 380 -8.39 -11.94 8.81
C PHE D 380 -9.34 -13.06 8.36
N GLY D 381 -10.59 -12.71 8.07
CA GLY D 381 -11.59 -13.69 7.62
C GLY D 381 -12.03 -14.66 8.69
N ASP D 382 -11.95 -15.96 8.38
CA ASP D 382 -12.24 -17.04 9.34
C ASP D 382 -11.21 -18.18 9.23
N PHE D 388 -1.02 -25.04 13.45
CA PHE D 388 0.34 -24.48 13.50
C PHE D 388 1.11 -24.64 12.17
N LEU D 389 0.74 -25.65 11.38
CA LEU D 389 1.17 -25.78 9.99
C LEU D 389 0.34 -24.83 9.14
N ASN D 390 -0.76 -24.36 9.74
CA ASN D 390 -1.65 -23.37 9.16
C ASN D 390 -0.95 -22.02 8.98
N ASN D 391 -1.45 -21.22 8.05
CA ASN D 391 -0.87 -19.91 7.76
C ASN D 391 -1.53 -18.77 8.56
N ASN D 392 -2.65 -19.09 9.22
CA ASN D 392 -3.46 -18.12 9.95
C ASN D 392 -2.69 -17.38 11.06
N LEU D 393 -3.02 -16.09 11.23
CA LEU D 393 -2.35 -15.24 12.21
C LEU D 393 -3.13 -15.02 13.53
N ILE D 394 -4.45 -14.94 13.43
CA ILE D 394 -5.35 -14.70 14.57
C ILE D 394 -6.18 -15.94 14.85
N ARG D 395 -6.53 -16.14 16.12
CA ARG D 395 -7.24 -17.34 16.56
C ARG D 395 -8.68 -17.02 16.99
N ASP D 396 -8.85 -15.86 17.63
CA ASP D 396 -10.10 -15.44 18.26
C ASP D 396 -9.94 -14.01 18.76
N VAL D 397 -11.01 -13.39 19.25
CA VAL D 397 -10.95 -12.06 19.84
C VAL D 397 -12.07 -11.82 20.83
N SER D 398 -11.74 -11.48 22.07
CA SER D 398 -12.76 -11.16 23.08
C SER D 398 -12.81 -9.68 23.47
N VAL D 399 -14.00 -9.20 23.80
CA VAL D 399 -14.19 -7.82 24.28
C VAL D 399 -14.77 -7.81 25.68
N ASP D 400 -14.33 -6.84 26.47
CA ASP D 400 -14.89 -6.57 27.80
C ASP D 400 -15.14 -5.08 27.86
N LYS D 401 -16.41 -4.70 27.90
CA LYS D 401 -16.82 -3.29 27.89
C LYS D 401 -16.95 -2.72 29.31
N ASP D 402 -17.11 -3.59 30.30
CA ASP D 402 -17.28 -3.19 31.71
C ASP D 402 -15.94 -2.99 32.38
N VAL D 403 -15.21 -2.00 31.88
CA VAL D 403 -13.82 -1.84 32.16
C VAL D 403 -13.51 -0.34 32.08
N CYS D 404 -12.44 0.09 32.77
CA CYS D 404 -11.98 1.48 32.67
C CYS D 404 -10.45 1.57 32.66
N VAL D 405 -9.94 2.74 32.26
CA VAL D 405 -8.51 3.01 32.29
C VAL D 405 -8.25 4.04 33.37
N ILE D 406 -7.40 3.68 34.33
CA ILE D 406 -6.89 4.63 35.30
C ILE D 406 -5.48 5.00 34.91
N SER D 407 -5.19 6.30 34.89
CA SER D 407 -3.85 6.78 34.68
C SER D 407 -3.37 7.56 35.88
N VAL D 408 -2.06 7.51 36.09
CA VAL D 408 -1.40 8.22 37.15
C VAL D 408 -0.28 9.04 36.50
N VAL D 409 -0.25 10.35 36.76
CA VAL D 409 0.65 11.26 36.06
C VAL D 409 1.53 12.04 37.06
N GLY D 410 2.82 12.14 36.74
CA GLY D 410 3.78 12.89 37.55
C GLY D 410 5.17 13.03 36.93
N ALA D 411 5.80 14.16 37.19
CA ALA D 411 7.07 14.59 36.59
C ALA D 411 8.16 13.56 36.32
N GLY D 412 8.49 12.73 37.30
CA GLY D 412 9.61 11.81 37.09
C GLY D 412 9.23 10.35 37.05
N MET D 413 8.00 10.09 36.59
CA MET D 413 7.36 8.78 36.70
C MET D 413 8.17 7.58 36.20
N ARG D 414 8.56 7.62 34.92
CA ARG D 414 9.27 6.51 34.29
C ARG D 414 10.57 6.22 35.04
N GLY D 415 11.28 7.30 35.38
CA GLY D 415 12.56 7.18 36.05
C GLY D 415 12.56 6.86 37.54
N ALA D 416 11.41 7.04 38.19
CA ALA D 416 11.31 6.94 39.66
C ALA D 416 11.31 5.49 40.17
N LYS D 417 12.36 5.16 40.90
CA LYS D 417 12.56 3.82 41.44
C LYS D 417 11.46 3.49 42.44
N GLY D 418 10.82 2.33 42.27
CA GLY D 418 9.87 1.83 43.24
C GLY D 418 8.43 2.28 43.12
N ILE D 419 8.14 3.19 42.19
CA ILE D 419 6.81 3.79 42.13
C ILE D 419 5.75 2.84 41.56
N ALA D 420 6.15 2.00 40.62
CA ALA D 420 5.24 1.03 40.04
C ALA D 420 4.69 0.12 41.12
N GLY D 421 5.58 -0.45 41.93
CA GLY D 421 5.18 -1.31 43.02
C GLY D 421 4.24 -0.67 44.01
N LYS D 422 4.51 0.59 44.37
CA LYS D 422 3.63 1.35 45.24
C LYS D 422 2.26 1.50 44.60
N ILE D 423 2.24 2.01 43.37
CA ILE D 423 0.98 2.15 42.63
C ILE D 423 0.16 0.87 42.60
N PHE D 424 0.80 -0.25 42.28
CA PHE D 424 0.08 -1.49 42.07
C PHE D 424 -0.34 -2.20 43.35
N THR D 425 0.49 -2.15 44.40
CA THR D 425 0.05 -2.68 45.71
C THR D 425 -1.18 -1.87 46.14
N ALA D 426 -1.12 -0.56 45.91
CA ALA D 426 -2.24 0.30 46.25
C ALA D 426 -3.49 -0.13 45.50
N VAL D 427 -3.34 -0.38 44.19
CA VAL D 427 -4.47 -0.77 43.35
C VAL D 427 -5.11 -2.05 43.90
N SER D 428 -4.26 -3.00 44.21
CA SER D 428 -4.66 -4.27 44.80
C SER D 428 -5.46 -4.07 46.10
N GLU D 429 -4.89 -3.28 47.01
CA GLU D 429 -5.51 -3.02 48.32
C GLU D 429 -6.87 -2.34 48.21
N SER D 430 -7.13 -1.69 47.07
CA SER D 430 -8.43 -1.08 46.80
C SER D 430 -9.49 -2.11 46.44
N GLY D 431 -9.07 -3.34 46.18
CA GLY D 431 -9.99 -4.40 45.77
C GLY D 431 -10.14 -4.51 44.26
N ALA D 432 -9.25 -3.86 43.52
CA ALA D 432 -9.27 -3.91 42.06
C ALA D 432 -8.35 -5.00 41.51
N ASN D 433 -8.78 -5.59 40.39
CA ASN D 433 -8.02 -6.61 39.68
C ASN D 433 -7.47 -6.08 38.36
N ILE D 434 -6.15 -6.05 38.21
CA ILE D 434 -5.53 -5.39 37.06
C ILE D 434 -5.53 -6.24 35.79
N LYS D 435 -6.15 -5.73 34.73
CA LYS D 435 -6.31 -6.49 33.48
C LYS D 435 -5.24 -6.16 32.43
N MET D 436 -4.55 -5.04 32.61
CA MET D 436 -3.59 -4.54 31.63
C MET D 436 -2.75 -3.46 32.29
N ILE D 437 -1.47 -3.41 31.95
CA ILE D 437 -0.58 -2.33 32.40
C ILE D 437 0.21 -1.77 31.21
N ALA D 438 0.26 -0.44 31.12
CA ALA D 438 1.14 0.23 30.18
C ALA D 438 2.12 1.13 30.92
N GLN D 439 3.41 0.85 30.76
CA GLN D 439 4.48 1.69 31.30
C GLN D 439 5.69 1.61 30.38
N GLY D 440 6.33 2.75 30.15
CA GLY D 440 7.51 2.78 29.30
C GLY D 440 7.49 3.80 28.18
N SER D 441 6.33 4.02 27.59
CA SER D 441 6.21 4.92 26.44
C SER D 441 6.04 6.38 26.84
N SER D 442 5.84 6.62 28.13
CA SER D 442 5.65 7.98 28.63
C SER D 442 6.60 8.33 29.76
N GLU D 443 7.13 9.54 29.70
CA GLU D 443 8.00 10.07 30.74
C GLU D 443 7.27 10.23 32.08
N VAL D 444 5.97 10.56 32.00
CA VAL D 444 5.21 10.99 33.17
C VAL D 444 3.95 10.17 33.52
N ASN D 445 3.69 9.12 32.76
CA ASN D 445 2.42 8.41 32.88
C ASN D 445 2.55 6.90 33.06
N ILE D 446 1.71 6.37 33.94
CA ILE D 446 1.46 4.93 34.03
C ILE D 446 -0.04 4.70 33.98
N SER D 447 -0.49 3.91 33.00
CA SER D 447 -1.90 3.58 32.85
C SER D 447 -2.13 2.10 33.06
N PHE D 448 -3.29 1.76 33.60
CA PHE D 448 -3.68 0.37 33.78
C PHE D 448 -5.18 0.23 33.63
N VAL D 449 -5.64 -1.00 33.44
CA VAL D 449 -7.05 -1.29 33.24
C VAL D 449 -7.60 -2.13 34.39
N ILE D 450 -8.75 -1.73 34.93
CA ILE D 450 -9.47 -2.51 35.93
C ILE D 450 -10.94 -2.59 35.56
N ASP D 451 -11.71 -3.38 36.33
CA ASP D 451 -13.16 -3.44 36.15
C ASP D 451 -13.82 -2.09 36.42
N GLU D 452 -14.86 -1.79 35.66
CA GLU D 452 -15.57 -0.51 35.79
C GLU D 452 -16.10 -0.27 37.21
N LYS D 453 -16.57 -1.34 37.85
CA LYS D 453 -17.13 -1.28 39.19
C LYS D 453 -16.14 -0.86 40.27
N ASP D 454 -14.85 -1.07 40.04
CA ASP D 454 -13.83 -0.73 41.05
C ASP D 454 -13.20 0.64 40.86
N LEU D 455 -13.69 1.41 39.89
CA LEU D 455 -13.12 2.72 39.54
C LEU D 455 -13.05 3.64 40.77
N LEU D 456 -14.20 3.96 41.34
CA LEU D 456 -14.29 4.87 42.49
C LEU D 456 -13.36 4.48 43.62
N ASN D 457 -13.46 3.23 44.06
CA ASN D 457 -12.63 2.73 45.15
C ASN D 457 -11.13 2.81 44.85
N CYS D 458 -10.75 2.48 43.62
CA CYS D 458 -9.35 2.53 43.20
C CYS D 458 -8.79 3.95 43.22
N VAL D 459 -9.50 4.89 42.60
CA VAL D 459 -9.11 6.31 42.59
C VAL D 459 -8.96 6.86 44.01
N ARG D 460 -9.91 6.53 44.90
CA ARG D 460 -9.84 6.96 46.29
C ARG D 460 -8.57 6.49 46.98
N LYS D 461 -8.28 5.19 46.88
CA LYS D 461 -7.09 4.61 47.50
C LYS D 461 -5.81 5.24 46.98
N LEU D 462 -5.73 5.37 45.66
CA LEU D 462 -4.62 6.06 45.00
C LEU D 462 -4.48 7.51 45.49
N HIS D 463 -5.59 8.21 45.59
CA HIS D 463 -5.59 9.60 46.07
C HIS D 463 -5.12 9.69 47.52
N GLU D 464 -5.67 8.82 48.37
CA GLU D 464 -5.23 8.71 49.77
C GLU D 464 -3.72 8.51 49.90
N LYS D 465 -3.18 7.46 49.27
CA LYS D 465 -1.77 7.15 49.41
C LYS D 465 -0.81 8.23 48.90
N PHE D 466 -1.11 8.81 47.74
CA PHE D 466 -0.16 9.73 47.10
C PHE D 466 -0.38 11.22 47.35
N ILE D 467 -1.61 11.61 47.62
CA ILE D 467 -1.91 13.03 47.70
C ILE D 467 -2.19 13.53 49.12
N GLU D 468 -2.97 12.75 49.86
CA GLU D 468 -3.41 13.11 51.20
C GLU D 468 -2.43 12.65 52.30
N LYS D 469 -1.98 11.40 52.20
CA LYS D 469 -1.08 10.77 53.18
C LYS D 469 -1.64 10.75 54.60
#